data_5R4O
# 
_entry.id   5R4O 
# 
_audit_conform.dict_name       mmcif_pdbx.dic 
_audit_conform.dict_version    5.387 
_audit_conform.dict_location   http://mmcif.pdb.org/dictionaries/ascii/mmcif_pdbx.dic 
# 
loop_
_database_2.database_id 
_database_2.database_code 
_database_2.pdbx_database_accession 
_database_2.pdbx_DOI 
PDB   5R4O         pdb_00005r4o 10.2210/pdb5r4o/pdb 
WWPDB D_1001402765 ?            ?                   
# 
loop_
_pdbx_audit_revision_history.ordinal 
_pdbx_audit_revision_history.data_content_type 
_pdbx_audit_revision_history.major_revision 
_pdbx_audit_revision_history.minor_revision 
_pdbx_audit_revision_history.revision_date 
1 'Structure model' 1 0 2020-04-01 
2 'Structure model' 1 1 2024-03-06 
# 
_pdbx_audit_revision_details.ordinal             1 
_pdbx_audit_revision_details.revision_ordinal    1 
_pdbx_audit_revision_details.data_content_type   'Structure model' 
_pdbx_audit_revision_details.provider            repository 
_pdbx_audit_revision_details.type                'Initial release' 
_pdbx_audit_revision_details.description         ? 
_pdbx_audit_revision_details.details             ? 
# 
loop_
_pdbx_audit_revision_group.ordinal 
_pdbx_audit_revision_group.revision_ordinal 
_pdbx_audit_revision_group.data_content_type 
_pdbx_audit_revision_group.group 
1 2 'Structure model' 'Data collection'     
2 2 'Structure model' 'Database references' 
# 
loop_
_pdbx_audit_revision_category.ordinal 
_pdbx_audit_revision_category.revision_ordinal 
_pdbx_audit_revision_category.data_content_type 
_pdbx_audit_revision_category.category 
1 2 'Structure model' chem_comp_atom 
2 2 'Structure model' chem_comp_bond 
3 2 'Structure model' database_2     
# 
loop_
_pdbx_audit_revision_item.ordinal 
_pdbx_audit_revision_item.revision_ordinal 
_pdbx_audit_revision_item.data_content_type 
_pdbx_audit_revision_item.item 
1 2 'Structure model' '_database_2.pdbx_DOI'                
2 2 'Structure model' '_database_2.pdbx_database_accession' 
# 
_pdbx_database_status.entry_id                        5R4O 
_pdbx_database_status.status_code                     REL 
_pdbx_database_status.status_code_sf                  REL 
_pdbx_database_status.status_code_mr                  ? 
_pdbx_database_status.status_code_cs                  ? 
_pdbx_database_status.recvd_initial_deposition_date   2020-02-25 
_pdbx_database_status.deposit_site                    RCSB 
_pdbx_database_status.process_site                    RCSB 
_pdbx_database_status.SG_entry                        ? 
_pdbx_database_status.pdb_format_compatible           Y 
_pdbx_database_status.methods_development_category    ? 
_pdbx_database_status.status_code_nmr_data            ? 
# 
loop_
_audit_author.name 
_audit_author.pdbx_ordinal 
_audit_author.identifier_ORCID 
'Talon, R.'        1  ? 
'Krojer, T.'       2  ? 
'Fairhead, M.'     3  ? 
'Sethi, R.'        4  ? 
'Bradley, A.R.'    5  ? 
'Aimon, A.'        6  ? 
'Collins, P.'      7  ? 
'Brandao-Neto, J.' 8  ? 
'Douangamath, A.'  9  ? 
'Wright, N.'       10 ? 
'MacLean, E.'      11 ? 
'Renjie, Z.'       12 ? 
'Dias, A.'         13 ? 
'Brennan, P.E.'    14 ? 
'Bountra, C.'      15 ? 
'Arrowsmith, C.H.' 16 ? 
'Edwards, A.'      17 ? 
'von Delft, F.'    18 ? 
# 
_citation.id                        primary 
_citation.title                     'PanDDA analysis group deposition of ground-state model' 
_citation.journal_abbrev            'To Be Published' 
_citation.journal_volume            ? 
_citation.page_first                ? 
_citation.page_last                 ? 
_citation.year                      ? 
_citation.journal_id_ASTM           ? 
_citation.country                   ? 
_citation.journal_id_ISSN           ? 
_citation.journal_id_CSD            0353 
_citation.book_publisher            ? 
_citation.pdbx_database_id_PubMed   ? 
_citation.pdbx_database_id_DOI      ? 
# 
loop_
_citation_author.citation_id 
_citation_author.name 
_citation_author.identifier_ORCID 
_citation_author.ordinal 
primary 'Talon, R.'        ? 1  
primary 'Krojer, T.'       ? 2  
primary 'Fairhead, M.'     ? 3  
primary 'Sethi, R.'        ? 4  
primary 'Bradley, A.R.'    ? 5  
primary 'Aimon, A.'        ? 6  
primary 'Collins, P.'      ? 7  
primary 'Brandao-Neto, J.' ? 8  
primary 'Douangamath, A.'  ? 9  
primary 'Wright, N.'       ? 10 
primary 'MacLean, E.'      ? 11 
primary 'Renjie, Z.'       ? 12 
primary 'Dias, A.'         ? 13 
primary 'Brennan, P.E.'    ? 14 
primary 'Bountra, C.'      ? 15 
primary 'Arrowsmith, C.H.' ? 16 
primary 'Edwards, A.'      ? 17 
primary 'von Delft, F.'    ? 18 
# 
loop_
_entity.id 
_entity.type 
_entity.src_method 
_entity.pdbx_description 
_entity.formula_weight 
_entity.pdbx_number_of_molecules 
_entity.pdbx_ec 
_entity.pdbx_mutation 
_entity.pdbx_fragment 
_entity.details 
1 polymer     man 'Nucleosome-remodeling factor subunit BPTF' 14455.415 1   ? ? ? ? 
2 non-polymer syn 'DIMETHYL SULFOXIDE'                        78.133    2   ? ? ? ? 
3 non-polymer syn 2-AMINO-2-HYDROXYMETHYL-PROPANE-1,3-DIOL    122.143   1   ? ? ? ? 
4 water       nat water                                       18.015    154 ? ? ? ? 
# 
_entity_name_com.entity_id   1 
_entity_name_com.name        
'Bromodomain and PHD finger-containing transcription factor,Fetal Alz-50 clone 1 protein,Fetal Alzheimer antigen' 
# 
_entity_poly.entity_id                      1 
_entity_poly.type                           'polypeptide(L)' 
_entity_poly.nstd_linkage                   no 
_entity_poly.nstd_monomer                   no 
_entity_poly.pdbx_seq_one_letter_code       
;SMSTEDAMTVLTPLTEKDYEGLKRVLRSLQAHKMAWPFLEPVDPNDAPDYYGVIKEPMDLATMEERVQRRYYEKLTEFVA
DMTKIFDNCRYYNPSDSPFYQCAEVLESFFVQKLKGFKASRSH
;
_entity_poly.pdbx_seq_one_letter_code_can   
;SMSTEDAMTVLTPLTEKDYEGLKRVLRSLQAHKMAWPFLEPVDPNDAPDYYGVIKEPMDLATMEERVQRRYYEKLTEFVA
DMTKIFDNCRYYNPSDSPFYQCAEVLESFFVQKLKGFKASRSH
;
_entity_poly.pdbx_strand_id                 A 
_entity_poly.pdbx_target_identifier         ? 
# 
loop_
_pdbx_entity_nonpoly.entity_id 
_pdbx_entity_nonpoly.name 
_pdbx_entity_nonpoly.comp_id 
2 'DIMETHYL SULFOXIDE'                     DMS 
3 2-AMINO-2-HYDROXYMETHYL-PROPANE-1,3-DIOL TRS 
4 water                                    HOH 
# 
loop_
_entity_poly_seq.entity_id 
_entity_poly_seq.num 
_entity_poly_seq.mon_id 
_entity_poly_seq.hetero 
1 1   SER n 
1 2   MET n 
1 3   SER n 
1 4   THR n 
1 5   GLU n 
1 6   ASP n 
1 7   ALA n 
1 8   MET n 
1 9   THR n 
1 10  VAL n 
1 11  LEU n 
1 12  THR n 
1 13  PRO n 
1 14  LEU n 
1 15  THR n 
1 16  GLU n 
1 17  LYS n 
1 18  ASP n 
1 19  TYR n 
1 20  GLU n 
1 21  GLY n 
1 22  LEU n 
1 23  LYS n 
1 24  ARG n 
1 25  VAL n 
1 26  LEU n 
1 27  ARG n 
1 28  SER n 
1 29  LEU n 
1 30  GLN n 
1 31  ALA n 
1 32  HIS n 
1 33  LYS n 
1 34  MET n 
1 35  ALA n 
1 36  TRP n 
1 37  PRO n 
1 38  PHE n 
1 39  LEU n 
1 40  GLU n 
1 41  PRO n 
1 42  VAL n 
1 43  ASP n 
1 44  PRO n 
1 45  ASN n 
1 46  ASP n 
1 47  ALA n 
1 48  PRO n 
1 49  ASP n 
1 50  TYR n 
1 51  TYR n 
1 52  GLY n 
1 53  VAL n 
1 54  ILE n 
1 55  LYS n 
1 56  GLU n 
1 57  PRO n 
1 58  MET n 
1 59  ASP n 
1 60  LEU n 
1 61  ALA n 
1 62  THR n 
1 63  MET n 
1 64  GLU n 
1 65  GLU n 
1 66  ARG n 
1 67  VAL n 
1 68  GLN n 
1 69  ARG n 
1 70  ARG n 
1 71  TYR n 
1 72  TYR n 
1 73  GLU n 
1 74  LYS n 
1 75  LEU n 
1 76  THR n 
1 77  GLU n 
1 78  PHE n 
1 79  VAL n 
1 80  ALA n 
1 81  ASP n 
1 82  MET n 
1 83  THR n 
1 84  LYS n 
1 85  ILE n 
1 86  PHE n 
1 87  ASP n 
1 88  ASN n 
1 89  CYS n 
1 90  ARG n 
1 91  TYR n 
1 92  TYR n 
1 93  ASN n 
1 94  PRO n 
1 95  SER n 
1 96  ASP n 
1 97  SER n 
1 98  PRO n 
1 99  PHE n 
1 100 TYR n 
1 101 GLN n 
1 102 CYS n 
1 103 ALA n 
1 104 GLU n 
1 105 VAL n 
1 106 LEU n 
1 107 GLU n 
1 108 SER n 
1 109 PHE n 
1 110 PHE n 
1 111 VAL n 
1 112 GLN n 
1 113 LYS n 
1 114 LEU n 
1 115 LYS n 
1 116 GLY n 
1 117 PHE n 
1 118 LYS n 
1 119 ALA n 
1 120 SER n 
1 121 ARG n 
1 122 SER n 
1 123 HIS n 
# 
_entity_src_gen.entity_id                          1 
_entity_src_gen.pdbx_src_id                        1 
_entity_src_gen.pdbx_alt_source_flag               sample 
_entity_src_gen.pdbx_seq_type                      'Biological sequence' 
_entity_src_gen.pdbx_beg_seq_num                   1 
_entity_src_gen.pdbx_end_seq_num                   123 
_entity_src_gen.gene_src_common_name               Human 
_entity_src_gen.gene_src_genus                     ? 
_entity_src_gen.pdbx_gene_src_gene                 'BPTF, FAC1, FALZ' 
_entity_src_gen.gene_src_species                   ? 
_entity_src_gen.gene_src_strain                    ? 
_entity_src_gen.gene_src_tissue                    ? 
_entity_src_gen.gene_src_tissue_fraction           ? 
_entity_src_gen.gene_src_details                   ? 
_entity_src_gen.pdbx_gene_src_fragment             ? 
_entity_src_gen.pdbx_gene_src_scientific_name      'Homo sapiens' 
_entity_src_gen.pdbx_gene_src_ncbi_taxonomy_id     9606 
_entity_src_gen.pdbx_gene_src_variant              ? 
_entity_src_gen.pdbx_gene_src_cell_line            ? 
_entity_src_gen.pdbx_gene_src_atcc                 ? 
_entity_src_gen.pdbx_gene_src_organ                ? 
_entity_src_gen.pdbx_gene_src_organelle            ? 
_entity_src_gen.pdbx_gene_src_cell                 ? 
_entity_src_gen.pdbx_gene_src_cellular_location    ? 
_entity_src_gen.host_org_common_name               ? 
_entity_src_gen.pdbx_host_org_scientific_name      'Escherichia coli' 
_entity_src_gen.pdbx_host_org_ncbi_taxonomy_id     562 
_entity_src_gen.host_org_genus                     ? 
_entity_src_gen.pdbx_host_org_gene                 ? 
_entity_src_gen.pdbx_host_org_organ                ? 
_entity_src_gen.host_org_species                   ? 
_entity_src_gen.pdbx_host_org_tissue               ? 
_entity_src_gen.pdbx_host_org_tissue_fraction      ? 
_entity_src_gen.pdbx_host_org_strain               ? 
_entity_src_gen.pdbx_host_org_variant              ? 
_entity_src_gen.pdbx_host_org_cell_line            ? 
_entity_src_gen.pdbx_host_org_atcc                 ? 
_entity_src_gen.pdbx_host_org_culture_collection   ? 
_entity_src_gen.pdbx_host_org_cell                 ? 
_entity_src_gen.pdbx_host_org_organelle            ? 
_entity_src_gen.pdbx_host_org_cellular_location    ? 
_entity_src_gen.pdbx_host_org_vector_type          ? 
_entity_src_gen.pdbx_host_org_vector               ? 
_entity_src_gen.host_org_details                   ? 
_entity_src_gen.expression_system_id               ? 
_entity_src_gen.plasmid_name                       ? 
_entity_src_gen.plasmid_details                    ? 
_entity_src_gen.pdbx_description                   ? 
# 
loop_
_chem_comp.id 
_chem_comp.type 
_chem_comp.mon_nstd_flag 
_chem_comp.name 
_chem_comp.pdbx_synonyms 
_chem_comp.formula 
_chem_comp.formula_weight 
ALA 'L-peptide linking' y ALANINE                                  ?             'C3 H7 N O2'     89.093  
ARG 'L-peptide linking' y ARGININE                                 ?             'C6 H15 N4 O2 1' 175.209 
ASN 'L-peptide linking' y ASPARAGINE                               ?             'C4 H8 N2 O3'    132.118 
ASP 'L-peptide linking' y 'ASPARTIC ACID'                          ?             'C4 H7 N O4'     133.103 
CYS 'L-peptide linking' y CYSTEINE                                 ?             'C3 H7 N O2 S'   121.158 
DMS non-polymer         . 'DIMETHYL SULFOXIDE'                     ?             'C2 H6 O S'      78.133  
GLN 'L-peptide linking' y GLUTAMINE                                ?             'C5 H10 N2 O3'   146.144 
GLU 'L-peptide linking' y 'GLUTAMIC ACID'                          ?             'C5 H9 N O4'     147.129 
GLY 'peptide linking'   y GLYCINE                                  ?             'C2 H5 N O2'     75.067  
HIS 'L-peptide linking' y HISTIDINE                                ?             'C6 H10 N3 O2 1' 156.162 
HOH non-polymer         . WATER                                    ?             'H2 O'           18.015  
ILE 'L-peptide linking' y ISOLEUCINE                               ?             'C6 H13 N O2'    131.173 
LEU 'L-peptide linking' y LEUCINE                                  ?             'C6 H13 N O2'    131.173 
LYS 'L-peptide linking' y LYSINE                                   ?             'C6 H15 N2 O2 1' 147.195 
MET 'L-peptide linking' y METHIONINE                               ?             'C5 H11 N O2 S'  149.211 
PHE 'L-peptide linking' y PHENYLALANINE                            ?             'C9 H11 N O2'    165.189 
PRO 'L-peptide linking' y PROLINE                                  ?             'C5 H9 N O2'     115.130 
SER 'L-peptide linking' y SERINE                                   ?             'C3 H7 N O3'     105.093 
THR 'L-peptide linking' y THREONINE                                ?             'C4 H9 N O3'     119.119 
TRP 'L-peptide linking' y TRYPTOPHAN                               ?             'C11 H12 N2 O2'  204.225 
TRS non-polymer         . 2-AMINO-2-HYDROXYMETHYL-PROPANE-1,3-DIOL 'TRIS BUFFER' 'C4 H12 N O3 1'  122.143 
TYR 'L-peptide linking' y TYROSINE                                 ?             'C9 H11 N O3'    181.189 
VAL 'L-peptide linking' y VALINE                                   ?             'C5 H11 N O2'    117.146 
# 
loop_
_pdbx_poly_seq_scheme.asym_id 
_pdbx_poly_seq_scheme.entity_id 
_pdbx_poly_seq_scheme.seq_id 
_pdbx_poly_seq_scheme.mon_id 
_pdbx_poly_seq_scheme.ndb_seq_num 
_pdbx_poly_seq_scheme.pdb_seq_num 
_pdbx_poly_seq_scheme.auth_seq_num 
_pdbx_poly_seq_scheme.pdb_mon_id 
_pdbx_poly_seq_scheme.auth_mon_id 
_pdbx_poly_seq_scheme.pdb_strand_id 
_pdbx_poly_seq_scheme.pdb_ins_code 
_pdbx_poly_seq_scheme.hetero 
A 1 1   SER 1   2789 ?    ?   ?   A . n 
A 1 2   MET 2   2790 ?    ?   ?   A . n 
A 1 3   SER 3   2791 ?    ?   ?   A . n 
A 1 4   THR 4   2792 ?    ?   ?   A . n 
A 1 5   GLU 5   2793 2793 GLU GLU A . n 
A 1 6   ASP 6   2794 2794 ASP ASP A . n 
A 1 7   ALA 7   2795 2795 ALA ALA A . n 
A 1 8   MET 8   2796 2796 MET MET A . n 
A 1 9   THR 9   2797 2797 THR THR A . n 
A 1 10  VAL 10  2798 2798 VAL VAL A . n 
A 1 11  LEU 11  2799 2799 LEU LEU A . n 
A 1 12  THR 12  2800 2800 THR THR A . n 
A 1 13  PRO 13  2801 2801 PRO PRO A . n 
A 1 14  LEU 14  2802 2802 LEU LEU A . n 
A 1 15  THR 15  2803 2803 THR THR A . n 
A 1 16  GLU 16  2804 2804 GLU GLU A . n 
A 1 17  LYS 17  2805 2805 LYS LYS A . n 
A 1 18  ASP 18  2806 2806 ASP ASP A . n 
A 1 19  TYR 19  2807 2807 TYR TYR A . n 
A 1 20  GLU 20  2808 2808 GLU GLU A . n 
A 1 21  GLY 21  2809 2809 GLY GLY A . n 
A 1 22  LEU 22  2810 2810 LEU LEU A . n 
A 1 23  LYS 23  2811 2811 LYS LYS A . n 
A 1 24  ARG 24  2812 2812 ARG ARG A . n 
A 1 25  VAL 25  2813 2813 VAL VAL A . n 
A 1 26  LEU 26  2814 2814 LEU LEU A . n 
A 1 27  ARG 27  2815 2815 ARG ARG A . n 
A 1 28  SER 28  2816 2816 SER SER A . n 
A 1 29  LEU 29  2817 2817 LEU LEU A . n 
A 1 30  GLN 30  2818 2818 GLN GLN A . n 
A 1 31  ALA 31  2819 2819 ALA ALA A . n 
A 1 32  HIS 32  2820 2820 HIS HIS A . n 
A 1 33  LYS 33  2821 2821 LYS LYS A . n 
A 1 34  MET 34  2822 2822 MET MET A . n 
A 1 35  ALA 35  2823 2823 ALA ALA A . n 
A 1 36  TRP 36  2824 2824 TRP TRP A . n 
A 1 37  PRO 37  2825 2825 PRO PRO A . n 
A 1 38  PHE 38  2826 2826 PHE PHE A . n 
A 1 39  LEU 39  2827 2827 LEU LEU A . n 
A 1 40  GLU 40  2828 2828 GLU GLU A . n 
A 1 41  PRO 41  2829 2829 PRO PRO A . n 
A 1 42  VAL 42  2830 2830 VAL VAL A . n 
A 1 43  ASP 43  2831 2831 ASP ASP A . n 
A 1 44  PRO 44  2832 2832 PRO PRO A . n 
A 1 45  ASN 45  2833 2833 ASN ASN A . n 
A 1 46  ASP 46  2834 2834 ASP ASP A . n 
A 1 47  ALA 47  2835 2835 ALA ALA A . n 
A 1 48  PRO 48  2836 2836 PRO PRO A . n 
A 1 49  ASP 49  2837 2837 ASP ASP A . n 
A 1 50  TYR 50  2838 2838 TYR TYR A . n 
A 1 51  TYR 51  2839 2839 TYR TYR A . n 
A 1 52  GLY 52  2840 2840 GLY GLY A . n 
A 1 53  VAL 53  2841 2841 VAL VAL A . n 
A 1 54  ILE 54  2842 2842 ILE ILE A . n 
A 1 55  LYS 55  2843 2843 LYS LYS A . n 
A 1 56  GLU 56  2844 2844 GLU GLU A . n 
A 1 57  PRO 57  2845 2845 PRO PRO A . n 
A 1 58  MET 58  2846 2846 MET MET A . n 
A 1 59  ASP 59  2847 2847 ASP ASP A . n 
A 1 60  LEU 60  2848 2848 LEU LEU A . n 
A 1 61  ALA 61  2849 2849 ALA ALA A . n 
A 1 62  THR 62  2850 2850 THR THR A . n 
A 1 63  MET 63  2851 2851 MET MET A . n 
A 1 64  GLU 64  2852 2852 GLU GLU A . n 
A 1 65  GLU 65  2853 2853 GLU GLU A . n 
A 1 66  ARG 66  2854 2854 ARG ARG A . n 
A 1 67  VAL 67  2855 2855 VAL VAL A . n 
A 1 68  GLN 68  2856 2856 GLN GLN A . n 
A 1 69  ARG 69  2857 2857 ARG ARG A . n 
A 1 70  ARG 70  2858 2858 ARG ARG A . n 
A 1 71  TYR 71  2859 2859 TYR TYR A . n 
A 1 72  TYR 72  2860 2860 TYR TYR A . n 
A 1 73  GLU 73  2861 2861 GLU GLU A . n 
A 1 74  LYS 74  2862 2862 LYS LYS A . n 
A 1 75  LEU 75  2863 2863 LEU LEU A . n 
A 1 76  THR 76  2864 2864 THR THR A . n 
A 1 77  GLU 77  2865 2865 GLU GLU A . n 
A 1 78  PHE 78  2866 2866 PHE PHE A . n 
A 1 79  VAL 79  2867 2867 VAL VAL A . n 
A 1 80  ALA 80  2868 2868 ALA ALA A . n 
A 1 81  ASP 81  2869 2869 ASP ASP A . n 
A 1 82  MET 82  2870 2870 MET MET A . n 
A 1 83  THR 83  2871 2871 THR THR A . n 
A 1 84  LYS 84  2872 2872 LYS LYS A . n 
A 1 85  ILE 85  2873 2873 ILE ILE A . n 
A 1 86  PHE 86  2874 2874 PHE PHE A . n 
A 1 87  ASP 87  2875 2875 ASP ASP A . n 
A 1 88  ASN 88  2876 2876 ASN ASN A . n 
A 1 89  CYS 89  2877 2877 CYS CYS A . n 
A 1 90  ARG 90  2878 2878 ARG ARG A . n 
A 1 91  TYR 91  2879 2879 TYR TYR A . n 
A 1 92  TYR 92  2880 2880 TYR TYR A . n 
A 1 93  ASN 93  2881 2881 ASN ASN A . n 
A 1 94  PRO 94  2882 2882 PRO PRO A . n 
A 1 95  SER 95  2883 2883 SER SER A . n 
A 1 96  ASP 96  2884 2884 ASP ASP A . n 
A 1 97  SER 97  2885 2885 SER SER A . n 
A 1 98  PRO 98  2886 2886 PRO PRO A . n 
A 1 99  PHE 99  2887 2887 PHE PHE A . n 
A 1 100 TYR 100 2888 2888 TYR TYR A . n 
A 1 101 GLN 101 2889 2889 GLN GLN A . n 
A 1 102 CYS 102 2890 2890 CYS CYS A . n 
A 1 103 ALA 103 2891 2891 ALA ALA A . n 
A 1 104 GLU 104 2892 2892 GLU GLU A . n 
A 1 105 VAL 105 2893 2893 VAL VAL A . n 
A 1 106 LEU 106 2894 2894 LEU LEU A . n 
A 1 107 GLU 107 2895 2895 GLU GLU A . n 
A 1 108 SER 108 2896 2896 SER SER A . n 
A 1 109 PHE 109 2897 2897 PHE PHE A . n 
A 1 110 PHE 110 2898 2898 PHE PHE A . n 
A 1 111 VAL 111 2899 2899 VAL VAL A . n 
A 1 112 GLN 112 2900 2900 GLN GLN A . n 
A 1 113 LYS 113 2901 2901 LYS LYS A . n 
A 1 114 LEU 114 2902 2902 LEU LEU A . n 
A 1 115 LYS 115 2903 2903 LYS LYS A . n 
A 1 116 GLY 116 2904 2904 GLY GLY A . n 
A 1 117 PHE 117 2905 2905 PHE PHE A . n 
A 1 118 LYS 118 2906 2906 LYS LYS A . n 
A 1 119 ALA 119 2907 2907 ALA ALA A . n 
A 1 120 SER 120 2908 2908 SER SER A . n 
A 1 121 ARG 121 2909 2909 ARG ARG A . n 
A 1 122 SER 122 2910 2910 SER SER A . n 
A 1 123 HIS 123 2911 2911 HIS HIS A . n 
# 
loop_
_pdbx_nonpoly_scheme.asym_id 
_pdbx_nonpoly_scheme.entity_id 
_pdbx_nonpoly_scheme.mon_id 
_pdbx_nonpoly_scheme.ndb_seq_num 
_pdbx_nonpoly_scheme.pdb_seq_num 
_pdbx_nonpoly_scheme.auth_seq_num 
_pdbx_nonpoly_scheme.pdb_mon_id 
_pdbx_nonpoly_scheme.auth_mon_id 
_pdbx_nonpoly_scheme.pdb_strand_id 
_pdbx_nonpoly_scheme.pdb_ins_code 
B 2 DMS 1   3001 1   DMS DMS A . 
C 2 DMS 1   3002 2   DMS DMS A . 
D 3 TRS 1   3003 1   TRS TRS A . 
E 4 HOH 1   3101 40  HOH HOH A . 
E 4 HOH 2   3102 147 HOH HOH A . 
E 4 HOH 3   3103 29  HOH HOH A . 
E 4 HOH 4   3104 103 HOH HOH A . 
E 4 HOH 5   3105 166 HOH HOH A . 
E 4 HOH 6   3106 91  HOH HOH A . 
E 4 HOH 7   3107 33  HOH HOH A . 
E 4 HOH 8   3108 101 HOH HOH A . 
E 4 HOH 9   3109 23  HOH HOH A . 
E 4 HOH 10  3110 61  HOH HOH A . 
E 4 HOH 11  3111 66  HOH HOH A . 
E 4 HOH 12  3112 21  HOH HOH A . 
E 4 HOH 13  3113 44  HOH HOH A . 
E 4 HOH 14  3114 141 HOH HOH A . 
E 4 HOH 15  3115 1   HOH HOH A . 
E 4 HOH 16  3116 34  HOH HOH A . 
E 4 HOH 17  3117 163 HOH HOH A . 
E 4 HOH 18  3118 118 HOH HOH A . 
E 4 HOH 19  3119 98  HOH HOH A . 
E 4 HOH 20  3120 19  HOH HOH A . 
E 4 HOH 21  3121 92  HOH HOH A . 
E 4 HOH 22  3122 122 HOH HOH A . 
E 4 HOH 23  3123 104 HOH HOH A . 
E 4 HOH 24  3124 25  HOH HOH A . 
E 4 HOH 25  3125 52  HOH HOH A . 
E 4 HOH 26  3126 124 HOH HOH A . 
E 4 HOH 27  3127 59  HOH HOH A . 
E 4 HOH 28  3128 8   HOH HOH A . 
E 4 HOH 29  3129 37  HOH HOH A . 
E 4 HOH 30  3130 162 HOH HOH A . 
E 4 HOH 31  3131 79  HOH HOH A . 
E 4 HOH 32  3132 64  HOH HOH A . 
E 4 HOH 33  3133 77  HOH HOH A . 
E 4 HOH 34  3134 38  HOH HOH A . 
E 4 HOH 35  3135 4   HOH HOH A . 
E 4 HOH 36  3136 20  HOH HOH A . 
E 4 HOH 37  3137 111 HOH HOH A . 
E 4 HOH 38  3138 135 HOH HOH A . 
E 4 HOH 39  3139 36  HOH HOH A . 
E 4 HOH 40  3140 13  HOH HOH A . 
E 4 HOH 41  3141 94  HOH HOH A . 
E 4 HOH 42  3142 170 HOH HOH A . 
E 4 HOH 43  3143 12  HOH HOH A . 
E 4 HOH 44  3144 72  HOH HOH A . 
E 4 HOH 45  3145 68  HOH HOH A . 
E 4 HOH 46  3146 113 HOH HOH A . 
E 4 HOH 47  3147 31  HOH HOH A . 
E 4 HOH 48  3148 71  HOH HOH A . 
E 4 HOH 49  3149 144 HOH HOH A . 
E 4 HOH 50  3150 39  HOH HOH A . 
E 4 HOH 51  3151 128 HOH HOH A . 
E 4 HOH 52  3152 26  HOH HOH A . 
E 4 HOH 53  3153 47  HOH HOH A . 
E 4 HOH 54  3154 53  HOH HOH A . 
E 4 HOH 55  3155 62  HOH HOH A . 
E 4 HOH 56  3156 16  HOH HOH A . 
E 4 HOH 57  3157 50  HOH HOH A . 
E 4 HOH 58  3158 145 HOH HOH A . 
E 4 HOH 59  3159 116 HOH HOH A . 
E 4 HOH 60  3160 24  HOH HOH A . 
E 4 HOH 61  3161 54  HOH HOH A . 
E 4 HOH 62  3162 106 HOH HOH A . 
E 4 HOH 63  3163 46  HOH HOH A . 
E 4 HOH 64  3164 117 HOH HOH A . 
E 4 HOH 65  3165 11  HOH HOH A . 
E 4 HOH 66  3166 95  HOH HOH A . 
E 4 HOH 67  3167 131 HOH HOH A . 
E 4 HOH 68  3168 151 HOH HOH A . 
E 4 HOH 69  3169 18  HOH HOH A . 
E 4 HOH 70  3170 22  HOH HOH A . 
E 4 HOH 71  3171 17  HOH HOH A . 
E 4 HOH 72  3172 45  HOH HOH A . 
E 4 HOH 73  3173 96  HOH HOH A . 
E 4 HOH 74  3174 48  HOH HOH A . 
E 4 HOH 75  3175 78  HOH HOH A . 
E 4 HOH 76  3176 120 HOH HOH A . 
E 4 HOH 77  3177 142 HOH HOH A . 
E 4 HOH 78  3178 81  HOH HOH A . 
E 4 HOH 79  3179 160 HOH HOH A . 
E 4 HOH 80  3180 5   HOH HOH A . 
E 4 HOH 81  3181 65  HOH HOH A . 
E 4 HOH 82  3182 6   HOH HOH A . 
E 4 HOH 83  3183 153 HOH HOH A . 
E 4 HOH 84  3184 146 HOH HOH A . 
E 4 HOH 85  3185 82  HOH HOH A . 
E 4 HOH 86  3186 9   HOH HOH A . 
E 4 HOH 87  3187 150 HOH HOH A . 
E 4 HOH 88  3188 69  HOH HOH A . 
E 4 HOH 89  3189 51  HOH HOH A . 
E 4 HOH 90  3190 14  HOH HOH A . 
E 4 HOH 91  3191 32  HOH HOH A . 
E 4 HOH 92  3192 80  HOH HOH A . 
E 4 HOH 93  3193 3   HOH HOH A . 
E 4 HOH 94  3194 134 HOH HOH A . 
E 4 HOH 95  3195 112 HOH HOH A . 
E 4 HOH 96  3196 7   HOH HOH A . 
E 4 HOH 97  3197 149 HOH HOH A . 
E 4 HOH 98  3198 102 HOH HOH A . 
E 4 HOH 99  3199 15  HOH HOH A . 
E 4 HOH 100 3200 27  HOH HOH A . 
E 4 HOH 101 3201 157 HOH HOH A . 
E 4 HOH 102 3202 115 HOH HOH A . 
E 4 HOH 103 3203 60  HOH HOH A . 
E 4 HOH 104 3204 155 HOH HOH A . 
E 4 HOH 105 3205 2   HOH HOH A . 
E 4 HOH 106 3206 83  HOH HOH A . 
E 4 HOH 107 3207 156 HOH HOH A . 
E 4 HOH 108 3208 133 HOH HOH A . 
E 4 HOH 109 3209 161 HOH HOH A . 
E 4 HOH 110 3210 89  HOH HOH A . 
E 4 HOH 111 3211 148 HOH HOH A . 
E 4 HOH 112 3212 35  HOH HOH A . 
E 4 HOH 113 3213 67  HOH HOH A . 
E 4 HOH 114 3214 109 HOH HOH A . 
E 4 HOH 115 3215 125 HOH HOH A . 
E 4 HOH 116 3216 108 HOH HOH A . 
E 4 HOH 117 3217 126 HOH HOH A . 
E 4 HOH 118 3218 42  HOH HOH A . 
E 4 HOH 119 3219 130 HOH HOH A . 
E 4 HOH 120 3220 171 HOH HOH A . 
E 4 HOH 121 3221 49  HOH HOH A . 
E 4 HOH 122 3222 90  HOH HOH A . 
E 4 HOH 123 3223 30  HOH HOH A . 
E 4 HOH 124 3224 73  HOH HOH A . 
E 4 HOH 125 3225 129 HOH HOH A . 
E 4 HOH 126 3226 107 HOH HOH A . 
E 4 HOH 127 3227 114 HOH HOH A . 
E 4 HOH 128 3228 70  HOH HOH A . 
E 4 HOH 129 3229 76  HOH HOH A . 
E 4 HOH 130 3230 168 HOH HOH A . 
E 4 HOH 131 3231 87  HOH HOH A . 
E 4 HOH 132 3232 57  HOH HOH A . 
E 4 HOH 133 3233 165 HOH HOH A . 
E 4 HOH 134 3234 97  HOH HOH A . 
E 4 HOH 135 3235 100 HOH HOH A . 
E 4 HOH 136 3236 152 HOH HOH A . 
E 4 HOH 137 3237 10  HOH HOH A . 
E 4 HOH 138 3238 138 HOH HOH A . 
E 4 HOH 139 3239 63  HOH HOH A . 
E 4 HOH 140 3240 43  HOH HOH A . 
E 4 HOH 141 3241 136 HOH HOH A . 
E 4 HOH 142 3242 132 HOH HOH A . 
E 4 HOH 143 3243 28  HOH HOH A . 
E 4 HOH 144 3244 167 HOH HOH A . 
E 4 HOH 145 3245 88  HOH HOH A . 
E 4 HOH 146 3246 86  HOH HOH A . 
E 4 HOH 147 3247 56  HOH HOH A . 
E 4 HOH 148 3248 75  HOH HOH A . 
E 4 HOH 149 3249 58  HOH HOH A . 
E 4 HOH 150 3250 169 HOH HOH A . 
E 4 HOH 151 3251 85  HOH HOH A . 
E 4 HOH 152 3252 139 HOH HOH A . 
E 4 HOH 153 3253 84  HOH HOH A . 
E 4 HOH 154 3254 140 HOH HOH A . 
# 
loop_
_pdbx_unobs_or_zero_occ_atoms.id 
_pdbx_unobs_or_zero_occ_atoms.PDB_model_num 
_pdbx_unobs_or_zero_occ_atoms.polymer_flag 
_pdbx_unobs_or_zero_occ_atoms.occupancy_flag 
_pdbx_unobs_or_zero_occ_atoms.auth_asym_id 
_pdbx_unobs_or_zero_occ_atoms.auth_comp_id 
_pdbx_unobs_or_zero_occ_atoms.auth_seq_id 
_pdbx_unobs_or_zero_occ_atoms.PDB_ins_code 
_pdbx_unobs_or_zero_occ_atoms.auth_atom_id 
_pdbx_unobs_or_zero_occ_atoms.label_alt_id 
_pdbx_unobs_or_zero_occ_atoms.label_asym_id 
_pdbx_unobs_or_zero_occ_atoms.label_comp_id 
_pdbx_unobs_or_zero_occ_atoms.label_seq_id 
_pdbx_unobs_or_zero_occ_atoms.label_atom_id 
1 1 Y 1 A LYS 2843 ? CD ? A LYS 55 CD 
2 1 Y 1 A LYS 2843 ? CE ? A LYS 55 CE 
3 1 Y 1 A LYS 2843 ? NZ ? A LYS 55 NZ 
# 
loop_
_software.pdbx_ordinal 
_software.name 
_software.version 
_software.date 
_software.type 
_software.contact_author 
_software.contact_author_email 
_software.classification 
_software.location 
_software.language 
_software.citation_id 
1 REFMAC      5.8.0158 ?               program 'Garib N. Murshudov' garib@ysbl.york.ac.uk    refinement        
http://www.ccp4.ac.uk/dist/html/refmac5.html        Fortran_77 ? 
2 Aimless     0.5.27   18/05/16        program 'Phil Evans'         ?                        'data scaling'    
http://www.mrc-lmb.cam.ac.uk/harry/pre/aimless.html ?          ? 
3 PDB_EXTRACT 3.23     'SEP. 23, 2016' package PDB                  deposit@deposit.rcsb.org 'data extraction' 
http://sw-tools.pdb.org/apps/PDB_EXTRACT/           C++        ? 
4 XDS         .        ?               program ?                    ?                        'data reduction'  ? ?          ? 
5 REFMAC      .        ?               program ?                    ?                        phasing           ? ?          ? 
# 
_cell.entry_id           5R4O 
_cell.length_a           111.800 
_cell.length_b           27.370 
_cell.length_c           38.320 
_cell.angle_alpha        90.000 
_cell.angle_beta         96.200 
_cell.angle_gamma        90.000 
_cell.Z_PDB              4 
_cell.pdbx_unique_axis   ? 
# 
_symmetry.entry_id                         5R4O 
_symmetry.Int_Tables_number                5 
_symmetry.space_group_name_H-M             'C 1 2 1' 
_symmetry.pdbx_full_space_group_name_H-M   ? 
_symmetry.cell_setting                     ? 
# 
_exptl.crystals_number   1 
_exptl.entry_id          5R4O 
_exptl.method            'X-RAY DIFFRACTION' 
# 
_exptl_crystal.id                    1 
_exptl_crystal.pdbx_mosaicity        0.000 
_exptl_crystal.pdbx_mosaicity_esd    ? 
_exptl_crystal.density_Matthews      2.02 
_exptl_crystal.density_diffrn        ? 
_exptl_crystal.density_meas          ? 
_exptl_crystal.density_meas_temp     ? 
_exptl_crystal.density_percent_sol   38.99 
_exptl_crystal.size_max              ? 
_exptl_crystal.size_mid              ? 
_exptl_crystal.size_min              ? 
_exptl_crystal.size_rad              ? 
_exptl_crystal.description           ? 
# 
_exptl_crystal_grow.crystal_id      1 
_exptl_crystal_grow.method          'VAPOR DIFFUSION, SITTING DROP' 
_exptl_crystal_grow.pH              8.5 
_exptl_crystal_grow.temp            293 
_exptl_crystal_grow.pdbx_details    '30% PEG4000, 0.1M Tris pH 8.5, 0.2M MgCl2' 
_exptl_crystal_grow.temp_details    ? 
_exptl_crystal_grow.pdbx_pH_range   ? 
# 
_diffrn.id                     1 
_diffrn.ambient_temp           100 
_diffrn.crystal_id             1 
_diffrn.ambient_temp_details   ? 
# 
_diffrn_detector.detector               PIXEL 
_diffrn_detector.type                   'DECTRIS PILATUS 6M' 
_diffrn_detector.pdbx_collection_date   2017-03-09 
_diffrn_detector.diffrn_id              1 
_diffrn_detector.details                ? 
# 
_diffrn_radiation.diffrn_id                        1 
_diffrn_radiation.wavelength_id                    1 
_diffrn_radiation.pdbx_diffrn_protocol             'SINGLE WAVELENGTH' 
_diffrn_radiation.pdbx_monochromatic_or_laue_m_l   ? 
_diffrn_radiation.monochromator                    ? 
_diffrn_radiation.pdbx_scattering_type             x-ray 
# 
_diffrn_radiation_wavelength.id           1 
_diffrn_radiation_wavelength.wavelength   0.92819 
_diffrn_radiation_wavelength.wt           1.0 
# 
_diffrn_source.diffrn_id                   1 
_diffrn_source.source                      SYNCHROTRON 
_diffrn_source.type                        'DIAMOND BEAMLINE I04-1' 
_diffrn_source.pdbx_wavelength_list        0.92819 
_diffrn_source.pdbx_synchrotron_site       Diamond 
_diffrn_source.pdbx_synchrotron_beamline   I04-1 
_diffrn_source.pdbx_wavelength             ? 
# 
_reflns.entry_id                     5R4O 
_reflns.pdbx_diffrn_id               1 
_reflns.pdbx_ordinal                 1 
_reflns.observed_criterion_sigma_I   ? 
_reflns.observed_criterion_sigma_F   ? 
_reflns.d_resolution_low             55.570 
_reflns.d_resolution_high            1.050 
_reflns.number_obs                   40315 
_reflns.number_all                   ? 
_reflns.percent_possible_obs         75.600 
_reflns.pdbx_Rmerge_I_obs            0.042 
_reflns.pdbx_Rsym_value              ? 
_reflns.pdbx_netI_over_sigmaI        15.800 
_reflns.B_iso_Wilson_estimate        ? 
_reflns.pdbx_redundancy              2.700 
_reflns.pdbx_Rrim_I_all              0.051 
_reflns.pdbx_Rpim_I_all              0.028 
_reflns.pdbx_CC_half                 0.998 
_reflns.pdbx_netI_over_av_sigmaI     ? 
_reflns.pdbx_number_measured_all     107275 
_reflns.pdbx_scaling_rejects         0 
_reflns.pdbx_chi_squared             ? 
_reflns.Rmerge_F_all                 ? 
_reflns.Rmerge_F_obs                 ? 
_reflns.observed_criterion_F_max     ? 
_reflns.observed_criterion_F_min     ? 
_reflns.observed_criterion_I_max     ? 
_reflns.observed_criterion_I_min     ? 
_reflns.pdbx_d_res_high_opt          ? 
_reflns.pdbx_d_res_low_opt           ? 
_reflns.details                      ? 
# 
loop_
_reflns_shell.pdbx_diffrn_id 
_reflns_shell.pdbx_ordinal 
_reflns_shell.d_res_high 
_reflns_shell.d_res_low 
_reflns_shell.number_measured_obs 
_reflns_shell.number_measured_all 
_reflns_shell.number_unique_obs 
_reflns_shell.pdbx_rejects 
_reflns_shell.Rmerge_I_obs 
_reflns_shell.meanI_over_sigI_obs 
_reflns_shell.pdbx_Rsym_value 
_reflns_shell.pdbx_chi_squared 
_reflns_shell.pdbx_redundancy 
_reflns_shell.percent_possible_obs 
_reflns_shell.pdbx_netI_over_sigmaI_obs 
_reflns_shell.number_possible 
_reflns_shell.number_unique_all 
_reflns_shell.Rmerge_F_all 
_reflns_shell.Rmerge_F_obs 
_reflns_shell.Rmerge_I_all 
_reflns_shell.meanI_over_sigI_all 
_reflns_shell.percent_possible_all 
_reflns_shell.pdbx_Rrim_I_all 
_reflns_shell.pdbx_Rpim_I_all 
_reflns_shell.pdbx_CC_half 
1 1 1.050 1.080  ? 370  ? ? 0.672 ? ? ? 1.000 ? 1.200  ? 353 ? ? ? ? 9.200  0.950 0.672 0.597 
1 2 4.720 55.570 ? 1917 ? ? 0.032 ? ? ? 3.000 ? 35.400 ? 637 ? ? ? ? 97.400 0.040 0.022 0.998 
# 
_refine.entry_id                                 5R4O 
_refine.pdbx_refine_id                           'X-RAY DIFFRACTION' 
_refine.ls_d_res_high                            1.0500 
_refine.ls_d_res_low                             55.6300 
_refine.pdbx_ls_sigma_F                          0.000 
_refine.pdbx_data_cutoff_high_absF               ? 
_refine.pdbx_data_cutoff_low_absF                ? 
_refine.ls_percent_reflns_obs                    75.3000 
_refine.ls_number_reflns_obs                     38348 
_refine.ls_number_reflns_all                     ? 
_refine.pdbx_ls_cross_valid_method               THROUGHOUT 
_refine.ls_matrix_type                           ? 
_refine.pdbx_R_Free_selection_details            RANDOM 
_refine.details                                  
'HYDROGENS HAVE BEEN ADDED IN THE RIDING POSITIONS U VALUES      : REFINED INDIVIDUALLY' 
_refine.ls_R_factor_all                          ? 
_refine.ls_R_factor_obs                          0.1691 
_refine.ls_R_factor_R_work                       0.1687 
_refine.ls_wR_factor_R_work                      ? 
_refine.ls_R_factor_R_free                       0.1778 
_refine.ls_wR_factor_R_free                      ? 
_refine.ls_percent_reflns_R_free                 4.9000 
_refine.ls_number_reflns_R_free                  1966 
_refine.ls_number_reflns_R_work                  ? 
_refine.ls_R_factor_R_free_error                 ? 
_refine.B_iso_mean                               14.4730 
_refine.solvent_model_param_bsol                 ? 
_refine.solvent_model_param_ksol                 ? 
_refine.pdbx_isotropic_thermal_model             ? 
_refine.aniso_B[1][1]                            0.4400 
_refine.aniso_B[2][2]                            -0.3700 
_refine.aniso_B[3][3]                            0.0100 
_refine.aniso_B[1][2]                            0.0000 
_refine.aniso_B[1][3]                            -0.3700 
_refine.aniso_B[2][3]                            0.0000 
_refine.correlation_coeff_Fo_to_Fc               0.9700 
_refine.correlation_coeff_Fo_to_Fc_free          0.9680 
_refine.overall_SU_R_Cruickshank_DPI             ? 
_refine.pdbx_overall_SU_R_free_Cruickshank_DPI   ? 
_refine.pdbx_overall_SU_R_Blow_DPI               ? 
_refine.pdbx_overall_SU_R_free_Blow_DPI          ? 
_refine.overall_SU_R_free                        ? 
_refine.pdbx_overall_ESU_R                       0.0380 
_refine.pdbx_overall_ESU_R_Free                  0.0370 
_refine.overall_SU_ML                            0.0240 
_refine.overall_SU_B                             0.4850 
_refine.solvent_model_details                    MASK 
_refine.pdbx_solvent_vdw_probe_radii             1.2000 
_refine.pdbx_solvent_ion_probe_radii             0.8000 
_refine.pdbx_solvent_shrinkage_radii             0.8000 
_refine.ls_number_parameters                     ? 
_refine.ls_number_restraints                     ? 
_refine.pdbx_starting_model                      3UV2 
_refine.pdbx_method_to_determine_struct          'FOURIER SYNTHESIS' 
_refine.pdbx_stereochemistry_target_values       'MAXIMUM LIKELIHOOD' 
_refine.pdbx_stereochem_target_val_spec_case     ? 
_refine.overall_FOM_work_R_set                   ? 
_refine.B_iso_max                                81.210 
_refine.B_iso_min                                5.880 
_refine.pdbx_overall_phase_error                 ? 
_refine.occupancy_max                            ? 
_refine.occupancy_min                            ? 
_refine.pdbx_diffrn_id                           1 
_refine.pdbx_TLS_residual_ADP_flag               ? 
_refine.pdbx_ls_sigma_I                          ? 
_refine.pdbx_data_cutoff_high_rms_absF           ? 
_refine.ls_R_factor_R_free_error_details         ? 
# 
_refine_hist.cycle_id                         final 
_refine_hist.pdbx_refine_id                   'X-RAY DIFFRACTION' 
_refine_hist.d_res_high                       1.0500 
_refine_hist.d_res_low                        55.6300 
_refine_hist.pdbx_number_atoms_ligand         16 
_refine_hist.number_atoms_solvent             154 
_refine_hist.number_atoms_total               1153 
_refine_hist.pdbx_number_residues_total       119 
_refine_hist.pdbx_B_iso_mean_ligand           21.66 
_refine_hist.pdbx_B_iso_mean_solvent          24.62 
_refine_hist.pdbx_number_atoms_protein        983 
_refine_hist.pdbx_number_atoms_nucleic_acid   0 
# 
loop_
_refine_ls_restr.pdbx_refine_id 
_refine_ls_restr.type 
_refine_ls_restr.number 
_refine_ls_restr.dev_ideal 
_refine_ls_restr.dev_ideal_target 
_refine_ls_restr.weight 
_refine_ls_restr.pdbx_restraint_function 
'X-RAY DIFFRACTION' r_bond_refined_d       1083 0.031  0.020  ? ? 
'X-RAY DIFFRACTION' r_bond_other_d         995  0.003  0.020  ? ? 
'X-RAY DIFFRACTION' r_angle_refined_deg    1478 2.612  1.985  ? ? 
'X-RAY DIFFRACTION' r_angle_other_deg      2325 1.216  3.000  ? ? 
'X-RAY DIFFRACTION' r_dihedral_angle_1_deg 136  5.368  5.000  ? ? 
'X-RAY DIFFRACTION' r_dihedral_angle_2_deg 57   35.027 24.035 ? ? 
'X-RAY DIFFRACTION' r_dihedral_angle_3_deg 193  13.181 15.000 ? ? 
'X-RAY DIFFRACTION' r_dihedral_angle_4_deg 8    19.831 15.000 ? ? 
'X-RAY DIFFRACTION' r_chiral_restr         157  0.166  0.200  ? ? 
'X-RAY DIFFRACTION' r_gen_planes_refined   1203 0.013  0.021  ? ? 
'X-RAY DIFFRACTION' r_gen_planes_other     229  0.001  0.020  ? ? 
'X-RAY DIFFRACTION' r_mcbond_it            496  2.094  1.249  ? ? 
'X-RAY DIFFRACTION' r_mcbond_other         494  2.036  1.235  ? ? 
'X-RAY DIFFRACTION' r_mcangle_it           622  3.287  1.858  ? ? 
# 
_refine_ls_shell.d_res_high                       1.0550 
_refine_ls_shell.d_res_low                        1.0820 
_refine_ls_shell.pdbx_total_number_of_bins_used   20 
_refine_ls_shell.percent_reflns_obs               9.1300 
_refine_ls_shell.number_reflns_R_work             343 
_refine_ls_shell.R_factor_all                     ? 
_refine_ls_shell.R_factor_R_work                  0.3150 
_refine_ls_shell.R_factor_R_free                  0.2290 
_refine_ls_shell.percent_reflns_R_free            ? 
_refine_ls_shell.number_reflns_R_free             13 
_refine_ls_shell.R_factor_R_free_error            ? 
_refine_ls_shell.number_reflns_all                356 
_refine_ls_shell.number_reflns_obs                ? 
_refine_ls_shell.pdbx_refine_id                   'X-RAY DIFFRACTION' 
_refine_ls_shell.R_factor_obs                     ? 
# 
_struct.entry_id                  5R4O 
_struct.title                     
'PanDDA analysis group deposition of ground-state model of BROMODOMAIN OF HUMAN NUCLEOSOME-REMODELING FACTOR SUBUNIT BPTF' 
_struct.pdbx_model_details        ? 
_struct.pdbx_CASP_flag            ? 
_struct.pdbx_model_type_details   ? 
# 
_struct_keywords.entry_id        5R4O 
_struct_keywords.text            
;PanDDA, SGC - Diamond I04-1 fragment screening, XChemExplorer, BROMODOMAIN, BPTF, FALZ, FAC1, BROMODOMAIN AND PHD FINGER-CONTAINING TRANSCRIPTION FACTOR, FETAL ALZ-50 CLONE 1 PROTEIN, TRANSCRIPTION
;
_struct_keywords.pdbx_keywords   TRANSCRIPTION 
# 
loop_
_struct_asym.id 
_struct_asym.pdbx_blank_PDB_chainid_flag 
_struct_asym.pdbx_modified 
_struct_asym.entity_id 
_struct_asym.details 
A N N 1 ? 
B N N 2 ? 
C N N 2 ? 
D N N 3 ? 
E N N 4 ? 
# 
_struct_ref.id                         1 
_struct_ref.db_name                    UNP 
_struct_ref.db_code                    BPTF_HUMAN 
_struct_ref.pdbx_db_accession          Q12830 
_struct_ref.pdbx_db_isoform            ? 
_struct_ref.entity_id                  1 
_struct_ref.pdbx_seq_one_letter_code   
;STEDAMTVLTPLTEKDYEGLKRVLRSLQAHKMAWPFLEPVDPNDAPDYYGVIKEPMDLATMEERVQRRYYEKLTEFVADM
TKIFDNCRYYNPSDSPFYQCAEVLESFFVQKLKGFKASRSH
;
_struct_ref.pdbx_align_begin           2917 
# 
_struct_ref_seq.align_id                      1 
_struct_ref_seq.ref_id                        1 
_struct_ref_seq.pdbx_PDB_id_code              5R4O 
_struct_ref_seq.pdbx_strand_id                A 
_struct_ref_seq.seq_align_beg                 3 
_struct_ref_seq.pdbx_seq_align_beg_ins_code   ? 
_struct_ref_seq.seq_align_end                 123 
_struct_ref_seq.pdbx_seq_align_end_ins_code   ? 
_struct_ref_seq.pdbx_db_accession             Q12830 
_struct_ref_seq.db_align_beg                  2917 
_struct_ref_seq.pdbx_db_align_beg_ins_code    ? 
_struct_ref_seq.db_align_end                  3037 
_struct_ref_seq.pdbx_db_align_end_ins_code    ? 
_struct_ref_seq.pdbx_auth_seq_align_beg       2791 
_struct_ref_seq.pdbx_auth_seq_align_end       2911 
# 
loop_
_struct_ref_seq_dif.align_id 
_struct_ref_seq_dif.pdbx_pdb_id_code 
_struct_ref_seq_dif.mon_id 
_struct_ref_seq_dif.pdbx_pdb_strand_id 
_struct_ref_seq_dif.seq_num 
_struct_ref_seq_dif.pdbx_pdb_ins_code 
_struct_ref_seq_dif.pdbx_seq_db_name 
_struct_ref_seq_dif.pdbx_seq_db_accession_code 
_struct_ref_seq_dif.db_mon_id 
_struct_ref_seq_dif.pdbx_seq_db_seq_num 
_struct_ref_seq_dif.details 
_struct_ref_seq_dif.pdbx_auth_seq_num 
_struct_ref_seq_dif.pdbx_ordinal 
1 5R4O SER A 1 ? UNP Q12830 ? ? 'expression tag' 2789 1 
1 5R4O MET A 2 ? UNP Q12830 ? ? 'expression tag' 2790 2 
# 
_pdbx_struct_assembly.id                   1 
_pdbx_struct_assembly.details              author_and_software_defined_assembly 
_pdbx_struct_assembly.method_details       PISA 
_pdbx_struct_assembly.oligomeric_details   monomeric 
_pdbx_struct_assembly.oligomeric_count     1 
# 
_pdbx_struct_assembly_gen.assembly_id       1 
_pdbx_struct_assembly_gen.oper_expression   1 
_pdbx_struct_assembly_gen.asym_id_list      A,B,C,D,E 
# 
_pdbx_struct_oper_list.id                   1 
_pdbx_struct_oper_list.type                 'identity operation' 
_pdbx_struct_oper_list.name                 1_555 
_pdbx_struct_oper_list.symmetry_operation   x,y,z 
_pdbx_struct_oper_list.matrix[1][1]         1.0000000000 
_pdbx_struct_oper_list.matrix[1][2]         0.0000000000 
_pdbx_struct_oper_list.matrix[1][3]         0.0000000000 
_pdbx_struct_oper_list.vector[1]            0.0000000000 
_pdbx_struct_oper_list.matrix[2][1]         0.0000000000 
_pdbx_struct_oper_list.matrix[2][2]         1.0000000000 
_pdbx_struct_oper_list.matrix[2][3]         0.0000000000 
_pdbx_struct_oper_list.vector[2]            0.0000000000 
_pdbx_struct_oper_list.matrix[3][1]         0.0000000000 
_pdbx_struct_oper_list.matrix[3][2]         0.0000000000 
_pdbx_struct_oper_list.matrix[3][3]         1.0000000000 
_pdbx_struct_oper_list.vector[3]            0.0000000000 
# 
loop_
_struct_conf.conf_type_id 
_struct_conf.id 
_struct_conf.pdbx_PDB_helix_id 
_struct_conf.beg_label_comp_id 
_struct_conf.beg_label_asym_id 
_struct_conf.beg_label_seq_id 
_struct_conf.pdbx_beg_PDB_ins_code 
_struct_conf.end_label_comp_id 
_struct_conf.end_label_asym_id 
_struct_conf.end_label_seq_id 
_struct_conf.pdbx_end_PDB_ins_code 
_struct_conf.beg_auth_comp_id 
_struct_conf.beg_auth_asym_id 
_struct_conf.beg_auth_seq_id 
_struct_conf.end_auth_comp_id 
_struct_conf.end_auth_asym_id 
_struct_conf.end_auth_seq_id 
_struct_conf.pdbx_PDB_helix_class 
_struct_conf.details 
_struct_conf.pdbx_PDB_helix_length 
HELX_P HELX_P1 AA1 ASP A 6  ? THR A 12  ? ASP A 2794 THR A 2800 1 ? 7  
HELX_P HELX_P2 AA2 THR A 15 ? ALA A 31  ? THR A 2803 ALA A 2819 1 ? 17 
HELX_P HELX_P3 AA3 ALA A 35 ? LEU A 39  ? ALA A 2823 LEU A 2827 5 ? 5  
HELX_P HELX_P4 AA4 ASP A 49 ? ILE A 54  ? ASP A 2837 ILE A 2842 1 ? 6  
HELX_P HELX_P5 AA5 ASP A 59 ? ARG A 69  ? ASP A 2847 ARG A 2857 1 ? 11 
HELX_P HELX_P6 AA6 LYS A 74 ? ASN A 93  ? LYS A 2862 ASN A 2881 1 ? 20 
HELX_P HELX_P7 AA7 SER A 97 ? HIS A 123 ? SER A 2885 HIS A 2911 1 ? 27 
# 
_struct_conf_type.id          HELX_P 
_struct_conf_type.criteria    ? 
_struct_conf_type.reference   ? 
# 
loop_
_struct_site.id 
_struct_site.pdbx_evidence_code 
_struct_site.pdbx_auth_asym_id 
_struct_site.pdbx_auth_comp_id 
_struct_site.pdbx_auth_seq_id 
_struct_site.pdbx_auth_ins_code 
_struct_site.pdbx_num_residues 
_struct_site.details 
AC1 Software A DMS 3001 ? 4 'binding site for residue DMS A 3001' 
AC2 Software A DMS 3002 ? 4 'binding site for residue DMS A 3002' 
AC3 Software A TRS 3003 ? 8 'binding site for residue TRS A 3003' 
# 
loop_
_struct_site_gen.id 
_struct_site_gen.site_id 
_struct_site_gen.pdbx_num_res 
_struct_site_gen.label_comp_id 
_struct_site_gen.label_asym_id 
_struct_site_gen.label_seq_id 
_struct_site_gen.pdbx_auth_ins_code 
_struct_site_gen.auth_comp_id 
_struct_site_gen.auth_asym_id 
_struct_site_gen.auth_seq_id 
_struct_site_gen.label_atom_id 
_struct_site_gen.label_alt_id 
_struct_site_gen.symmetry 
_struct_site_gen.details 
1  AC1 4 PRO A 37  ? PRO A 2825 . ? 1_555 ? 
2  AC1 4 ASN A 93  ? ASN A 2881 . ? 1_555 ? 
3  AC1 4 PHE A 99  ? PHE A 2887 . ? 1_555 ? 
4  AC1 4 HOH E .   ? HOH A 3112 . ? 1_555 ? 
5  AC2 4 GLN A 30  ? GLN A 2818 . ? 1_555 ? 
6  AC2 4 ALA A 31  ? ALA A 2819 . ? 1_555 ? 
7  AC2 4 HIS A 32  ? HIS A 2820 . ? 1_555 ? 
8  AC2 4 TRP A 36  ? TRP A 2824 . ? 1_555 ? 
9  AC3 8 LYS A 23  ? LYS A 2811 . ? 4_455 ? 
10 AC3 8 ARG A 27  ? ARG A 2815 . ? 4_455 ? 
11 AC3 8 SER A 28  ? SER A 2816 . ? 1_555 ? 
12 AC3 8 GLN A 68  ? GLN A 2856 . ? 4_455 ? 
13 AC3 8 PHE A 109 ? PHE A 2897 . ? 1_555 ? 
14 AC3 8 LYS A 113 ? LYS A 2901 . ? 1_555 ? 
15 AC3 8 HOH E .   ? HOH A 3101 . ? 1_555 ? 
16 AC3 8 HOH E .   ? HOH A 3175 . ? 1_555 ? 
# 
loop_
_pdbx_validate_close_contact.id 
_pdbx_validate_close_contact.PDB_model_num 
_pdbx_validate_close_contact.auth_atom_id_1 
_pdbx_validate_close_contact.auth_asym_id_1 
_pdbx_validate_close_contact.auth_comp_id_1 
_pdbx_validate_close_contact.auth_seq_id_1 
_pdbx_validate_close_contact.PDB_ins_code_1 
_pdbx_validate_close_contact.label_alt_id_1 
_pdbx_validate_close_contact.auth_atom_id_2 
_pdbx_validate_close_contact.auth_asym_id_2 
_pdbx_validate_close_contact.auth_comp_id_2 
_pdbx_validate_close_contact.auth_seq_id_2 
_pdbx_validate_close_contact.PDB_ins_code_2 
_pdbx_validate_close_contact.label_alt_id_2 
_pdbx_validate_close_contact.dist 
1 1 O2  A TRS 3003 ? ? O A HOH 3101 ? ? 1.68 
2 1 OE1 A GLU 2828 ? ? O A HOH 3102 ? ? 1.91 
3 1 O   A HOH 3179 ? ? O A HOH 3210 ? ? 2.13 
4 1 OD1 A ASP 2794 ? B O A HOH 3103 ? ? 2.17 
# 
_pdbx_validate_symm_contact.id                1 
_pdbx_validate_symm_contact.PDB_model_num     1 
_pdbx_validate_symm_contact.auth_atom_id_1    O 
_pdbx_validate_symm_contact.auth_asym_id_1    A 
_pdbx_validate_symm_contact.auth_comp_id_1    HOH 
_pdbx_validate_symm_contact.auth_seq_id_1     3155 
_pdbx_validate_symm_contact.PDB_ins_code_1    ? 
_pdbx_validate_symm_contact.label_alt_id_1    ? 
_pdbx_validate_symm_contact.site_symmetry_1   1_555 
_pdbx_validate_symm_contact.auth_atom_id_2    O 
_pdbx_validate_symm_contact.auth_asym_id_2    A 
_pdbx_validate_symm_contact.auth_comp_id_2    HOH 
_pdbx_validate_symm_contact.auth_seq_id_2     3183 
_pdbx_validate_symm_contact.PDB_ins_code_2    ? 
_pdbx_validate_symm_contact.label_alt_id_2    ? 
_pdbx_validate_symm_contact.site_symmetry_2   2_555 
_pdbx_validate_symm_contact.dist              1.97 
# 
loop_
_pdbx_validate_rmsd_bond.id 
_pdbx_validate_rmsd_bond.PDB_model_num 
_pdbx_validate_rmsd_bond.auth_atom_id_1 
_pdbx_validate_rmsd_bond.auth_asym_id_1 
_pdbx_validate_rmsd_bond.auth_comp_id_1 
_pdbx_validate_rmsd_bond.auth_seq_id_1 
_pdbx_validate_rmsd_bond.PDB_ins_code_1 
_pdbx_validate_rmsd_bond.label_alt_id_1 
_pdbx_validate_rmsd_bond.auth_atom_id_2 
_pdbx_validate_rmsd_bond.auth_asym_id_2 
_pdbx_validate_rmsd_bond.auth_comp_id_2 
_pdbx_validate_rmsd_bond.auth_seq_id_2 
_pdbx_validate_rmsd_bond.PDB_ins_code_2 
_pdbx_validate_rmsd_bond.label_alt_id_2 
_pdbx_validate_rmsd_bond.bond_value 
_pdbx_validate_rmsd_bond.bond_target_value 
_pdbx_validate_rmsd_bond.bond_deviation 
_pdbx_validate_rmsd_bond.bond_standard_deviation 
_pdbx_validate_rmsd_bond.linker_flag 
1 1 CZ A ARG 2857 ? ? NH1 A ARG 2857 ? ? 1.500 1.326 0.174  0.013 N 
2 1 CZ A PHE 2874 ? ? CE2 A PHE 2874 ? ? 1.252 1.369 -0.117 0.019 N 
3 1 C  A TYR 2879 ? ? O   A TYR 2879 ? ? 1.349 1.229 0.120  0.019 N 
4 1 CA A SER 2885 ? A CB  A SER 2885 ? A 1.417 1.525 -0.108 0.015 N 
5 1 CA A SER 2896 ? ? CB  A SER 2896 ? ? 1.762 1.525 0.237  0.015 N 
# 
loop_
_pdbx_validate_rmsd_angle.id 
_pdbx_validate_rmsd_angle.PDB_model_num 
_pdbx_validate_rmsd_angle.auth_atom_id_1 
_pdbx_validate_rmsd_angle.auth_asym_id_1 
_pdbx_validate_rmsd_angle.auth_comp_id_1 
_pdbx_validate_rmsd_angle.auth_seq_id_1 
_pdbx_validate_rmsd_angle.PDB_ins_code_1 
_pdbx_validate_rmsd_angle.label_alt_id_1 
_pdbx_validate_rmsd_angle.auth_atom_id_2 
_pdbx_validate_rmsd_angle.auth_asym_id_2 
_pdbx_validate_rmsd_angle.auth_comp_id_2 
_pdbx_validate_rmsd_angle.auth_seq_id_2 
_pdbx_validate_rmsd_angle.PDB_ins_code_2 
_pdbx_validate_rmsd_angle.label_alt_id_2 
_pdbx_validate_rmsd_angle.auth_atom_id_3 
_pdbx_validate_rmsd_angle.auth_asym_id_3 
_pdbx_validate_rmsd_angle.auth_comp_id_3 
_pdbx_validate_rmsd_angle.auth_seq_id_3 
_pdbx_validate_rmsd_angle.PDB_ins_code_3 
_pdbx_validate_rmsd_angle.label_alt_id_3 
_pdbx_validate_rmsd_angle.angle_value 
_pdbx_validate_rmsd_angle.angle_target_value 
_pdbx_validate_rmsd_angle.angle_deviation 
_pdbx_validate_rmsd_angle.angle_standard_deviation 
_pdbx_validate_rmsd_angle.linker_flag 
1 1 CB A ASP 2831 ? ? CG A ASP 2831 ? ? OD1 A ASP 2831 ? ? 123.86 118.30 5.56  0.90 N 
2 1 NE A ARG 2857 ? ? CZ A ARG 2857 ? ? NH2 A ARG 2857 ? ? 112.07 120.30 -8.23 0.50 N 
3 1 CB A ASP 2884 ? ? CG A ASP 2884 ? ? OD1 A ASP 2884 ? ? 124.47 118.30 6.17  0.90 N 
# 
loop_
_pdbx_validate_torsion.id 
_pdbx_validate_torsion.PDB_model_num 
_pdbx_validate_torsion.auth_comp_id 
_pdbx_validate_torsion.auth_asym_id 
_pdbx_validate_torsion.auth_seq_id 
_pdbx_validate_torsion.PDB_ins_code 
_pdbx_validate_torsion.label_alt_id 
_pdbx_validate_torsion.phi 
_pdbx_validate_torsion.psi 
1 1 PRO A 2832 ? ? -55.19  -8.38 
2 1 ALA A 2835 ? ? -161.77 95.97 
# 
_phasing.method   MR 
# 
loop_
_pdbx_unobs_or_zero_occ_residues.id 
_pdbx_unobs_or_zero_occ_residues.PDB_model_num 
_pdbx_unobs_or_zero_occ_residues.polymer_flag 
_pdbx_unobs_or_zero_occ_residues.occupancy_flag 
_pdbx_unobs_or_zero_occ_residues.auth_asym_id 
_pdbx_unobs_or_zero_occ_residues.auth_comp_id 
_pdbx_unobs_or_zero_occ_residues.auth_seq_id 
_pdbx_unobs_or_zero_occ_residues.PDB_ins_code 
_pdbx_unobs_or_zero_occ_residues.label_asym_id 
_pdbx_unobs_or_zero_occ_residues.label_comp_id 
_pdbx_unobs_or_zero_occ_residues.label_seq_id 
1 1 Y 1 A SER 2789 ? A SER 1 
2 1 Y 1 A MET 2790 ? A MET 2 
3 1 Y 1 A SER 2791 ? A SER 3 
4 1 Y 1 A THR 2792 ? A THR 4 
# 
loop_
_chem_comp_atom.comp_id 
_chem_comp_atom.atom_id 
_chem_comp_atom.type_symbol 
_chem_comp_atom.pdbx_aromatic_flag 
_chem_comp_atom.pdbx_stereo_config 
_chem_comp_atom.pdbx_ordinal 
ALA N    N N N 1   
ALA CA   C N S 2   
ALA C    C N N 3   
ALA O    O N N 4   
ALA CB   C N N 5   
ALA OXT  O N N 6   
ALA H    H N N 7   
ALA H2   H N N 8   
ALA HA   H N N 9   
ALA HB1  H N N 10  
ALA HB2  H N N 11  
ALA HB3  H N N 12  
ALA HXT  H N N 13  
ARG N    N N N 14  
ARG CA   C N S 15  
ARG C    C N N 16  
ARG O    O N N 17  
ARG CB   C N N 18  
ARG CG   C N N 19  
ARG CD   C N N 20  
ARG NE   N N N 21  
ARG CZ   C N N 22  
ARG NH1  N N N 23  
ARG NH2  N N N 24  
ARG OXT  O N N 25  
ARG H    H N N 26  
ARG H2   H N N 27  
ARG HA   H N N 28  
ARG HB2  H N N 29  
ARG HB3  H N N 30  
ARG HG2  H N N 31  
ARG HG3  H N N 32  
ARG HD2  H N N 33  
ARG HD3  H N N 34  
ARG HE   H N N 35  
ARG HH11 H N N 36  
ARG HH12 H N N 37  
ARG HH21 H N N 38  
ARG HH22 H N N 39  
ARG HXT  H N N 40  
ASN N    N N N 41  
ASN CA   C N S 42  
ASN C    C N N 43  
ASN O    O N N 44  
ASN CB   C N N 45  
ASN CG   C N N 46  
ASN OD1  O N N 47  
ASN ND2  N N N 48  
ASN OXT  O N N 49  
ASN H    H N N 50  
ASN H2   H N N 51  
ASN HA   H N N 52  
ASN HB2  H N N 53  
ASN HB3  H N N 54  
ASN HD21 H N N 55  
ASN HD22 H N N 56  
ASN HXT  H N N 57  
ASP N    N N N 58  
ASP CA   C N S 59  
ASP C    C N N 60  
ASP O    O N N 61  
ASP CB   C N N 62  
ASP CG   C N N 63  
ASP OD1  O N N 64  
ASP OD2  O N N 65  
ASP OXT  O N N 66  
ASP H    H N N 67  
ASP H2   H N N 68  
ASP HA   H N N 69  
ASP HB2  H N N 70  
ASP HB3  H N N 71  
ASP HD2  H N N 72  
ASP HXT  H N N 73  
CYS N    N N N 74  
CYS CA   C N R 75  
CYS C    C N N 76  
CYS O    O N N 77  
CYS CB   C N N 78  
CYS SG   S N N 79  
CYS OXT  O N N 80  
CYS H    H N N 81  
CYS H2   H N N 82  
CYS HA   H N N 83  
CYS HB2  H N N 84  
CYS HB3  H N N 85  
CYS HG   H N N 86  
CYS HXT  H N N 87  
DMS S    S N N 88  
DMS O    O N N 89  
DMS C1   C N N 90  
DMS C2   C N N 91  
DMS H11  H N N 92  
DMS H12  H N N 93  
DMS H13  H N N 94  
DMS H21  H N N 95  
DMS H22  H N N 96  
DMS H23  H N N 97  
GLN N    N N N 98  
GLN CA   C N S 99  
GLN C    C N N 100 
GLN O    O N N 101 
GLN CB   C N N 102 
GLN CG   C N N 103 
GLN CD   C N N 104 
GLN OE1  O N N 105 
GLN NE2  N N N 106 
GLN OXT  O N N 107 
GLN H    H N N 108 
GLN H2   H N N 109 
GLN HA   H N N 110 
GLN HB2  H N N 111 
GLN HB3  H N N 112 
GLN HG2  H N N 113 
GLN HG3  H N N 114 
GLN HE21 H N N 115 
GLN HE22 H N N 116 
GLN HXT  H N N 117 
GLU N    N N N 118 
GLU CA   C N S 119 
GLU C    C N N 120 
GLU O    O N N 121 
GLU CB   C N N 122 
GLU CG   C N N 123 
GLU CD   C N N 124 
GLU OE1  O N N 125 
GLU OE2  O N N 126 
GLU OXT  O N N 127 
GLU H    H N N 128 
GLU H2   H N N 129 
GLU HA   H N N 130 
GLU HB2  H N N 131 
GLU HB3  H N N 132 
GLU HG2  H N N 133 
GLU HG3  H N N 134 
GLU HE2  H N N 135 
GLU HXT  H N N 136 
GLY N    N N N 137 
GLY CA   C N N 138 
GLY C    C N N 139 
GLY O    O N N 140 
GLY OXT  O N N 141 
GLY H    H N N 142 
GLY H2   H N N 143 
GLY HA2  H N N 144 
GLY HA3  H N N 145 
GLY HXT  H N N 146 
HIS N    N N N 147 
HIS CA   C N S 148 
HIS C    C N N 149 
HIS O    O N N 150 
HIS CB   C N N 151 
HIS CG   C Y N 152 
HIS ND1  N Y N 153 
HIS CD2  C Y N 154 
HIS CE1  C Y N 155 
HIS NE2  N Y N 156 
HIS OXT  O N N 157 
HIS H    H N N 158 
HIS H2   H N N 159 
HIS HA   H N N 160 
HIS HB2  H N N 161 
HIS HB3  H N N 162 
HIS HD1  H N N 163 
HIS HD2  H N N 164 
HIS HE1  H N N 165 
HIS HE2  H N N 166 
HIS HXT  H N N 167 
HOH O    O N N 168 
HOH H1   H N N 169 
HOH H2   H N N 170 
ILE N    N N N 171 
ILE CA   C N S 172 
ILE C    C N N 173 
ILE O    O N N 174 
ILE CB   C N S 175 
ILE CG1  C N N 176 
ILE CG2  C N N 177 
ILE CD1  C N N 178 
ILE OXT  O N N 179 
ILE H    H N N 180 
ILE H2   H N N 181 
ILE HA   H N N 182 
ILE HB   H N N 183 
ILE HG12 H N N 184 
ILE HG13 H N N 185 
ILE HG21 H N N 186 
ILE HG22 H N N 187 
ILE HG23 H N N 188 
ILE HD11 H N N 189 
ILE HD12 H N N 190 
ILE HD13 H N N 191 
ILE HXT  H N N 192 
LEU N    N N N 193 
LEU CA   C N S 194 
LEU C    C N N 195 
LEU O    O N N 196 
LEU CB   C N N 197 
LEU CG   C N N 198 
LEU CD1  C N N 199 
LEU CD2  C N N 200 
LEU OXT  O N N 201 
LEU H    H N N 202 
LEU H2   H N N 203 
LEU HA   H N N 204 
LEU HB2  H N N 205 
LEU HB3  H N N 206 
LEU HG   H N N 207 
LEU HD11 H N N 208 
LEU HD12 H N N 209 
LEU HD13 H N N 210 
LEU HD21 H N N 211 
LEU HD22 H N N 212 
LEU HD23 H N N 213 
LEU HXT  H N N 214 
LYS N    N N N 215 
LYS CA   C N S 216 
LYS C    C N N 217 
LYS O    O N N 218 
LYS CB   C N N 219 
LYS CG   C N N 220 
LYS CD   C N N 221 
LYS CE   C N N 222 
LYS NZ   N N N 223 
LYS OXT  O N N 224 
LYS H    H N N 225 
LYS H2   H N N 226 
LYS HA   H N N 227 
LYS HB2  H N N 228 
LYS HB3  H N N 229 
LYS HG2  H N N 230 
LYS HG3  H N N 231 
LYS HD2  H N N 232 
LYS HD3  H N N 233 
LYS HE2  H N N 234 
LYS HE3  H N N 235 
LYS HZ1  H N N 236 
LYS HZ2  H N N 237 
LYS HZ3  H N N 238 
LYS HXT  H N N 239 
MET N    N N N 240 
MET CA   C N S 241 
MET C    C N N 242 
MET O    O N N 243 
MET CB   C N N 244 
MET CG   C N N 245 
MET SD   S N N 246 
MET CE   C N N 247 
MET OXT  O N N 248 
MET H    H N N 249 
MET H2   H N N 250 
MET HA   H N N 251 
MET HB2  H N N 252 
MET HB3  H N N 253 
MET HG2  H N N 254 
MET HG3  H N N 255 
MET HE1  H N N 256 
MET HE2  H N N 257 
MET HE3  H N N 258 
MET HXT  H N N 259 
PHE N    N N N 260 
PHE CA   C N S 261 
PHE C    C N N 262 
PHE O    O N N 263 
PHE CB   C N N 264 
PHE CG   C Y N 265 
PHE CD1  C Y N 266 
PHE CD2  C Y N 267 
PHE CE1  C Y N 268 
PHE CE2  C Y N 269 
PHE CZ   C Y N 270 
PHE OXT  O N N 271 
PHE H    H N N 272 
PHE H2   H N N 273 
PHE HA   H N N 274 
PHE HB2  H N N 275 
PHE HB3  H N N 276 
PHE HD1  H N N 277 
PHE HD2  H N N 278 
PHE HE1  H N N 279 
PHE HE2  H N N 280 
PHE HZ   H N N 281 
PHE HXT  H N N 282 
PRO N    N N N 283 
PRO CA   C N S 284 
PRO C    C N N 285 
PRO O    O N N 286 
PRO CB   C N N 287 
PRO CG   C N N 288 
PRO CD   C N N 289 
PRO OXT  O N N 290 
PRO H    H N N 291 
PRO HA   H N N 292 
PRO HB2  H N N 293 
PRO HB3  H N N 294 
PRO HG2  H N N 295 
PRO HG3  H N N 296 
PRO HD2  H N N 297 
PRO HD3  H N N 298 
PRO HXT  H N N 299 
SER N    N N N 300 
SER CA   C N S 301 
SER C    C N N 302 
SER O    O N N 303 
SER CB   C N N 304 
SER OG   O N N 305 
SER OXT  O N N 306 
SER H    H N N 307 
SER H2   H N N 308 
SER HA   H N N 309 
SER HB2  H N N 310 
SER HB3  H N N 311 
SER HG   H N N 312 
SER HXT  H N N 313 
THR N    N N N 314 
THR CA   C N S 315 
THR C    C N N 316 
THR O    O N N 317 
THR CB   C N R 318 
THR OG1  O N N 319 
THR CG2  C N N 320 
THR OXT  O N N 321 
THR H    H N N 322 
THR H2   H N N 323 
THR HA   H N N 324 
THR HB   H N N 325 
THR HG1  H N N 326 
THR HG21 H N N 327 
THR HG22 H N N 328 
THR HG23 H N N 329 
THR HXT  H N N 330 
TRP N    N N N 331 
TRP CA   C N S 332 
TRP C    C N N 333 
TRP O    O N N 334 
TRP CB   C N N 335 
TRP CG   C Y N 336 
TRP CD1  C Y N 337 
TRP CD2  C Y N 338 
TRP NE1  N Y N 339 
TRP CE2  C Y N 340 
TRP CE3  C Y N 341 
TRP CZ2  C Y N 342 
TRP CZ3  C Y N 343 
TRP CH2  C Y N 344 
TRP OXT  O N N 345 
TRP H    H N N 346 
TRP H2   H N N 347 
TRP HA   H N N 348 
TRP HB2  H N N 349 
TRP HB3  H N N 350 
TRP HD1  H N N 351 
TRP HE1  H N N 352 
TRP HE3  H N N 353 
TRP HZ2  H N N 354 
TRP HZ3  H N N 355 
TRP HH2  H N N 356 
TRP HXT  H N N 357 
TRS C    C N N 358 
TRS C1   C N N 359 
TRS C2   C N N 360 
TRS C3   C N N 361 
TRS N    N N N 362 
TRS O1   O N N 363 
TRS O2   O N N 364 
TRS O3   O N N 365 
TRS H11  H N N 366 
TRS H12  H N N 367 
TRS H21  H N N 368 
TRS H22  H N N 369 
TRS H31  H N N 370 
TRS H32  H N N 371 
TRS HN1  H N N 372 
TRS HN2  H N N 373 
TRS HN3  H N N 374 
TRS HO1  H N N 375 
TRS HO2  H N N 376 
TRS HO3  H N N 377 
TYR N    N N N 378 
TYR CA   C N S 379 
TYR C    C N N 380 
TYR O    O N N 381 
TYR CB   C N N 382 
TYR CG   C Y N 383 
TYR CD1  C Y N 384 
TYR CD2  C Y N 385 
TYR CE1  C Y N 386 
TYR CE2  C Y N 387 
TYR CZ   C Y N 388 
TYR OH   O N N 389 
TYR OXT  O N N 390 
TYR H    H N N 391 
TYR H2   H N N 392 
TYR HA   H N N 393 
TYR HB2  H N N 394 
TYR HB3  H N N 395 
TYR HD1  H N N 396 
TYR HD2  H N N 397 
TYR HE1  H N N 398 
TYR HE2  H N N 399 
TYR HH   H N N 400 
TYR HXT  H N N 401 
VAL N    N N N 402 
VAL CA   C N S 403 
VAL C    C N N 404 
VAL O    O N N 405 
VAL CB   C N N 406 
VAL CG1  C N N 407 
VAL CG2  C N N 408 
VAL OXT  O N N 409 
VAL H    H N N 410 
VAL H2   H N N 411 
VAL HA   H N N 412 
VAL HB   H N N 413 
VAL HG11 H N N 414 
VAL HG12 H N N 415 
VAL HG13 H N N 416 
VAL HG21 H N N 417 
VAL HG22 H N N 418 
VAL HG23 H N N 419 
VAL HXT  H N N 420 
# 
loop_
_chem_comp_bond.comp_id 
_chem_comp_bond.atom_id_1 
_chem_comp_bond.atom_id_2 
_chem_comp_bond.value_order 
_chem_comp_bond.pdbx_aromatic_flag 
_chem_comp_bond.pdbx_stereo_config 
_chem_comp_bond.pdbx_ordinal 
ALA N   CA   sing N N 1   
ALA N   H    sing N N 2   
ALA N   H2   sing N N 3   
ALA CA  C    sing N N 4   
ALA CA  CB   sing N N 5   
ALA CA  HA   sing N N 6   
ALA C   O    doub N N 7   
ALA C   OXT  sing N N 8   
ALA CB  HB1  sing N N 9   
ALA CB  HB2  sing N N 10  
ALA CB  HB3  sing N N 11  
ALA OXT HXT  sing N N 12  
ARG N   CA   sing N N 13  
ARG N   H    sing N N 14  
ARG N   H2   sing N N 15  
ARG CA  C    sing N N 16  
ARG CA  CB   sing N N 17  
ARG CA  HA   sing N N 18  
ARG C   O    doub N N 19  
ARG C   OXT  sing N N 20  
ARG CB  CG   sing N N 21  
ARG CB  HB2  sing N N 22  
ARG CB  HB3  sing N N 23  
ARG CG  CD   sing N N 24  
ARG CG  HG2  sing N N 25  
ARG CG  HG3  sing N N 26  
ARG CD  NE   sing N N 27  
ARG CD  HD2  sing N N 28  
ARG CD  HD3  sing N N 29  
ARG NE  CZ   sing N N 30  
ARG NE  HE   sing N N 31  
ARG CZ  NH1  sing N N 32  
ARG CZ  NH2  doub N N 33  
ARG NH1 HH11 sing N N 34  
ARG NH1 HH12 sing N N 35  
ARG NH2 HH21 sing N N 36  
ARG NH2 HH22 sing N N 37  
ARG OXT HXT  sing N N 38  
ASN N   CA   sing N N 39  
ASN N   H    sing N N 40  
ASN N   H2   sing N N 41  
ASN CA  C    sing N N 42  
ASN CA  CB   sing N N 43  
ASN CA  HA   sing N N 44  
ASN C   O    doub N N 45  
ASN C   OXT  sing N N 46  
ASN CB  CG   sing N N 47  
ASN CB  HB2  sing N N 48  
ASN CB  HB3  sing N N 49  
ASN CG  OD1  doub N N 50  
ASN CG  ND2  sing N N 51  
ASN ND2 HD21 sing N N 52  
ASN ND2 HD22 sing N N 53  
ASN OXT HXT  sing N N 54  
ASP N   CA   sing N N 55  
ASP N   H    sing N N 56  
ASP N   H2   sing N N 57  
ASP CA  C    sing N N 58  
ASP CA  CB   sing N N 59  
ASP CA  HA   sing N N 60  
ASP C   O    doub N N 61  
ASP C   OXT  sing N N 62  
ASP CB  CG   sing N N 63  
ASP CB  HB2  sing N N 64  
ASP CB  HB3  sing N N 65  
ASP CG  OD1  doub N N 66  
ASP CG  OD2  sing N N 67  
ASP OD2 HD2  sing N N 68  
ASP OXT HXT  sing N N 69  
CYS N   CA   sing N N 70  
CYS N   H    sing N N 71  
CYS N   H2   sing N N 72  
CYS CA  C    sing N N 73  
CYS CA  CB   sing N N 74  
CYS CA  HA   sing N N 75  
CYS C   O    doub N N 76  
CYS C   OXT  sing N N 77  
CYS CB  SG   sing N N 78  
CYS CB  HB2  sing N N 79  
CYS CB  HB3  sing N N 80  
CYS SG  HG   sing N N 81  
CYS OXT HXT  sing N N 82  
DMS S   O    doub N N 83  
DMS S   C1   sing N N 84  
DMS S   C2   sing N N 85  
DMS C1  H11  sing N N 86  
DMS C1  H12  sing N N 87  
DMS C1  H13  sing N N 88  
DMS C2  H21  sing N N 89  
DMS C2  H22  sing N N 90  
DMS C2  H23  sing N N 91  
GLN N   CA   sing N N 92  
GLN N   H    sing N N 93  
GLN N   H2   sing N N 94  
GLN CA  C    sing N N 95  
GLN CA  CB   sing N N 96  
GLN CA  HA   sing N N 97  
GLN C   O    doub N N 98  
GLN C   OXT  sing N N 99  
GLN CB  CG   sing N N 100 
GLN CB  HB2  sing N N 101 
GLN CB  HB3  sing N N 102 
GLN CG  CD   sing N N 103 
GLN CG  HG2  sing N N 104 
GLN CG  HG3  sing N N 105 
GLN CD  OE1  doub N N 106 
GLN CD  NE2  sing N N 107 
GLN NE2 HE21 sing N N 108 
GLN NE2 HE22 sing N N 109 
GLN OXT HXT  sing N N 110 
GLU N   CA   sing N N 111 
GLU N   H    sing N N 112 
GLU N   H2   sing N N 113 
GLU CA  C    sing N N 114 
GLU CA  CB   sing N N 115 
GLU CA  HA   sing N N 116 
GLU C   O    doub N N 117 
GLU C   OXT  sing N N 118 
GLU CB  CG   sing N N 119 
GLU CB  HB2  sing N N 120 
GLU CB  HB3  sing N N 121 
GLU CG  CD   sing N N 122 
GLU CG  HG2  sing N N 123 
GLU CG  HG3  sing N N 124 
GLU CD  OE1  doub N N 125 
GLU CD  OE2  sing N N 126 
GLU OE2 HE2  sing N N 127 
GLU OXT HXT  sing N N 128 
GLY N   CA   sing N N 129 
GLY N   H    sing N N 130 
GLY N   H2   sing N N 131 
GLY CA  C    sing N N 132 
GLY CA  HA2  sing N N 133 
GLY CA  HA3  sing N N 134 
GLY C   O    doub N N 135 
GLY C   OXT  sing N N 136 
GLY OXT HXT  sing N N 137 
HIS N   CA   sing N N 138 
HIS N   H    sing N N 139 
HIS N   H2   sing N N 140 
HIS CA  C    sing N N 141 
HIS CA  CB   sing N N 142 
HIS CA  HA   sing N N 143 
HIS C   O    doub N N 144 
HIS C   OXT  sing N N 145 
HIS CB  CG   sing N N 146 
HIS CB  HB2  sing N N 147 
HIS CB  HB3  sing N N 148 
HIS CG  ND1  sing Y N 149 
HIS CG  CD2  doub Y N 150 
HIS ND1 CE1  doub Y N 151 
HIS ND1 HD1  sing N N 152 
HIS CD2 NE2  sing Y N 153 
HIS CD2 HD2  sing N N 154 
HIS CE1 NE2  sing Y N 155 
HIS CE1 HE1  sing N N 156 
HIS NE2 HE2  sing N N 157 
HIS OXT HXT  sing N N 158 
HOH O   H1   sing N N 159 
HOH O   H2   sing N N 160 
ILE N   CA   sing N N 161 
ILE N   H    sing N N 162 
ILE N   H2   sing N N 163 
ILE CA  C    sing N N 164 
ILE CA  CB   sing N N 165 
ILE CA  HA   sing N N 166 
ILE C   O    doub N N 167 
ILE C   OXT  sing N N 168 
ILE CB  CG1  sing N N 169 
ILE CB  CG2  sing N N 170 
ILE CB  HB   sing N N 171 
ILE CG1 CD1  sing N N 172 
ILE CG1 HG12 sing N N 173 
ILE CG1 HG13 sing N N 174 
ILE CG2 HG21 sing N N 175 
ILE CG2 HG22 sing N N 176 
ILE CG2 HG23 sing N N 177 
ILE CD1 HD11 sing N N 178 
ILE CD1 HD12 sing N N 179 
ILE CD1 HD13 sing N N 180 
ILE OXT HXT  sing N N 181 
LEU N   CA   sing N N 182 
LEU N   H    sing N N 183 
LEU N   H2   sing N N 184 
LEU CA  C    sing N N 185 
LEU CA  CB   sing N N 186 
LEU CA  HA   sing N N 187 
LEU C   O    doub N N 188 
LEU C   OXT  sing N N 189 
LEU CB  CG   sing N N 190 
LEU CB  HB2  sing N N 191 
LEU CB  HB3  sing N N 192 
LEU CG  CD1  sing N N 193 
LEU CG  CD2  sing N N 194 
LEU CG  HG   sing N N 195 
LEU CD1 HD11 sing N N 196 
LEU CD1 HD12 sing N N 197 
LEU CD1 HD13 sing N N 198 
LEU CD2 HD21 sing N N 199 
LEU CD2 HD22 sing N N 200 
LEU CD2 HD23 sing N N 201 
LEU OXT HXT  sing N N 202 
LYS N   CA   sing N N 203 
LYS N   H    sing N N 204 
LYS N   H2   sing N N 205 
LYS CA  C    sing N N 206 
LYS CA  CB   sing N N 207 
LYS CA  HA   sing N N 208 
LYS C   O    doub N N 209 
LYS C   OXT  sing N N 210 
LYS CB  CG   sing N N 211 
LYS CB  HB2  sing N N 212 
LYS CB  HB3  sing N N 213 
LYS CG  CD   sing N N 214 
LYS CG  HG2  sing N N 215 
LYS CG  HG3  sing N N 216 
LYS CD  CE   sing N N 217 
LYS CD  HD2  sing N N 218 
LYS CD  HD3  sing N N 219 
LYS CE  NZ   sing N N 220 
LYS CE  HE2  sing N N 221 
LYS CE  HE3  sing N N 222 
LYS NZ  HZ1  sing N N 223 
LYS NZ  HZ2  sing N N 224 
LYS NZ  HZ3  sing N N 225 
LYS OXT HXT  sing N N 226 
MET N   CA   sing N N 227 
MET N   H    sing N N 228 
MET N   H2   sing N N 229 
MET CA  C    sing N N 230 
MET CA  CB   sing N N 231 
MET CA  HA   sing N N 232 
MET C   O    doub N N 233 
MET C   OXT  sing N N 234 
MET CB  CG   sing N N 235 
MET CB  HB2  sing N N 236 
MET CB  HB3  sing N N 237 
MET CG  SD   sing N N 238 
MET CG  HG2  sing N N 239 
MET CG  HG3  sing N N 240 
MET SD  CE   sing N N 241 
MET CE  HE1  sing N N 242 
MET CE  HE2  sing N N 243 
MET CE  HE3  sing N N 244 
MET OXT HXT  sing N N 245 
PHE N   CA   sing N N 246 
PHE N   H    sing N N 247 
PHE N   H2   sing N N 248 
PHE CA  C    sing N N 249 
PHE CA  CB   sing N N 250 
PHE CA  HA   sing N N 251 
PHE C   O    doub N N 252 
PHE C   OXT  sing N N 253 
PHE CB  CG   sing N N 254 
PHE CB  HB2  sing N N 255 
PHE CB  HB3  sing N N 256 
PHE CG  CD1  doub Y N 257 
PHE CG  CD2  sing Y N 258 
PHE CD1 CE1  sing Y N 259 
PHE CD1 HD1  sing N N 260 
PHE CD2 CE2  doub Y N 261 
PHE CD2 HD2  sing N N 262 
PHE CE1 CZ   doub Y N 263 
PHE CE1 HE1  sing N N 264 
PHE CE2 CZ   sing Y N 265 
PHE CE2 HE2  sing N N 266 
PHE CZ  HZ   sing N N 267 
PHE OXT HXT  sing N N 268 
PRO N   CA   sing N N 269 
PRO N   CD   sing N N 270 
PRO N   H    sing N N 271 
PRO CA  C    sing N N 272 
PRO CA  CB   sing N N 273 
PRO CA  HA   sing N N 274 
PRO C   O    doub N N 275 
PRO C   OXT  sing N N 276 
PRO CB  CG   sing N N 277 
PRO CB  HB2  sing N N 278 
PRO CB  HB3  sing N N 279 
PRO CG  CD   sing N N 280 
PRO CG  HG2  sing N N 281 
PRO CG  HG3  sing N N 282 
PRO CD  HD2  sing N N 283 
PRO CD  HD3  sing N N 284 
PRO OXT HXT  sing N N 285 
SER N   CA   sing N N 286 
SER N   H    sing N N 287 
SER N   H2   sing N N 288 
SER CA  C    sing N N 289 
SER CA  CB   sing N N 290 
SER CA  HA   sing N N 291 
SER C   O    doub N N 292 
SER C   OXT  sing N N 293 
SER CB  OG   sing N N 294 
SER CB  HB2  sing N N 295 
SER CB  HB3  sing N N 296 
SER OG  HG   sing N N 297 
SER OXT HXT  sing N N 298 
THR N   CA   sing N N 299 
THR N   H    sing N N 300 
THR N   H2   sing N N 301 
THR CA  C    sing N N 302 
THR CA  CB   sing N N 303 
THR CA  HA   sing N N 304 
THR C   O    doub N N 305 
THR C   OXT  sing N N 306 
THR CB  OG1  sing N N 307 
THR CB  CG2  sing N N 308 
THR CB  HB   sing N N 309 
THR OG1 HG1  sing N N 310 
THR CG2 HG21 sing N N 311 
THR CG2 HG22 sing N N 312 
THR CG2 HG23 sing N N 313 
THR OXT HXT  sing N N 314 
TRP N   CA   sing N N 315 
TRP N   H    sing N N 316 
TRP N   H2   sing N N 317 
TRP CA  C    sing N N 318 
TRP CA  CB   sing N N 319 
TRP CA  HA   sing N N 320 
TRP C   O    doub N N 321 
TRP C   OXT  sing N N 322 
TRP CB  CG   sing N N 323 
TRP CB  HB2  sing N N 324 
TRP CB  HB3  sing N N 325 
TRP CG  CD1  doub Y N 326 
TRP CG  CD2  sing Y N 327 
TRP CD1 NE1  sing Y N 328 
TRP CD1 HD1  sing N N 329 
TRP CD2 CE2  doub Y N 330 
TRP CD2 CE3  sing Y N 331 
TRP NE1 CE2  sing Y N 332 
TRP NE1 HE1  sing N N 333 
TRP CE2 CZ2  sing Y N 334 
TRP CE3 CZ3  doub Y N 335 
TRP CE3 HE3  sing N N 336 
TRP CZ2 CH2  doub Y N 337 
TRP CZ2 HZ2  sing N N 338 
TRP CZ3 CH2  sing Y N 339 
TRP CZ3 HZ3  sing N N 340 
TRP CH2 HH2  sing N N 341 
TRP OXT HXT  sing N N 342 
TRS C   C1   sing N N 343 
TRS C   C2   sing N N 344 
TRS C   C3   sing N N 345 
TRS C   N    sing N N 346 
TRS C1  O1   sing N N 347 
TRS C1  H11  sing N N 348 
TRS C1  H12  sing N N 349 
TRS C2  O2   sing N N 350 
TRS C2  H21  sing N N 351 
TRS C2  H22  sing N N 352 
TRS C3  O3   sing N N 353 
TRS C3  H31  sing N N 354 
TRS C3  H32  sing N N 355 
TRS N   HN1  sing N N 356 
TRS N   HN2  sing N N 357 
TRS N   HN3  sing N N 358 
TRS O1  HO1  sing N N 359 
TRS O2  HO2  sing N N 360 
TRS O3  HO3  sing N N 361 
TYR N   CA   sing N N 362 
TYR N   H    sing N N 363 
TYR N   H2   sing N N 364 
TYR CA  C    sing N N 365 
TYR CA  CB   sing N N 366 
TYR CA  HA   sing N N 367 
TYR C   O    doub N N 368 
TYR C   OXT  sing N N 369 
TYR CB  CG   sing N N 370 
TYR CB  HB2  sing N N 371 
TYR CB  HB3  sing N N 372 
TYR CG  CD1  doub Y N 373 
TYR CG  CD2  sing Y N 374 
TYR CD1 CE1  sing Y N 375 
TYR CD1 HD1  sing N N 376 
TYR CD2 CE2  doub Y N 377 
TYR CD2 HD2  sing N N 378 
TYR CE1 CZ   doub Y N 379 
TYR CE1 HE1  sing N N 380 
TYR CE2 CZ   sing Y N 381 
TYR CE2 HE2  sing N N 382 
TYR CZ  OH   sing N N 383 
TYR OH  HH   sing N N 384 
TYR OXT HXT  sing N N 385 
VAL N   CA   sing N N 386 
VAL N   H    sing N N 387 
VAL N   H2   sing N N 388 
VAL CA  C    sing N N 389 
VAL CA  CB   sing N N 390 
VAL CA  HA   sing N N 391 
VAL C   O    doub N N 392 
VAL C   OXT  sing N N 393 
VAL CB  CG1  sing N N 394 
VAL CB  CG2  sing N N 395 
VAL CB  HB   sing N N 396 
VAL CG1 HG11 sing N N 397 
VAL CG1 HG12 sing N N 398 
VAL CG1 HG13 sing N N 399 
VAL CG2 HG21 sing N N 400 
VAL CG2 HG22 sing N N 401 
VAL CG2 HG23 sing N N 402 
VAL OXT HXT  sing N N 403 
# 
_pdbx_deposit_group.group_id            G_1002124 
_pdbx_deposit_group.group_description   
;BROMODOMAIN OF HUMAN NUCLEOSOME-REMODELING FACTOR SUBUNIT BPTF screened against the 3D-Fragment Consortium Library by
X-ray Crystallography at the XChem facility of Diamond Light Source beamline I04-1
;
_pdbx_deposit_group.group_title         
;PanDDA analysis group deposition of ground-state model of bromodomain of human nucleosome-remodeling factor subunit
BPTF
;
_pdbx_deposit_group.group_type          'ground state' 
# 
_atom_sites.entry_id                    5R4O 
_atom_sites.fract_transf_matrix[1][1]   0.00278689 
_atom_sites.fract_transf_matrix[1][2]   -0.00739249 
_atom_sites.fract_transf_matrix[1][3]   0.00430607 
_atom_sites.fract_transf_matrix[2][1]   -0.02327750 
_atom_sites.fract_transf_matrix[2][2]   0.00709846 
_atom_sites.fract_transf_matrix[2][3]   0.02725159 
_atom_sites.fract_transf_matrix[3][1]   -0.01754049 
_atom_sites.fract_transf_matrix[3][2]   -0.01631575 
_atom_sites.fract_transf_matrix[3][3]   -0.01073266 
_atom_sites.fract_transf_vector[1]      -0.129622 
_atom_sites.fract_transf_vector[2]      0.445497 
_atom_sites.fract_transf_vector[3]      0.040939 
# 
loop_
_atom_type.symbol 
C 
N 
O 
S 
# 
loop_
_atom_site.group_PDB 
_atom_site.id 
_atom_site.type_symbol 
_atom_site.label_atom_id 
_atom_site.label_alt_id 
_atom_site.label_comp_id 
_atom_site.label_asym_id 
_atom_site.label_entity_id 
_atom_site.label_seq_id 
_atom_site.pdbx_PDB_ins_code 
_atom_site.Cartn_x 
_atom_site.Cartn_y 
_atom_site.Cartn_z 
_atom_site.occupancy 
_atom_site.B_iso_or_equiv 
_atom_site.pdbx_formal_charge 
_atom_site.auth_seq_id 
_atom_site.auth_comp_id 
_atom_site.auth_asym_id 
_atom_site.auth_atom_id 
_atom_site.pdbx_PDB_model_num 
ATOM   1    N N   . GLU A 1 5   ? -10.847 -12.705 2.007   1.00 24.40 ? 2793 GLU A N   1 
ATOM   2    C CA  . GLU A 1 5   ? -11.588 -11.664 1.236   1.00 19.42 ? 2793 GLU A CA  1 
ATOM   3    C C   . GLU A 1 5   ? -12.955 -12.134 0.754   1.00 17.54 ? 2793 GLU A C   1 
ATOM   4    O O   . GLU A 1 5   ? -13.106 -13.296 0.371   1.00 21.06 ? 2793 GLU A O   1 
ATOM   5    C CB  . GLU A 1 5   ? -10.760 -11.172 0.051   1.00 15.45 ? 2793 GLU A CB  1 
ATOM   6    C CG  . GLU A 1 5   ? -9.533  -10.385 0.519   1.00 15.97 ? 2793 GLU A CG  1 
ATOM   7    C CD  . GLU A 1 5   ? -8.620  -9.986  -0.633  1.00 15.96 ? 2793 GLU A CD  1 
ATOM   8    O OE1 . GLU A 1 5   ? -8.514  -10.787 -1.645  1.00 15.43 ? 2793 GLU A OE1 1 
ATOM   9    O OE2 . GLU A 1 5   ? -7.928  -8.940  -0.541  1.00 14.46 ? 2793 GLU A OE2 1 
ATOM   10   N N   . ASP A 1 6   ? -13.900 -11.216 0.688   1.00 16.06 ? 2794 ASP A N   1 
ATOM   11   C CA  A ASP A 1 6   ? -15.204 -11.553 0.158   0.50 16.07 ? 2794 ASP A CA  1 
ATOM   12   C CA  B ASP A 1 6   ? -15.242 -11.456 0.173   0.50 16.37 ? 2794 ASP A CA  1 
ATOM   13   C C   . ASP A 1 6   ? -15.250 -11.645 -1.365  1.00 15.86 ? 2794 ASP A C   1 
ATOM   14   O O   . ASP A 1 6   ? -14.270 -11.235 -2.067  1.00 14.12 ? 2794 ASP A O   1 
ATOM   15   C CB  A ASP A 1 6   ? -16.310 -10.675 0.774   0.50 15.81 ? 2794 ASP A CB  1 
ATOM   16   C CB  B ASP A 1 6   ? -16.187 -10.317 0.618   0.50 16.33 ? 2794 ASP A CB  1 
ATOM   17   C CG  A ASP A 1 6   ? -16.298 -9.240  0.324   0.50 16.65 ? 2794 ASP A CG  1 
ATOM   18   C CG  B ASP A 1 6   ? -15.791 -8.942  0.026   0.50 18.32 ? 2794 ASP A CG  1 
ATOM   19   O OD1 A ASP A 1 6   ? -15.545 -8.892  -0.625  0.50 15.68 ? 2794 ASP A OD1 1 
ATOM   20   O OD1 B ASP A 1 6   ? -14.814 -8.339  0.516   0.50 17.35 ? 2794 ASP A OD1 1 
ATOM   21   O OD2 A ASP A 1 6   ? -17.084 -8.459  0.891   0.50 17.62 ? 2794 ASP A OD2 1 
ATOM   22   O OD2 B ASP A 1 6   ? -16.464 -8.481  -0.936  0.50 16.67 ? 2794 ASP A OD2 1 
ATOM   23   N N   . ALA A 1 7   ? -16.325 -12.226 -1.916  1.00 16.19 ? 2795 ALA A N   1 
ATOM   24   C CA  . ALA A 1 7   ? -16.421 -12.475 -3.311  1.00 13.33 ? 2795 ALA A CA  1 
ATOM   25   C C   . ALA A 1 7   ? -16.361 -11.190 -4.129  1.00 13.60 ? 2795 ALA A C   1 
ATOM   26   O O   . ALA A 1 7   ? -15.741 -11.175 -5.245  1.00 15.24 ? 2795 ALA A O   1 
ATOM   27   C CB  . ALA A 1 7   ? -17.684 -13.261 -3.648  1.00 15.33 ? 2795 ALA A CB  1 
ATOM   28   N N   . MET A 1 8   ? -17.017 -10.117 -3.694  1.00 12.50 ? 2796 MET A N   1 
ATOM   29   C CA  . MET A 1 8   ? -16.918 -8.851  -4.441  1.00 11.76 ? 2796 MET A CA  1 
ATOM   30   C C   . MET A 1 8   ? -15.467 -8.315  -4.595  1.00 11.09 ? 2796 MET A C   1 
ATOM   31   O O   . MET A 1 8   ? -15.030 -7.903  -5.677  1.00 11.10 ? 2796 MET A O   1 
ATOM   32   C CB  . MET A 1 8   ? -17.821 -7.780  -3.776  0.70 12.90 ? 2796 MET A CB  1 
ATOM   33   C CG  . MET A 1 8   ? -18.007 -6.517  -4.625  0.70 16.63 ? 2796 MET A CG  1 
ATOM   34   S SD  . MET A 1 8   ? -19.012 -5.175  -3.939  0.70 21.96 ? 2796 MET A SD  1 
ATOM   35   C CE  . MET A 1 8   ? -19.476 -4.187  -5.340  0.70 24.01 ? 2796 MET A CE  1 
ATOM   36   N N   . THR A 1 9   ? -14.698 -8.430  -3.504  1.00 11.15 ? 2797 THR A N   1 
ATOM   37   C CA  . THR A 1 9   ? -13.292 -7.987  -3.535  1.00 10.43 ? 2797 THR A CA  1 
ATOM   38   C C   . THR A 1 9   ? -12.491 -8.782  -4.518  1.00 10.59 ? 2797 THR A C   1 
ATOM   39   O O   . THR A 1 9   ? -11.653 -8.215  -5.278  1.00 10.01 ? 2797 THR A O   1 
ATOM   40   C CB  . THR A 1 9   ? -12.715 -8.053  -2.048  1.00 10.49 ? 2797 THR A CB  1 
ATOM   41   O OG1 . THR A 1 9   ? -13.441 -7.042  -1.271  1.00 12.11 ? 2797 THR A OG1 1 
ATOM   42   C CG2 . THR A 1 9   ? -11.272 -7.804  -1.983  1.00 10.35 ? 2797 THR A CG2 1 
ATOM   43   N N   . VAL A 1 10  ? -12.711 -10.133 -4.536  1.00 10.27 ? 2798 VAL A N   1 
ATOM   44   C CA  . VAL A 1 10  ? -11.960 -10.983 -5.414  1.00 10.72 ? 2798 VAL A CA  1 
ATOM   45   C C   . VAL A 1 10  ? -12.402 -10.848 -6.931  1.00 10.54 ? 2798 VAL A C   1 
ATOM   46   O O   . VAL A 1 10  ? -11.545 -10.929 -7.842  1.00 11.68 ? 2798 VAL A O   1 
ATOM   47   C CB  . VAL A 1 10  ? -11.994 -12.446 -4.923  1.00 11.36 ? 2798 VAL A CB  1 
ATOM   48   C CG1 . VAL A 1 10  ? -11.252 -13.351 -5.873  1.00 13.11 ? 2798 VAL A CG1 1 
ATOM   49   C CG2 . VAL A 1 10  ? -11.399 -12.504 -3.497  1.00 12.93 ? 2798 VAL A CG2 1 
ATOM   50   N N   . LEU A 1 11  ? -13.716 -10.746 -7.154  1.00 11.49 ? 2799 LEU A N   1 
ATOM   51   C CA  . LEU A 1 11  ? -14.274 -11.024 -8.551  1.00 10.89 ? 2799 LEU A CA  1 
ATOM   52   C C   . LEU A 1 11  ? -14.998 -9.890  -9.219  1.00 12.29 ? 2799 LEU A C   1 
ATOM   53   O O   . LEU A 1 11  ? -15.196 -9.958  -10.440 1.00 12.78 ? 2799 LEU A O   1 
ATOM   54   C CB  . LEU A 1 11  ? -15.220 -12.228 -8.445  1.00 14.07 ? 2799 LEU A CB  1 
ATOM   55   C CG  . LEU A 1 11  ? -14.617 -13.579 -8.036  1.00 15.32 ? 2799 LEU A CG  1 
ATOM   56   C CD1 . LEU A 1 11  ? -15.713 -14.613 -7.755  1.00 16.53 ? 2799 LEU A CD1 1 
ATOM   57   C CD2 . LEU A 1 11  ? -13.481 -14.038 -8.924  1.00 16.11 ? 2799 LEU A CD2 1 
ATOM   58   N N   . THR A 1 12  ? -15.357 -8.793  -8.522  1.00 10.95 ? 2800 THR A N   1 
ATOM   59   C CA  . THR A 1 12  ? -16.137 -7.736  -9.180  1.00 11.47 ? 2800 THR A CA  1 
ATOM   60   C C   . THR A 1 12  ? -15.124 -6.814  -9.904  1.00 10.91 ? 2800 THR A C   1 
ATOM   61   O O   . THR A 1 12  ? -14.343 -6.130  -9.215  1.00 11.45 ? 2800 THR A O   1 
ATOM   62   C CB  . THR A 1 12  ? -17.052 -7.004  -8.259  1.00 13.10 ? 2800 THR A CB  1 
ATOM   63   O OG1 . THR A 1 12  ? -17.986 -8.003  -7.748  1.00 15.16 ? 2800 THR A OG1 1 
ATOM   64   C CG2 . THR A 1 12  ? -17.825 -5.822  -8.927  1.00 15.21 ? 2800 THR A CG2 1 
ATOM   65   N N   . PRO A 1 13  ? -15.240 -6.565  -11.200 1.00 11.23 ? 2801 PRO A N   1 
ATOM   66   C CA  . PRO A 1 13  ? -14.260 -5.650  -11.842 1.00 11.75 ? 2801 PRO A CA  1 
ATOM   67   C C   . PRO A 1 13  ? -14.348 -4.257  -11.266 1.00 11.47 ? 2801 PRO A C   1 
ATOM   68   O O   . PRO A 1 13  ? -15.413 -3.767  -10.874 1.00 12.28 ? 2801 PRO A O   1 
ATOM   69   C CB  . PRO A 1 13  ? -14.681 -5.657  -13.326 1.00 12.48 ? 2801 PRO A CB  1 
ATOM   70   C CG  . PRO A 1 13  ? -15.374 -6.975  -13.582 1.00 13.90 ? 2801 PRO A CG  1 
ATOM   71   C CD  . PRO A 1 13  ? -16.065 -7.259  -12.266 1.00 13.44 ? 2801 PRO A CD  1 
ATOM   72   N N   . LEU A 1 14  ? -13.168 -3.578  -11.253 1.00 10.11 ? 2802 LEU A N   1 
ATOM   73   C CA  . LEU A 1 14  ? -13.110 -2.191  -10.781 1.00 10.51 ? 2802 LEU A CA  1 
ATOM   74   C C   . LEU A 1 14  ? -13.734 -1.276  -11.877 1.00 10.61 ? 2802 LEU A C   1 
ATOM   75   O O   . LEU A 1 14  ? -13.228 -1.261  -13.017 1.00 15.02 ? 2802 LEU A O   1 
ATOM   76   C CB  . LEU A 1 14  ? -11.633 -1.794  -10.561 1.00 10.12 ? 2802 LEU A CB  1 
ATOM   77   C CG  . LEU A 1 14  ? -11.045 -2.444  -9.267  1.00 10.64 ? 2802 LEU A CG  1 
ATOM   78   C CD1 . LEU A 1 14  ? -9.494  -2.331  -9.338  1.00 10.85 ? 2802 LEU A CD1 1 
ATOM   79   C CD2 . LEU A 1 14  ? -11.611 -1.914  -7.982  1.00 11.67 ? 2802 LEU A CD2 1 
ATOM   80   N N   . THR A 1 15  ? -14.729 -0.544  -11.517 1.00 11.57 ? 2803 THR A N   1 
ATOM   81   C CA  . THR A 1 15  ? -15.358 0.431   -12.473 1.00 13.13 ? 2803 THR A CA  1 
ATOM   82   C C   . THR A 1 15  ? -14.659 1.781   -12.386 1.00 13.95 ? 2803 THR A C   1 
ATOM   83   O O   . THR A 1 15  ? -13.770 2.059   -11.551 1.00 11.69 ? 2803 THR A O   1 
ATOM   84   C CB  . THR A 1 15  ? -16.786 0.679   -12.030 1.00 15.48 ? 2803 THR A CB  1 
ATOM   85   O OG1 . THR A 1 15  ? -16.843 1.280   -10.750 1.00 14.08 ? 2803 THR A OG1 1 
ATOM   86   C CG2 . THR A 1 15  ? -17.658 -0.640  -12.017 1.00 16.80 ? 2803 THR A CG2 1 
ATOM   87   N N   . GLU A 1 16  ? -15.050 2.746   -13.264 1.00 15.60 ? 2804 GLU A N   1 
ATOM   88   C CA  . GLU A 1 16  ? -14.585 4.162   -13.086 1.00 13.52 ? 2804 GLU A CA  1 
ATOM   89   C C   . GLU A 1 16  ? -14.854 4.792   -11.727 1.00 12.72 ? 2804 GLU A C   1 
ATOM   90   O O   . GLU A 1 16  ? -13.957 5.440   -11.187 1.00 13.06 ? 2804 GLU A O   1 
ATOM   91   C CB  . GLU A 1 16  ? -14.998 5.081   -14.289 1.00 18.01 ? 2804 GLU A CB  1 
ATOM   92   C CG  . GLU A 1 16  ? -14.039 4.777   -15.515 1.00 24.19 ? 2804 GLU A CG  1 
ATOM   93   C CD  . GLU A 1 16  ? -12.504 5.112   -15.352 1.00 30.74 ? 2804 GLU A CD  1 
ATOM   94   O OE1 . GLU A 1 16  ? -12.139 6.257   -14.990 1.00 33.23 ? 2804 GLU A OE1 1 
ATOM   95   O OE2 . GLU A 1 16  ? -11.612 4.238   -15.654 1.00 32.40 ? 2804 GLU A OE2 1 
ATOM   96   N N   . LYS A 1 17  ? -16.061 4.616   -11.169 1.00 14.29 ? 2805 LYS A N   1 
ATOM   97   C CA  . LYS A 1 17  ? -16.361 5.031   -9.847  1.00 15.06 ? 2805 LYS A CA  1 
ATOM   98   C C   . LYS A 1 17  ? -15.449 4.419   -8.759  1.00 12.82 ? 2805 LYS A C   1 
ATOM   99   O O   . LYS A 1 17  ? -14.928 5.080   -7.873  1.00 13.18 ? 2805 LYS A O   1 
ATOM   100  C CB  . LYS A 1 17  ? -17.848 4.745   -9.508  1.00 19.37 ? 2805 LYS A CB  1 
ATOM   101  C CG  . LYS A 1 17  ? -18.256 5.507   -8.268  1.00 29.14 ? 2805 LYS A CG  1 
ATOM   102  C CD  . LYS A 1 17  ? -19.744 5.297   -7.870  1.00 37.18 ? 2805 LYS A CD  1 
ATOM   103  C CE  . LYS A 1 17  ? -20.725 5.489   -9.031  1.00 42.98 ? 2805 LYS A CE  1 
ATOM   104  N NZ  . LYS A 1 17  ? -21.128 4.176   -9.642  1.00 47.48 ? 2805 LYS A NZ  1 
ATOM   105  N N   . ASP A 1 18  ? -15.263 3.113   -8.889  1.00 11.88 ? 2806 ASP A N   1 
ATOM   106  C CA  . ASP A 1 18  ? -14.301 2.415   -7.984  1.00 10.74 ? 2806 ASP A CA  1 
ATOM   107  C C   . ASP A 1 18  ? -12.908 3.125   -8.078  1.00 9.09  ? 2806 ASP A C   1 
ATOM   108  O O   . ASP A 1 18  ? -12.261 3.289   -7.046  1.00 9.92  ? 2806 ASP A O   1 
ATOM   109  C CB  . ASP A 1 18  ? -14.156 0.947   -8.323  1.00 9.89  ? 2806 ASP A CB  1 
ATOM   110  C CG  . ASP A 1 18  ? -15.396 0.081   -8.020  1.00 11.68 ? 2806 ASP A CG  1 
ATOM   111  O OD1 . ASP A 1 18  ? -16.060 0.370   -7.035  1.00 14.27 ? 2806 ASP A OD1 1 
ATOM   112  O OD2 . ASP A 1 18  ? -15.588 -0.940  -8.729  1.00 12.44 ? 2806 ASP A OD2 1 
ATOM   113  N N   . TYR A 1 19  ? -12.430 3.430   -9.271  1.00 9.73  ? 2807 TYR A N   1 
ATOM   114  C CA  . TYR A 1 19  ? -11.108 4.041   -9.437  1.00 9.88  ? 2807 TYR A CA  1 
ATOM   115  C C   . TYR A 1 19  ? -11.028 5.424   -8.762  1.00 10.91 ? 2807 TYR A C   1 
ATOM   116  O O   . TYR A 1 19  ? -9.963  5.740   -8.231  1.00 11.01 ? 2807 TYR A O   1 
ATOM   117  C CB  . TYR A 1 19  ? -10.635 4.054   -10.926 1.00 10.24 ? 2807 TYR A CB  1 
ATOM   118  C CG  . TYR A 1 19  ? -9.714  2.983   -11.311 1.00 9.44  ? 2807 TYR A CG  1 
ATOM   119  C CD1 . TYR A 1 19  ? -10.123 1.754   -11.735 1.00 9.51  ? 2807 TYR A CD1 1 
ATOM   120  C CD2 . TYR A 1 19  ? -8.354  3.147   -11.097 1.00 10.23 ? 2807 TYR A CD2 1 
ATOM   121  C CE1 . TYR A 1 19  ? -9.220  0.721   -12.050 1.00 9.75  ? 2807 TYR A CE1 1 
ATOM   122  C CE2 . TYR A 1 19  ? -7.477  2.153   -11.406 1.00 11.30 ? 2807 TYR A CE2 1 
ATOM   123  C CZ  . TYR A 1 19  ? -7.859  0.936   -11.838 1.00 9.13  ? 2807 TYR A CZ  1 
ATOM   124  O OH  . TYR A 1 19  ? -6.931  -0.058  -12.125 1.00 11.00 ? 2807 TYR A OH  1 
ATOM   125  N N   . GLU A 1 20  ? -12.085 6.210   -8.777  1.00 11.43 ? 2808 GLU A N   1 
ATOM   126  C CA  . GLU A 1 20  ? -12.092 7.453   -7.991  1.00 12.92 ? 2808 GLU A CA  1 
ATOM   127  C C   . GLU A 1 20  ? -11.879 7.205   -6.492  1.00 11.70 ? 2808 GLU A C   1 
ATOM   128  O O   . GLU A 1 20  ? -11.118 7.922   -5.785  1.00 12.28 ? 2808 GLU A O   1 
ATOM   129  C CB  . GLU A 1 20  ? -13.317 8.237   -8.349  1.00 15.83 ? 2808 GLU A CB  1 
ATOM   130  C CG  . GLU A 1 20  ? -13.207 8.838   -9.795  1.00 19.41 ? 2808 GLU A CG  1 
ATOM   131  C CD  . GLU A 1 20  ? -11.850 9.564   -10.163 1.00 25.35 ? 2808 GLU A CD  1 
ATOM   132  O OE1 . GLU A 1 20  ? -11.373 10.518  -9.492  1.00 31.56 ? 2808 GLU A OE1 1 
ATOM   133  O OE2 . GLU A 1 20  ? -11.181 9.113   -11.141 1.00 30.86 ? 2808 GLU A OE2 1 
ATOM   134  N N   . GLY A 1 21  ? -12.495 6.129   -5.966  1.00 11.06 ? 2809 GLY A N   1 
ATOM   135  C CA  . GLY A 1 21  ? -12.282 5.763   -4.579  1.00 10.64 ? 2809 GLY A CA  1 
ATOM   136  C C   . GLY A 1 21  ? -10.856 5.220   -4.326  1.00 10.11 ? 2809 GLY A C   1 
ATOM   137  O O   . GLY A 1 21  ? -10.297 5.534   -3.224  1.00 11.77 ? 2809 GLY A O   1 
ATOM   138  N N   . LEU A 1 22  ? -10.267 4.451   -5.227  1.00 10.08 ? 2810 LEU A N   1 
ATOM   139  C CA  . LEU A 1 22  ? -8.844  4.017   -5.066  1.00 9.09  ? 2810 LEU A CA  1 
ATOM   140  C C   . LEU A 1 22  ? -7.931  5.239   -4.993  1.00 8.57  ? 2810 LEU A C   1 
ATOM   141  O O   . LEU A 1 22  ? -6.964  5.233   -4.214  1.00 9.40  ? 2810 LEU A O   1 
ATOM   142  C CB  . LEU A 1 22  ? -8.379  3.074   -6.155  1.00 10.32 ? 2810 LEU A CB  1 
ATOM   143  C CG  . LEU A 1 22  ? -9.080  1.700   -6.247  1.00 13.17 ? 2810 LEU A CG  1 
ATOM   144  C CD1 . LEU A 1 22  ? -8.466  0.882   -7.402  1.00 14.30 ? 2810 LEU A CD1 1 
ATOM   145  C CD2 . LEU A 1 22  ? -9.076  0.960   -4.929  1.00 14.58 ? 2810 LEU A CD2 1 
ATOM   146  N N   . LYS A 1 23  ? -8.173  6.226   -5.882  1.00 8.96  ? 2811 LYS A N   1 
ATOM   147  C CA  . LYS A 1 23  ? -7.356  7.431   -5.864  1.00 9.37  ? 2811 LYS A CA  1 
ATOM   148  C C   . LYS A 1 23  ? -7.396  8.121   -4.488  1.00 9.47  ? 2811 LYS A C   1 
ATOM   149  O O   . LYS A 1 23  ? -6.341  8.584   -4.001  1.00 10.66 ? 2811 LYS A O   1 
ATOM   150  C CB  . LYS A 1 23  ? -7.756  8.413   -6.980  1.00 10.85 ? 2811 LYS A CB  1 
ATOM   151  C CG  . LYS A 1 23  ? -7.439  7.930   -8.339  1.00 11.79 ? 2811 LYS A CG  1 
ATOM   152  C CD  . LYS A 1 23  ? -8.000  8.891   -9.398  1.00 15.92 ? 2811 LYS A CD  1 
ATOM   153  C CE  . LYS A 1 23  ? -7.835  8.390   -10.784 1.00 19.23 ? 2811 LYS A CE  1 
ATOM   154  N NZ  . LYS A 1 23  ? -8.512  9.449   -11.649 1.00 21.21 ? 2811 LYS A NZ  1 
ATOM   155  N N   . ARG A 1 24  ? -8.584  8.217   -3.938  1.00 9.72  ? 2812 ARG A N   1 
ATOM   156  C CA  . ARG A 1 24  ? -8.750  8.796   -2.575  1.00 10.65 ? 2812 ARG A CA  1 
ATOM   157  C C   . ARG A 1 24  ? -7.983  8.021   -1.527  1.00 10.47 ? 2812 ARG A C   1 
ATOM   158  O O   . ARG A 1 24  ? -7.315  8.653   -0.631  1.00 10.25 ? 2812 ARG A O   1 
ATOM   159  C CB  . ARG A 1 24  ? -10.199 8.959   -2.251  1.00 12.43 ? 2812 ARG A CB  1 
ATOM   160  C CG  . ARG A 1 24  ? -10.523 9.386   -0.810  1.00 18.61 ? 2812 ARG A CG  1 
ATOM   161  C CD  . ARG A 1 24  ? -12.036 9.082   -0.383  1.00 21.12 ? 2812 ARG A CD  1 
ATOM   162  N NE  . ARG A 1 24  ? -12.899 10.140  -0.776  1.00 19.76 ? 2812 ARG A NE  1 
ATOM   163  C CZ  . ARG A 1 24  ? -14.232 10.208  -0.697  1.00 21.70 ? 2812 ARG A CZ  1 
ATOM   164  N NH1 . ARG A 1 24  ? -14.821 11.322  -1.077  1.00 19.72 ? 2812 ARG A NH1 1 
ATOM   165  N NH2 . ARG A 1 24  ? -14.952 9.194   -0.184  1.00 23.87 ? 2812 ARG A NH2 1 
ATOM   166  N N   . VAL A 1 25  ? -8.107  6.675   -1.512  1.00 8.79  ? 2813 VAL A N   1 
ATOM   167  C CA  . VAL A 1 25  ? -7.400  5.880   -0.490  1.00 9.21  ? 2813 VAL A CA  1 
ATOM   168  C C   . VAL A 1 25  ? -5.886  6.138   -0.642  1.00 8.52  ? 2813 VAL A C   1 
ATOM   169  O O   . VAL A 1 25  ? -5.154  6.288   0.370   1.00 8.99  ? 2813 VAL A O   1 
ATOM   170  C CB  . VAL A 1 25  ? -7.740  4.376   -0.686  1.00 9.76  ? 2813 VAL A CB  1 
ATOM   171  C CG1 . VAL A 1 25  ? -6.850  3.494   0.231   1.00 10.89 ? 2813 VAL A CG1 1 
ATOM   172  C CG2 . VAL A 1 25  ? -9.237  4.111   -0.316  1.00 12.52 ? 2813 VAL A CG2 1 
ATOM   173  N N   . LEU A 1 26  ? -5.387  6.101   -1.883  1.00 8.60  ? 2814 LEU A N   1 
ATOM   174  C CA  . LEU A 1 26  ? -3.939  6.268   -2.053  1.00 8.49  ? 2814 LEU A CA  1 
ATOM   175  C C   . LEU A 1 26  ? -3.447  7.635   -1.556  1.00 8.17  ? 2814 LEU A C   1 
ATOM   176  O O   . LEU A 1 26  ? -2.425  7.753   -0.894  1.00 8.66  ? 2814 LEU A O   1 
ATOM   177  C CB  . LEU A 1 26  ? -3.592  6.027   -3.547  1.00 10.85 ? 2814 LEU A CB  1 
ATOM   178  C CG  . LEU A 1 26  ? -2.138  6.129   -3.927  1.00 12.32 ? 2814 LEU A CG  1 
ATOM   179  C CD1 . LEU A 1 26  ? -1.273  5.123   -3.149  1.00 13.51 ? 2814 LEU A CD1 1 
ATOM   180  C CD2 . LEU A 1 26  ? -1.939  5.902   -5.410  1.00 13.37 ? 2814 LEU A CD2 1 
ATOM   181  N N   . ARG A 1 27  ? -4.220  8.715   -1.894  1.00 8.29  ? 2815 ARG A N   1 
ATOM   182  C CA  A ARG A 1 27  ? -3.834  10.066  -1.437  0.50 8.16  ? 2815 ARG A CA  1 
ATOM   183  C CA  B ARG A 1 27  ? -3.838  10.059  -1.429  0.50 8.80  ? 2815 ARG A CA  1 
ATOM   184  C C   . ARG A 1 27  ? -3.842  10.153  0.089   1.00 8.14  ? 2815 ARG A C   1 
ATOM   185  O O   . ARG A 1 27  ? -3.012  10.832  0.679   1.00 9.18  ? 2815 ARG A O   1 
ATOM   186  C CB  A ARG A 1 27  ? -4.760  11.095  -2.022  0.50 9.38  ? 2815 ARG A CB  1 
ATOM   187  C CB  B ARG A 1 27  ? -4.747  11.071  -2.059  0.50 11.20 ? 2815 ARG A CB  1 
ATOM   188  C CG  A ARG A 1 27  ? -4.597  11.406  -3.522  0.50 9.53  ? 2815 ARG A CG  1 
ATOM   189  C CG  B ARG A 1 27  ? -4.431  11.246  -3.546  0.50 12.99 ? 2815 ARG A CG  1 
ATOM   190  C CD  A ARG A 1 27  ? -5.383  12.719  -3.921  0.50 9.97  ? 2815 ARG A CD  1 
ATOM   191  C CD  B ARG A 1 27  ? -5.500  11.974  -4.325  0.50 16.74 ? 2815 ARG A CD  1 
ATOM   192  N NE  A ARG A 1 27  ? -6.791  12.614  -3.539  0.50 10.81 ? 2815 ARG A NE  1 
ATOM   193  N NE  B ARG A 1 27  ? -5.041  12.204  -5.702  0.50 18.56 ? 2815 ARG A NE  1 
ATOM   194  C CZ  A ARG A 1 27  ? -7.851  12.325  -4.331  0.50 10.34 ? 2815 ARG A CZ  1 
ATOM   195  C CZ  B ARG A 1 27  ? -5.867  12.258  -6.721  0.50 18.04 ? 2815 ARG A CZ  1 
ATOM   196  N NH1 A ARG A 1 27  ? -7.687  12.069  -5.600  0.50 12.99 ? 2815 ARG A NH1 1 
ATOM   197  N NH1 B ARG A 1 27  ? -7.135  12.211  -6.476  0.50 15.36 ? 2815 ARG A NH1 1 
ATOM   198  N NH2 A ARG A 1 27  ? -9.012  12.255  -3.832  0.50 11.71 ? 2815 ARG A NH2 1 
ATOM   199  N NH2 B ARG A 1 27  ? -5.435  12.429  -7.944  0.50 21.13 ? 2815 ARG A NH2 1 
ATOM   200  N N   . SER A 1 28  ? -4.809  9.476   0.746   1.00 8.78  ? 2816 SER A N   1 
ATOM   201  C CA  A SER A 1 28  ? -4.811  9.388   2.234   0.75 9.35  ? 2816 SER A CA  1 
ATOM   202  C CA  B SER A 1 28  ? -4.789  9.476   2.226   0.25 9.01  ? 2816 SER A CA  1 
ATOM   203  C C   . SER A 1 28  ? -3.535  8.799   2.787   1.00 8.84  ? 2816 SER A C   1 
ATOM   204  O O   . SER A 1 28  ? -2.945  9.320   3.794   1.00 9.33  ? 2816 SER A O   1 
ATOM   205  C CB  A SER A 1 28  ? -6.028  8.531   2.712   0.75 9.57  ? 2816 SER A CB  1 
ATOM   206  C CB  B SER A 1 28  ? -6.060  8.873   2.848   0.25 9.24  ? 2816 SER A CB  1 
ATOM   207  O OG  A SER A 1 28  ? -7.229  9.275   2.564   0.75 13.23 ? 2816 SER A OG  1 
ATOM   208  O OG  B SER A 1 28  ? -6.154  7.471   2.688   0.25 9.83  ? 2816 SER A OG  1 
ATOM   209  N N   . LEU A 1 29  ? -3.079  7.689   2.204   1.00 8.14  ? 2817 LEU A N   1 
ATOM   210  C CA  A LEU A 1 29  ? -1.810  7.060   2.653   0.50 8.42  ? 2817 LEU A CA  1 
ATOM   211  C CA  B LEU A 1 29  ? -1.819  7.040   2.637   0.50 8.51  ? 2817 LEU A CA  1 
ATOM   212  C C   . LEU A 1 29  ? -0.623  7.976   2.407   1.00 8.32  ? 2817 LEU A C   1 
ATOM   213  O O   . LEU A 1 29  ? 0.253   8.151   3.285   1.00 8.96  ? 2817 LEU A O   1 
ATOM   214  C CB  A LEU A 1 29  ? -1.555  5.664   2.057   0.50 9.34  ? 2817 LEU A CB  1 
ATOM   215  C CB  B LEU A 1 29  ? -1.612  5.650   1.977   0.50 9.52  ? 2817 LEU A CB  1 
ATOM   216  C CG  A LEU A 1 29  ? -2.086  4.518   2.970   0.50 10.98 ? 2817 LEU A CG  1 
ATOM   217  C CG  B LEU A 1 29  ? -2.281  4.432   2.707   0.50 10.98 ? 2817 LEU A CG  1 
ATOM   218  C CD1 A LEU A 1 29  ? -3.546  4.487   3.039   0.50 10.72 ? 2817 LEU A CD1 1 
ATOM   219  C CD1 B LEU A 1 29  ? -1.371  4.007   3.885   0.50 9.91  ? 2817 LEU A CD1 1 
ATOM   220  C CD2 A LEU A 1 29  ? -1.560  3.329   2.391   0.50 12.14 ? 2817 LEU A CD2 1 
ATOM   221  C CD2 B LEU A 1 29  ? -3.731  4.660   3.099   0.50 12.07 ? 2817 LEU A CD2 1 
ATOM   222  N N   . GLN A 1 30  ? -0.551  8.600   1.195   1.00 8.25  ? 2818 GLN A N   1 
ATOM   223  C CA  . GLN A 1 30  ? 0.565   9.509   0.853   1.00 7.91  ? 2818 GLN A CA  1 
ATOM   224  C C   . GLN A 1 30  ? 0.622   10.728  1.801   1.00 8.22  ? 2818 GLN A C   1 
ATOM   225  O O   . GLN A 1 30  ? 1.750   11.303  1.963   1.00 10.31 ? 2818 GLN A O   1 
ATOM   226  C CB  . GLN A 1 30  ? 0.483   9.953   -0.629  1.00 8.41  ? 2818 GLN A CB  1 
ATOM   227  C CG  . GLN A 1 30  ? 0.720   8.787   -1.617  1.00 8.66  ? 2818 GLN A CG  1 
ATOM   228  C CD  . GLN A 1 30  ? 0.402   9.148   -3.000  1.00 9.24  ? 2818 GLN A CD  1 
ATOM   229  O OE1 . GLN A 1 30  ? -0.661  9.744   -3.251  1.00 10.37 ? 2818 GLN A OE1 1 
ATOM   230  N NE2 . GLN A 1 30  ? 1.260   8.792   -3.965  1.00 9.86  ? 2818 GLN A NE2 1 
ATOM   231  N N   . ALA A 1 31  ? -0.444  11.169  2.390   1.00 8.40  ? 2819 ALA A N   1 
ATOM   232  C CA  . ALA A 1 31  ? -0.549  12.331  3.268   1.00 8.82  ? 2819 ALA A CA  1 
ATOM   233  C C   . ALA A 1 31  ? -0.297  11.977  4.716   1.00 9.48  ? 2819 ALA A C   1 
ATOM   234  O O   . ALA A 1 31  ? -0.255  12.919  5.581   1.00 10.94 ? 2819 ALA A O   1 
ATOM   235  C CB  . ALA A 1 31  ? -1.936  13.004  3.144   1.00 10.41 ? 2819 ALA A CB  1 
ATOM   236  N N   . HIS A 1 32  ? -0.182  10.724  5.102   1.00 8.48  ? 2820 HIS A N   1 
ATOM   237  C CA  . HIS A 1 32  ? -0.042  10.339  6.521   1.00 8.50  ? 2820 HIS A CA  1 
ATOM   238  C C   . HIS A 1 32  ? 1.364   10.683  6.980   1.00 8.69  ? 2820 HIS A C   1 
ATOM   239  O O   . HIS A 1 32  ? 2.354   10.535  6.259   1.00 9.06  ? 2820 HIS A O   1 
ATOM   240  C CB  . HIS A 1 32  ? -0.279  8.787   6.638   1.00 8.49  ? 2820 HIS A CB  1 
ATOM   241  C CG  . HIS A 1 32  ? -0.443  8.325   8.067   1.00 8.41  ? 2820 HIS A CG  1 
ATOM   242  N ND1 . HIS A 1 32  ? 0.627   8.165   8.927   1.00 9.82  ? 2820 HIS A ND1 1 
ATOM   243  C CD2 . HIS A 1 32  ? -1.564  7.921   8.739   1.00 9.67  ? 2820 HIS A CD2 1 
ATOM   244  C CE1 . HIS A 1 32  ? 0.129   7.750   10.107  1.00 10.48 ? 2820 HIS A CE1 1 
ATOM   245  N NE2 . HIS A 1 32  ? -1.175  7.558   10.004  1.00 10.59 ? 2820 HIS A NE2 1 
ATOM   246  N N   . LYS A 1 33  ? 1.473   11.153  8.250   1.00 9.78  ? 2821 LYS A N   1 
ATOM   247  C CA  . LYS A 1 33  ? 2.735   11.618  8.760   1.00 12.38 ? 2821 LYS A CA  1 
ATOM   248  C C   . LYS A 1 33  ? 3.840   10.566  8.854   1.00 11.31 ? 2821 LYS A C   1 
ATOM   249  O O   . LYS A 1 33  ? 4.994   10.912  8.980   1.00 13.16 ? 2821 LYS A O   1 
ATOM   250  C CB  . LYS A 1 33  ? 2.560   12.442  10.049  1.00 17.31 ? 2821 LYS A CB  1 
ATOM   251  C CG  . LYS A 1 33  ? 3.028   11.849  11.335  1.00 26.91 ? 2821 LYS A CG  1 
ATOM   252  C CD  . LYS A 1 33  ? 2.411   12.332  12.680  1.00 27.29 ? 2821 LYS A CD  1 
ATOM   253  C CE  . LYS A 1 33  ? 1.369   13.440  12.659  1.00 34.93 ? 2821 LYS A CE  1 
ATOM   254  N NZ  . LYS A 1 33  ? 0.999   13.731  14.102  1.00 44.14 ? 2821 LYS A NZ  1 
ATOM   255  N N   . MET A 1 34  ? 3.469   9.285   8.880   1.00 10.41 ? 2822 MET A N   1 
ATOM   256  C CA  A MET A 1 34  ? 4.413   8.178   8.990   0.50 12.72 ? 2822 MET A CA  1 
ATOM   257  C CA  B MET A 1 34  ? 4.474   8.245   8.942   0.50 12.59 ? 2822 MET A CA  1 
ATOM   258  C C   . MET A 1 34  ? 4.721   7.521   7.633   1.00 11.10 ? 2822 MET A C   1 
ATOM   259  O O   . MET A 1 34  ? 5.394   6.450   7.580   1.00 13.12 ? 2822 MET A O   1 
ATOM   260  C CB  A MET A 1 34  ? 3.938   7.078   10.000  0.50 14.31 ? 2822 MET A CB  1 
ATOM   261  C CB  B MET A 1 34  ? 4.145   7.221   10.017  0.50 14.23 ? 2822 MET A CB  1 
ATOM   262  C CG  A MET A 1 34  ? 3.630   7.595   11.401  0.50 16.31 ? 2822 MET A CG  1 
ATOM   263  C CG  B MET A 1 34  ? 3.985   7.808   11.407  0.50 15.85 ? 2822 MET A CG  1 
ATOM   264  S SD  A MET A 1 34  ? 5.042   8.233   12.336  0.50 19.27 ? 2822 MET A SD  1 
ATOM   265  S SD  B MET A 1 34  ? 4.131   6.364   12.474  0.50 20.28 ? 2822 MET A SD  1 
ATOM   266  C CE  A MET A 1 34  ? 5.593   6.851   13.325  0.50 21.11 ? 2822 MET A CE  1 
ATOM   267  C CE  B MET A 1 34  ? 5.725   6.475   13.293  0.50 20.39 ? 2822 MET A CE  1 
ATOM   268  N N   . ALA A 1 35  ? 4.261   8.127   6.499   1.00 9.43  ? 2823 ALA A N   1 
ATOM   269  C CA  . ALA A 1 35  ? 4.406   7.505   5.172   1.00 9.19  ? 2823 ALA A CA  1 
ATOM   270  C C   . ALA A 1 35  ? 5.730   7.775   4.496   1.00 8.88  ? 2823 ALA A C   1 
ATOM   271  O O   . ALA A 1 35  ? 6.020   7.148   3.469   1.00 8.17  ? 2823 ALA A O   1 
ATOM   272  C CB  . ALA A 1 35  ? 3.242   7.911   4.266   1.00 10.81 ? 2823 ALA A CB  1 
ATOM   273  N N   . TRP A 1 36  ? 6.537   8.758   4.974   1.00 9.32  ? 2824 TRP A N   1 
ATOM   274  C CA  . TRP A 1 36  ? 7.763   9.158   4.340   1.00 9.87  ? 2824 TRP A CA  1 
ATOM   275  C C   . TRP A 1 36  ? 8.703   8.021   3.796   1.00 8.98  ? 2824 TRP A C   1 
ATOM   276  O O   . TRP A 1 36  ? 9.183   8.153   2.681   1.00 11.12 ? 2824 TRP A O   1 
ATOM   277  C CB  . TRP A 1 36  ? 8.662   10.139  5.232   1.00 10.33 ? 2824 TRP A CB  1 
ATOM   278  C CG  . TRP A 1 36  ? 7.868   11.496  5.497   1.00 12.80 ? 2824 TRP A CG  1 
ATOM   279  C CD1 . TRP A 1 36  ? 7.279   11.821  6.595   1.00 14.78 ? 2824 TRP A CD1 1 
ATOM   280  C CD2 . TRP A 1 36  ? 7.693   12.562  4.574   1.00 14.52 ? 2824 TRP A CD2 1 
ATOM   281  N NE1 . TRP A 1 36  ? 6.689   13.071  6.468   1.00 16.29 ? 2824 TRP A NE1 1 
ATOM   282  C CE2 . TRP A 1 36  ? 6.971   13.587  5.256   1.00 16.90 ? 2824 TRP A CE2 1 
ATOM   283  C CE3 . TRP A 1 36  ? 8.114   12.796  3.328   1.00 15.66 ? 2824 TRP A CE3 1 
ATOM   284  C CZ2 . TRP A 1 36  ? 6.557   14.779  4.603   1.00 18.21 ? 2824 TRP A CZ2 1 
ATOM   285  C CZ3 . TRP A 1 36  ? 7.682   14.018  2.684   1.00 18.49 ? 2824 TRP A CZ3 1 
ATOM   286  C CH2 . TRP A 1 36  ? 6.953   14.941  3.358   1.00 17.85 ? 2824 TRP A CH2 1 
ATOM   287  N N   . PRO A 1 37  ? 8.932   6.944   4.573   1.00 10.08 ? 2825 PRO A N   1 
ATOM   288  C CA  . PRO A 1 37  ? 9.874   5.904   4.064   1.00 10.72 ? 2825 PRO A CA  1 
ATOM   289  C C   . PRO A 1 37  ? 9.325   5.128   2.848   1.00 9.17  ? 2825 PRO A C   1 
ATOM   290  O O   . PRO A 1 37  ? 10.105  4.368   2.220   1.00 10.73 ? 2825 PRO A O   1 
ATOM   291  C CB  . PRO A 1 37  ? 10.047  4.945   5.187   1.00 13.30 ? 2825 PRO A CB  1 
ATOM   292  C CG  . PRO A 1 37  ? 9.379   5.533   6.433   1.00 15.86 ? 2825 PRO A CG  1 
ATOM   293  C CD  . PRO A 1 37  ? 8.493   6.642   5.925   1.00 12.24 ? 2825 PRO A CD  1 
ATOM   294  N N   . PHE A 1 38  ? 8.004   5.253   2.526   1.00 9.00  ? 2826 PHE A N   1 
ATOM   295  C CA  . PHE A 1 38  ? 7.302   4.421   1.543   1.00 7.92  ? 2826 PHE A CA  1 
ATOM   296  C C   . PHE A 1 38  ? 6.827   5.176   0.342   1.00 8.05  ? 2826 PHE A C   1 
ATOM   297  O O   . PHE A 1 38  ? 6.241   4.575   -0.598  1.00 8.27  ? 2826 PHE A O   1 
ATOM   298  C CB  . PHE A 1 38  ? 6.087   3.716   2.206   1.00 9.85  ? 2826 PHE A CB  1 
ATOM   299  C CG  . PHE A 1 38  ? 6.364   3.027   3.513   1.00 9.86  ? 2826 PHE A CG  1 
ATOM   300  C CD1 . PHE A 1 38  ? 7.212   1.969   3.582   1.00 10.50 ? 2826 PHE A CD1 1 
ATOM   301  C CD2 . PHE A 1 38  ? 5.687   3.452   4.713   1.00 14.73 ? 2826 PHE A CD2 1 
ATOM   302  C CE1 . PHE A 1 38  ? 7.541   1.364   4.783   1.00 12.04 ? 2826 PHE A CE1 1 
ATOM   303  C CE2 . PHE A 1 38  ? 5.894   2.820   5.944   1.00 16.02 ? 2826 PHE A CE2 1 
ATOM   304  C CZ  . PHE A 1 38  ? 6.879   1.795   5.988   1.00 16.11 ? 2826 PHE A CZ  1 
ATOM   305  N N   . LEU A 1 39  ? 7.136   6.503   0.252   1.00 8.65  ? 2827 LEU A N   1 
ATOM   306  C CA  . LEU A 1 39  ? 6.580   7.315   -0.846  1.00 8.19  ? 2827 LEU A CA  1 
ATOM   307  C C   . LEU A 1 39  ? 7.173   6.959   -2.182  1.00 8.59  ? 2827 LEU A C   1 
ATOM   308  O O   . LEU A 1 39  ? 6.498   7.038   -3.233  1.00 10.19 ? 2827 LEU A O   1 
ATOM   309  C CB  . LEU A 1 39  ? 6.794   8.830   -0.505  1.00 8.80  ? 2827 LEU A CB  1 
ATOM   310  C CG  . LEU A 1 39  ? 5.986   9.400   0.606   1.00 9.10  ? 2827 LEU A CG  1 
ATOM   311  C CD1 . LEU A 1 39  ? 6.357   10.883  0.885   1.00 10.64 ? 2827 LEU A CD1 1 
ATOM   312  C CD2 . LEU A 1 39  ? 4.470   9.308   0.454   1.00 9.83  ? 2827 LEU A CD2 1 
ATOM   313  N N   . GLU A 1 40  ? 8.457   6.633   -2.205  1.00 8.85  ? 2828 GLU A N   1 
ATOM   314  C CA  . GLU A 1 40  ? 9.227   6.368   -3.420  1.00 10.25 ? 2828 GLU A CA  1 
ATOM   315  C C   . GLU A 1 40  ? 10.045  5.064   -3.186  1.00 8.63  ? 2828 GLU A C   1 
ATOM   316  O O   . GLU A 1 40  ? 10.224  4.607   -2.048  1.00 8.49  ? 2828 GLU A O   1 
ATOM   317  C CB  . GLU A 1 40  ? 10.206  7.568   -3.699  1.00 12.19 ? 2828 GLU A CB  1 
ATOM   318  C CG  . GLU A 1 40  ? 9.478   8.900   -4.040  1.00 15.84 ? 2828 GLU A CG  1 
ATOM   319  C CD  . GLU A 1 40  ? 8.899   9.001   -5.394  1.00 20.56 ? 2828 GLU A CD  1 
ATOM   320  O OE1 . GLU A 1 40  ? 9.237   8.217   -6.291  1.00 25.10 ? 2828 GLU A OE1 1 
ATOM   321  O OE2 . GLU A 1 40  ? 7.970   9.875   -5.596  1.00 28.61 ? 2828 GLU A OE2 1 
ATOM   322  N N   . PRO A 1 41  ? 10.584  4.481   -4.303  1.00 10.04 ? 2829 PRO A N   1 
ATOM   323  C CA  . PRO A 1 41  ? 11.406  3.262   -4.152  1.00 9.58  ? 2829 PRO A CA  1 
ATOM   324  C C   . PRO A 1 41  ? 12.526  3.403   -3.146  1.00 10.06 ? 2829 PRO A C   1 
ATOM   325  O O   . PRO A 1 41  ? 13.132  4.565   -3.030  1.00 11.46 ? 2829 PRO A O   1 
ATOM   326  C CB  . PRO A 1 41  ? 11.928  3.064   -5.618  1.00 11.22 ? 2829 PRO A CB  1 
ATOM   327  C CG  . PRO A 1 41  ? 10.907  3.612   -6.484  1.00 11.48 ? 2829 PRO A CG  1 
ATOM   328  C CD  . PRO A 1 41  ? 10.396  4.833   -5.738  1.00 11.56 ? 2829 PRO A CD  1 
ATOM   329  N N   . VAL A 1 42  ? 12.873  2.399   -2.390  1.00 10.45 ? 2830 VAL A N   1 
ATOM   330  C CA  . VAL A 1 42  ? 14.000  2.478   -1.499  1.00 12.31 ? 2830 VAL A CA  1 
ATOM   331  C C   . VAL A 1 42  ? 15.260  2.870   -2.268  1.00 13.36 ? 2830 VAL A C   1 
ATOM   332  O O   . VAL A 1 42  ? 15.529  2.358   -3.348  1.00 13.82 ? 2830 VAL A O   1 
ATOM   333  C CB  . VAL A 1 42  ? 14.224  1.102   -0.822  1.00 14.27 ? 2830 VAL A CB  1 
ATOM   334  C CG1 . VAL A 1 42  ? 15.563  1.011   -0.014  1.00 15.86 ? 2830 VAL A CG1 1 
ATOM   335  C CG2 . VAL A 1 42  ? 12.998  0.729   0.016   1.00 12.81 ? 2830 VAL A CG2 1 
ATOM   336  N N   . ASP A 1 43  ? 16.043  3.811   -1.682  1.00 15.68 ? 2831 ASP A N   1 
ATOM   337  C CA  . ASP A 1 43  ? 17.339  4.248   -2.283  1.00 18.98 ? 2831 ASP A CA  1 
ATOM   338  C C   . ASP A 1 43  ? 18.451  3.284   -1.700  1.00 23.43 ? 2831 ASP A C   1 
ATOM   339  O O   . ASP A 1 43  ? 18.547  3.091   -0.520  1.00 32.09 ? 2831 ASP A O   1 
ATOM   340  C CB  . ASP A 1 43  ? 17.676  5.659   -1.769  1.00 22.04 ? 2831 ASP A CB  1 
ATOM   341  C CG  . ASP A 1 43  ? 18.849  6.319   -2.499  1.00 26.85 ? 2831 ASP A CG  1 
ATOM   342  O OD1 . ASP A 1 43  ? 19.744  5.675   -3.123  1.00 25.51 ? 2831 ASP A OD1 1 
ATOM   343  O OD2 . ASP A 1 43  ? 18.834  7.568   -2.426  1.00 32.14 ? 2831 ASP A OD2 1 
ATOM   344  N N   . PRO A 1 44  ? 19.199  2.653   -2.527  1.00 28.79 ? 2832 PRO A N   1 
ATOM   345  C CA  . PRO A 1 44  ? 20.320  1.741   -2.151  1.00 37.89 ? 2832 PRO A CA  1 
ATOM   346  C C   . PRO A 1 44  ? 21.424  2.263   -1.250  1.00 44.93 ? 2832 PRO A C   1 
ATOM   347  O O   . PRO A 1 44  ? 22.294  1.477   -0.918  1.00 46.56 ? 2832 PRO A O   1 
ATOM   348  C CB  . PRO A 1 44  ? 21.025  1.557   -3.442  1.00 31.16 ? 2832 PRO A CB  1 
ATOM   349  C CG  . PRO A 1 44  ? 19.929  1.508   -4.346  1.00 26.18 ? 2832 PRO A CG  1 
ATOM   350  C CD  . PRO A 1 44  ? 18.895  2.541   -3.905  1.00 21.86 ? 2832 PRO A CD  1 
ATOM   351  N N   . ASN A 1 45  ? 21.461  3.569   -0.952  1.00 51.72 ? 2833 ASN A N   1 
ATOM   352  C CA  . ASN A 1 45  ? 22.456  4.100   -0.030  1.00 57.62 ? 2833 ASN A CA  1 
ATOM   353  C C   . ASN A 1 45  ? 21.909  4.073   1.375   1.00 58.43 ? 2833 ASN A C   1 
ATOM   354  O O   . ASN A 1 45  ? 22.618  3.689   2.299   1.00 63.75 ? 2833 ASN A O   1 
ATOM   355  C CB  . ASN A 1 45  ? 23.021  5.453   -0.512  1.00 60.69 ? 2833 ASN A CB  1 
ATOM   356  C CG  . ASN A 1 45  ? 24.087  5.266   -1.602  1.00 65.61 ? 2833 ASN A CG  1 
ATOM   357  O OD1 . ASN A 1 45  ? 24.612  4.152   -1.761  1.00 61.89 ? 2833 ASN A OD1 1 
ATOM   358  N ND2 . ASN A 1 45  ? 24.406  6.333   -2.365  1.00 53.77 ? 2833 ASN A ND2 1 
ATOM   359  N N   . ASP A 1 46  ? 20.623  4.370   1.529   1.00 64.06 ? 2834 ASP A N   1 
ATOM   360  C CA  . ASP A 1 46  ? 19.905  3.984   2.753   1.00 64.89 ? 2834 ASP A CA  1 
ATOM   361  C C   . ASP A 1 46  ? 19.994  2.438   2.992   1.00 66.29 ? 2834 ASP A C   1 
ATOM   362  O O   . ASP A 1 46  ? 19.844  1.991   4.137   1.00 69.39 ? 2834 ASP A O   1 
ATOM   363  C CB  . ASP A 1 46  ? 18.424  4.451   2.742   1.00 69.32 ? 2834 ASP A CB  1 
ATOM   364  C CG  . ASP A 1 46  ? 18.246  5.927   2.308   1.00 73.34 ? 2834 ASP A CG  1 
ATOM   365  O OD1 . ASP A 1 46  ? 19.248  6.572   1.913   1.00 81.21 ? 2834 ASP A OD1 1 
ATOM   366  O OD2 . ASP A 1 46  ? 17.095  6.433   2.331   1.00 62.32 ? 2834 ASP A OD2 1 
ATOM   367  N N   . ALA A 1 47  ? 20.219  1.643   1.922   1.00 60.61 ? 2835 ALA A N   1 
ATOM   368  C CA  . ALA A 1 47  ? 20.463  0.194   2.031   1.00 53.50 ? 2835 ALA A CA  1 
ATOM   369  C C   . ALA A 1 47  ? 21.131  -0.484  0.787   1.00 49.19 ? 2835 ALA A C   1 
ATOM   370  O O   . ALA A 1 47  ? 20.449  -0.889  -0.192  1.00 32.33 ? 2835 ALA A O   1 
ATOM   371  C CB  . ALA A 1 47  ? 19.164  -0.512  2.390   1.00 58.96 ? 2835 ALA A CB  1 
ATOM   372  N N   . PRO A 1 48  ? 22.477  -0.648  0.814   1.00 41.44 ? 2836 PRO A N   1 
ATOM   373  C CA  . PRO A 1 48  ? 23.108  -1.383  -0.302  1.00 34.58 ? 2836 PRO A CA  1 
ATOM   374  C C   . PRO A 1 48  ? 22.774  -2.902  -0.425  1.00 29.93 ? 2836 PRO A C   1 
ATOM   375  O O   . PRO A 1 48  ? 22.987  -3.481  -1.531  1.00 28.83 ? 2836 PRO A O   1 
ATOM   376  C CB  . PRO A 1 48  ? 24.612  -1.119  -0.107  1.00 40.21 ? 2836 PRO A CB  1 
ATOM   377  C CG  . PRO A 1 48  ? 24.751  -0.572  1.275   1.00 41.89 ? 2836 PRO A CG  1 
ATOM   378  C CD  . PRO A 1 48  ? 23.471  0.149   1.571   1.00 45.00 ? 2836 PRO A CD  1 
ATOM   379  N N   . ASP A 1 49  ? 22.276  -3.527  0.645   1.00 24.63 ? 2837 ASP A N   1 
ATOM   380  C CA  . ASP A 1 49  ? 21.885  -4.917  0.592   1.00 20.37 ? 2837 ASP A CA  1 
ATOM   381  C C   . ASP A 1 49  ? 20.359  -5.066  0.299   1.00 18.80 ? 2837 ASP A C   1 
ATOM   382  O O   . ASP A 1 49  ? 19.925  -6.167  0.098   1.00 19.62 ? 2837 ASP A O   1 
ATOM   383  C CB  . ASP A 1 49  ? 22.207  -5.659  1.881   1.00 25.27 ? 2837 ASP A CB  1 
ATOM   384  C CG  . ASP A 1 49  ? 21.369  -5.236  3.046   1.00 30.23 ? 2837 ASP A CG  1 
ATOM   385  O OD1 . ASP A 1 49  ? 21.034  -4.030  3.203   1.00 30.04 ? 2837 ASP A OD1 1 
ATOM   386  O OD2 . ASP A 1 49  ? 21.076  -6.123  3.882   1.00 39.26 ? 2837 ASP A OD2 1 
ATOM   387  N N   . TYR A 1 50  ? 19.572  -3.971  0.272   1.00 18.82 ? 2838 TYR A N   1 
ATOM   388  C CA  . TYR A 1 50  ? 18.066  -4.090  0.261   1.00 14.31 ? 2838 TYR A CA  1 
ATOM   389  C C   . TYR A 1 50  ? 17.627  -4.939  -0.919  1.00 13.84 ? 2838 TYR A C   1 
ATOM   390  O O   . TYR A 1 50  ? 16.799  -5.830  -0.790  1.00 13.35 ? 2838 TYR A O   1 
ATOM   391  C CB  . TYR A 1 50  ? 17.434  -2.718  0.243   1.00 13.92 ? 2838 TYR A CB  1 
ATOM   392  C CG  . TYR A 1 50  ? 15.930  -2.771  0.355   1.00 11.98 ? 2838 TYR A CG  1 
ATOM   393  C CD1 . TYR A 1 50  ? 15.313  -2.862  1.629   1.00 12.30 ? 2838 TYR A CD1 1 
ATOM   394  C CD2 . TYR A 1 50  ? 15.118  -2.804  -0.782  1.00 12.01 ? 2838 TYR A CD2 1 
ATOM   395  C CE1 . TYR A 1 50  ? 13.898  -2.884  1.752   1.00 10.38 ? 2838 TYR A CE1 1 
ATOM   396  C CE2 . TYR A 1 50  ? 13.734  -2.906  -0.673  1.00 11.04 ? 2838 TYR A CE2 1 
ATOM   397  C CZ  . TYR A 1 50  ? 13.123  -2.944  0.586   1.00 9.68  ? 2838 TYR A CZ  1 
ATOM   398  O OH  . TYR A 1 50  ? 11.744  -3.026  0.709   1.00 9.69  ? 2838 TYR A OH  1 
ATOM   399  N N   . TYR A 1 51  ? 18.090  -4.627  -2.148  1.00 13.07 ? 2839 TYR A N   1 
ATOM   400  C CA  . TYR A 1 51  ? 17.582  -5.285  -3.387  1.00 11.89 ? 2839 TYR A CA  1 
ATOM   401  C C   . TYR A 1 51  ? 18.147  -6.709  -3.674  1.00 12.43 ? 2839 TYR A C   1 
ATOM   402  O O   . TYR A 1 51  ? 17.579  -7.463  -4.448  1.00 13.66 ? 2839 TYR A O   1 
ATOM   403  C CB  . TYR A 1 51  ? 17.742  -4.384  -4.634  1.00 12.55 ? 2839 TYR A CB  1 
ATOM   404  C CG  . TYR A 1 51  ? 16.844  -3.144  -4.593  1.00 11.09 ? 2839 TYR A CG  1 
ATOM   405  C CD1 . TYR A 1 51  ? 17.324  -1.925  -4.005  1.00 12.31 ? 2839 TYR A CD1 1 
ATOM   406  C CD2 . TYR A 1 51  ? 15.578  -3.153  -5.026  1.00 12.24 ? 2839 TYR A CD2 1 
ATOM   407  C CE1 . TYR A 1 51  ? 16.447  -0.819  -3.895  1.00 12.27 ? 2839 TYR A CE1 1 
ATOM   408  C CE2 . TYR A 1 51  ? 14.775  -2.056  -4.937  1.00 11.79 ? 2839 TYR A CE2 1 
ATOM   409  C CZ  . TYR A 1 51  ? 15.208  -0.856  -4.406  1.00 11.07 ? 2839 TYR A CZ  1 
ATOM   410  O OH  . TYR A 1 51  ? 14.360  0.202   -4.369  1.00 12.84 ? 2839 TYR A OH  1 
ATOM   411  N N   . GLY A 1 52  ? 19.128  -7.077  -2.825  1.00 14.69 ? 2840 GLY A N   1 
ATOM   412  C CA  . GLY A 1 52  ? 19.547  -8.518  -2.783  1.00 17.63 ? 2840 GLY A CA  1 
ATOM   413  C C   . GLY A 1 52  ? 18.656  -9.343  -1.863  1.00 20.53 ? 2840 GLY A C   1 
ATOM   414  O O   . GLY A 1 52  ? 18.536  -10.574 -2.123  1.00 24.82 ? 2840 GLY A O   1 
ATOM   415  N N   . VAL A 1 53  ? 17.998  -8.726  -0.842  1.00 17.96 ? 2841 VAL A N   1 
ATOM   416  C CA  A VAL A 1 53  ? 17.118  -9.548  -0.017  0.50 18.00 ? 2841 VAL A CA  1 
ATOM   417  C CA  B VAL A 1 53  ? 17.132  -9.348  0.210   0.50 16.61 ? 2841 VAL A CA  1 
ATOM   418  C C   . VAL A 1 53  ? 15.622  -9.414  -0.259  1.00 15.90 ? 2841 VAL A C   1 
ATOM   419  O O   . VAL A 1 53  ? 14.925  -10.424 -0.109  1.00 14.67 ? 2841 VAL A O   1 
ATOM   420  C CB  A VAL A 1 53  ? 17.393  -9.358  1.445   0.50 19.78 ? 2841 VAL A CB  1 
ATOM   421  C CB  B VAL A 1 53  ? 17.223  -8.515  1.567   0.50 14.80 ? 2841 VAL A CB  1 
ATOM   422  C CG1 A VAL A 1 53  ? 18.867  -9.592  1.711   0.50 21.49 ? 2841 VAL A CG1 1 
ATOM   423  C CG1 B VAL A 1 53  ? 16.266  -9.026  2.638   0.50 15.74 ? 2841 VAL A CG1 1 
ATOM   424  C CG2 A VAL A 1 53  ? 16.932  -8.029  1.952   0.50 20.54 ? 2841 VAL A CG2 1 
ATOM   425  C CG2 B VAL A 1 53  ? 18.666  -8.394  2.094   0.50 17.49 ? 2841 VAL A CG2 1 
ATOM   426  N N   . ILE A 1 54  ? 15.132  -8.267  -0.793  1.00 13.58 ? 2842 ILE A N   1 
ATOM   427  C CA  . ILE A 1 54  ? 13.710  -8.120  -1.178  1.00 12.58 ? 2842 ILE A CA  1 
ATOM   428  C C   . ILE A 1 54  ? 13.572  -8.281  -2.686  1.00 14.45 ? 2842 ILE A C   1 
ATOM   429  O O   . ILE A 1 54  ? 13.945  -7.336  -3.504  1.00 15.60 ? 2842 ILE A O   1 
ATOM   430  C CB  . ILE A 1 54  ? 13.292  -6.690  -0.758  1.00 11.54 ? 2842 ILE A CB  1 
ATOM   431  C CG1 . ILE A 1 54  ? 13.395  -6.465  0.757   1.00 11.97 ? 2842 ILE A CG1 1 
ATOM   432  C CG2 . ILE A 1 54  ? 11.849  -6.410  -1.244  1.00 11.69 ? 2842 ILE A CG2 1 
ATOM   433  C CD1 . ILE A 1 54  ? 12.558  -7.396  1.572   1.00 12.76 ? 2842 ILE A CD1 1 
ATOM   434  N N   . LYS A 1 55  ? 13.004  -9.385  -3.032  1.00 14.97 ? 2843 LYS A N   1 
ATOM   435  C CA  . LYS A 1 55  ? 13.007  -9.672  -4.498  1.00 15.83 ? 2843 LYS A CA  1 
ATOM   436  C C   . LYS A 1 55  ? 11.822  -8.997  -5.203  1.00 15.45 ? 2843 LYS A C   1 
ATOM   437  O O   . LYS A 1 55  ? 12.002  -8.749  -6.409  1.00 18.47 ? 2843 LYS A O   1 
ATOM   438  C CB  . LYS A 1 55  ? 13.036  -11.199 -4.750  1.00 19.86 ? 2843 LYS A CB  1 
ATOM   439  C CG  . LYS A 1 55  ? 13.151  -11.627 -6.215  1.00 29.02 ? 2843 LYS A CG  1 
ATOM   440  N N   . GLU A 1 56  ? 10.707  -8.611  -4.545  1.00 12.95 ? 2844 GLU A N   1 
ATOM   441  C CA  . GLU A 1 56  ? 9.536   -7.892  -5.122  1.00 12.40 ? 2844 GLU A CA  1 
ATOM   442  C C   . GLU A 1 56  ? 9.300   -6.552  -4.332  1.00 9.00  ? 2844 GLU A C   1 
ATOM   443  O O   . GLU A 1 56  ? 8.306   -6.449  -3.557  1.00 10.06 ? 2844 GLU A O   1 
ATOM   444  C CB  . GLU A 1 56  ? 8.241   -8.704  -5.182  1.00 16.91 ? 2844 GLU A CB  1 
ATOM   445  C CG  . GLU A 1 56  ? 8.073   -9.872  -6.146  1.00 22.76 ? 2844 GLU A CG  1 
ATOM   446  C CD  . GLU A 1 56  ? 6.657   -10.405 -6.020  1.00 29.86 ? 2844 GLU A CD  1 
ATOM   447  O OE1 . GLU A 1 56  ? 6.460   -11.299 -5.159  1.00 40.71 ? 2844 GLU A OE1 1 
ATOM   448  O OE2 . GLU A 1 56  ? 5.691   -9.838  -6.609  1.00 28.06 ? 2844 GLU A OE2 1 
ATOM   449  N N   . PRO A 1 57  ? 10.142  -5.569  -4.580  1.00 7.59  ? 2845 PRO A N   1 
ATOM   450  C CA  . PRO A 1 57  ? 9.939   -4.242  -3.916  1.00 7.38  ? 2845 PRO A CA  1 
ATOM   451  C C   . PRO A 1 57  ? 8.615   -3.632  -4.333  1.00 6.49  ? 2845 PRO A C   1 
ATOM   452  O O   . PRO A 1 57  ? 8.062   -3.883  -5.420  1.00 7.36  ? 2845 PRO A O   1 
ATOM   453  C CB  . PRO A 1 57  ? 11.134  -3.442  -4.458  1.00 8.27  ? 2845 PRO A CB  1 
ATOM   454  C CG  . PRO A 1 57  ? 11.561  -4.146  -5.690  1.00 14.37 ? 2845 PRO A CG  1 
ATOM   455  C CD  . PRO A 1 57  ? 11.332  -5.614  -5.472  1.00 10.73 ? 2845 PRO A CD  1 
ATOM   456  N N   . MET A 1 58  ? 8.094   -2.721  -3.486  1.00 6.61  ? 2846 MET A N   1 
ATOM   457  C CA  . MET A 1 58  ? 6.899   -1.937  -3.821  1.00 6.61  ? 2846 MET A CA  1 
ATOM   458  C C   . MET A 1 58  ? 6.919   -0.611  -3.057  1.00 6.32  ? 2846 MET A C   1 
ATOM   459  O O   . MET A 1 58  ? 7.457   -0.581  -1.935  1.00 7.46  ? 2846 MET A O   1 
ATOM   460  C CB  . MET A 1 58  ? 5.613   -2.738  -3.556  1.00 6.96  ? 2846 MET A CB  1 
ATOM   461  C CG  . MET A 1 58  ? 4.312   -2.126  -4.078  1.00 7.94  ? 2846 MET A CG  1 
ATOM   462  S SD  . MET A 1 58  ? 4.293   -1.562  -5.799  1.00 8.45  ? 2846 MET A SD  1 
ATOM   463  C CE  . MET A 1 58  ? 4.754   -3.121  -6.689  1.00 9.59  ? 2846 MET A CE  1 
ATOM   464  N N   . ASP A 1 59  ? 6.279   0.412   -3.608  1.00 6.63  ? 2847 ASP A N   1 
ATOM   465  C CA  . ASP A 1 59  ? 6.237   1.755   -3.001  1.00 6.94  ? 2847 ASP A CA  1 
ATOM   466  C C   . ASP A 1 59  ? 5.014   2.493   -3.503  1.00 5.88  ? 2847 ASP A C   1 
ATOM   467  O O   . ASP A 1 59  ? 4.355   2.075   -4.472  1.00 6.93  ? 2847 ASP A O   1 
ATOM   468  C CB  . ASP A 1 59  ? 7.544   2.545   -3.325  1.00 7.89  ? 2847 ASP A CB  1 
ATOM   469  C CG  . ASP A 1 59  ? 7.620   2.845   -4.784  1.00 8.78  ? 2847 ASP A CG  1 
ATOM   470  O OD1 . ASP A 1 59  ? 8.026   1.914   -5.582  1.00 9.01  ? 2847 ASP A OD1 1 
ATOM   471  O OD2 . ASP A 1 59  ? 7.099   3.925   -5.258  1.00 9.47  ? 2847 ASP A OD2 1 
ATOM   472  N N   . LEU A 1 60  ? 4.625   3.573   -2.791  1.00 6.73  ? 2848 LEU A N   1 
ATOM   473  C CA  . LEU A 1 60  ? 3.414   4.290   -3.124  1.00 6.70  ? 2848 LEU A CA  1 
ATOM   474  C C   . LEU A 1 60  ? 3.397   5.013   -4.492  1.00 7.52  ? 2848 LEU A C   1 
ATOM   475  O O   . LEU A 1 60  ? 2.356   5.172   -5.117  1.00 7.98  ? 2848 LEU A O   1 
ATOM   476  C CB  . LEU A 1 60  ? 3.034   5.231   -1.986  1.00 6.96  ? 2848 LEU A CB  1 
ATOM   477  C CG  . LEU A 1 60  ? 2.661   4.592   -0.644  1.00 7.11  ? 2848 LEU A CG  1 
ATOM   478  C CD1 . LEU A 1 60  ? 2.673   5.599   0.487   1.00 8.14  ? 2848 LEU A CD1 1 
ATOM   479  C CD2 . LEU A 1 60  ? 1.356   3.808   -0.683  1.00 8.27  ? 2848 LEU A CD2 1 
ATOM   480  N N   . ALA A 1 61  ? 4.586   5.437   -4.953  1.00 7.75  ? 2849 ALA A N   1 
ATOM   481  C CA  . ALA A 1 61  ? 4.698   6.086   -6.293  1.00 8.09  ? 2849 ALA A CA  1 
ATOM   482  C C   . ALA A 1 61  ? 4.467   5.106   -7.382  1.00 8.38  ? 2849 ALA A C   1 
ATOM   483  O O   . ALA A 1 61  ? 3.813   5.406   -8.423  1.00 8.90  ? 2849 ALA A O   1 
ATOM   484  C CB  . ALA A 1 61  ? 6.028   6.845   -6.456  1.00 9.53  ? 2849 ALA A CB  1 
ATOM   485  N N   . THR A 1 62  ? 5.024   3.895   -7.257  1.00 7.75  ? 2850 THR A N   1 
ATOM   486  C CA  . THR A 1 62  ? 4.745   2.810   -8.259  1.00 8.59  ? 2850 THR A CA  1 
ATOM   487  C C   . THR A 1 62  ? 3.235   2.483   -8.251  1.00 7.78  ? 2850 THR A C   1 
ATOM   488  O O   . THR A 1 62  ? 2.603   2.298   -9.336  1.00 7.83  ? 2850 THR A O   1 
ATOM   489  C CB  . THR A 1 62  ? 5.598   1.597   -7.882  1.00 8.00  ? 2850 THR A CB  1 
ATOM   490  O OG1 . THR A 1 62  ? 6.999   1.913   -8.045  1.00 9.00  ? 2850 THR A OG1 1 
ATOM   491  C CG2 . THR A 1 62  ? 5.296   0.358   -8.802  1.00 9.81  ? 2850 THR A CG2 1 
ATOM   492  N N   . MET A 1 63  ? 2.598   2.409   -7.074  1.00 6.59  ? 2851 MET A N   1 
ATOM   493  C CA  . MET A 1 63  ? 1.147   2.192   -7.010  1.00 7.40  ? 2851 MET A CA  1 
ATOM   494  C C   . MET A 1 63  ? 0.359   3.349   -7.719  1.00 7.48  ? 2851 MET A C   1 
ATOM   495  O O   . MET A 1 63  ? -0.622  3.081   -8.376  1.00 7.39  ? 2851 MET A O   1 
ATOM   496  C CB  . MET A 1 63  ? 0.630   1.984   -5.568  1.00 7.13  ? 2851 MET A CB  1 
ATOM   497  C CG  . MET A 1 63  ? 1.148   0.660   -4.962  1.00 7.38  ? 2851 MET A CG  1 
ATOM   498  S SD  . MET A 1 63  ? 0.325   0.141   -3.467  1.00 8.53  ? 2851 MET A SD  1 
ATOM   499  C CE  . MET A 1 63  ? -1.349  -0.132  -4.104  1.00 8.90  ? 2851 MET A CE  1 
ATOM   500  N N   . GLU A 1 64  ? 0.845   4.600   -7.490  1.00 7.65  ? 2852 GLU A N   1 
ATOM   501  C CA  A GLU A 1 64  ? 0.170   5.724   -8.165  0.50 7.93  ? 2852 GLU A CA  1 
ATOM   502  C CA  B GLU A 1 64  ? 0.187   5.728   -8.166  0.50 7.97  ? 2852 GLU A CA  1 
ATOM   503  C C   . GLU A 1 64  ? 0.250   5.596   -9.715  1.00 7.81  ? 2852 GLU A C   1 
ATOM   504  O O   . GLU A 1 64  ? -0.791  5.813   -10.371 1.00 7.82  ? 2852 GLU A O   1 
ATOM   505  C CB  A GLU A 1 64  ? 0.716   7.078   -7.653  0.50 9.22  ? 2852 GLU A CB  1 
ATOM   506  C CB  B GLU A 1 64  ? 0.821   7.044   -7.685  0.50 9.24  ? 2852 GLU A CB  1 
ATOM   507  C CG  A GLU A 1 64  ? -0.052  8.300   -8.247  0.50 10.33 ? 2852 GLU A CG  1 
ATOM   508  C CG  B GLU A 1 64  ? 0.205   8.292   -8.348  0.50 10.40 ? 2852 GLU A CG  1 
ATOM   509  C CD  A GLU A 1 64  ? 0.307   9.645   -7.565  0.50 12.19 ? 2852 GLU A CD  1 
ATOM   510  C CD  B GLU A 1 64  ? 0.897   9.520   -7.915  0.50 11.34 ? 2852 GLU A CD  1 
ATOM   511  O OE1 A GLU A 1 64  ? 1.384   9.706   -6.834  0.50 11.26 ? 2852 GLU A OE1 1 
ATOM   512  O OE1 B GLU A 1 64  ? 0.622   9.931   -6.730  0.50 10.57 ? 2852 GLU A OE1 1 
ATOM   513  O OE2 A GLU A 1 64  ? -0.450  10.602  -7.667  0.50 20.38 ? 2852 GLU A OE2 1 
ATOM   514  O OE2 B GLU A 1 64  ? 1.766   10.037  -8.666  0.50 18.73 ? 2852 GLU A OE2 1 
ATOM   515  N N   . GLU A 1 65  ? 1.405   5.275   -10.232 1.00 7.04  ? 2853 GLU A N   1 
ATOM   516  C CA  . GLU A 1 65  ? 1.518   5.079   -11.671 1.00 7.90  ? 2853 GLU A CA  1 
ATOM   517  C C   . GLU A 1 65  ? 0.586   4.002   -12.140 1.00 8.16  ? 2853 GLU A C   1 
ATOM   518  O O   . GLU A 1 65  ? -0.113  4.147   -13.195 1.00 7.90  ? 2853 GLU A O   1 
ATOM   519  C CB  . GLU A 1 65  ? 2.967   4.733   -11.965 1.00 10.24 ? 2853 GLU A CB  1 
ATOM   520  C CG  . GLU A 1 65  ? 3.289   4.339   -13.393 1.00 10.90 ? 2853 GLU A CG  1 
ATOM   521  C CD  . GLU A 1 65  ? 4.719   3.748   -13.569 1.00 13.37 ? 2853 GLU A CD  1 
ATOM   522  O OE1 . GLU A 1 65  ? 5.524   3.797   -12.647 1.00 19.65 ? 2853 GLU A OE1 1 
ATOM   523  O OE2 . GLU A 1 65  ? 4.891   3.130   -14.645 1.00 17.49 ? 2853 GLU A OE2 1 
ATOM   524  N N   . ARG A 1 66  ? 0.504   2.857   -11.415 1.00 7.33  ? 2854 ARG A N   1 
ATOM   525  C CA  . ARG A 1 66  ? -0.407  1.747   -11.775 1.00 7.42  ? 2854 ARG A CA  1 
ATOM   526  C C   . ARG A 1 66  ? -1.885  2.173   -11.687 1.00 7.30  ? 2854 ARG A C   1 
ATOM   527  O O   . ARG A 1 66  ? -2.676  1.849   -12.610 1.00 8.13  ? 2854 ARG A O   1 
ATOM   528  C CB  . ARG A 1 66  ? -0.078  0.528   -10.853 1.00 6.88  ? 2854 ARG A CB  1 
ATOM   529  C CG  . ARG A 1 66  ? 1.221   -0.187  -11.301 1.00 7.43  ? 2854 ARG A CG  1 
ATOM   530  C CD  . ARG A 1 66  ? 1.556   -1.305  -10.356 1.00 7.26  ? 2854 ARG A CD  1 
ATOM   531  N NE  . ARG A 1 66  ? 2.780   -1.986  -10.860 1.00 7.67  ? 2854 ARG A NE  1 
ATOM   532  C CZ  . ARG A 1 66  ? 3.251   -3.133  -10.428 1.00 7.06  ? 2854 ARG A CZ  1 
ATOM   533  N NH1 . ARG A 1 66  ? 2.672   -3.793  -9.430  1.00 7.80  ? 2854 ARG A NH1 1 
ATOM   534  N NH2 . ARG A 1 66  ? 4.374   -3.655  -11.036 1.00 8.48  ? 2854 ARG A NH2 1 
ATOM   535  N N   . VAL A 1 67  ? -2.255  2.932   -10.671 1.00 6.88  ? 2855 VAL A N   1 
ATOM   536  C CA  . VAL A 1 67  ? -3.648  3.439   -10.614 1.00 7.81  ? 2855 VAL A CA  1 
ATOM   537  C C   . VAL A 1 67  ? -3.952  4.331   -11.827 1.00 8.24  ? 2855 VAL A C   1 
ATOM   538  O O   . VAL A 1 67  ? -4.990  4.207   -12.514 1.00 8.83  ? 2855 VAL A O   1 
ATOM   539  C CB  . VAL A 1 67  ? -3.910  4.158   -9.279  1.00 8.57  ? 2855 VAL A CB  1 
ATOM   540  C CG1 . VAL A 1 67  ? -5.226  4.976   -9.314  1.00 10.99 ? 2855 VAL A CG1 1 
ATOM   541  C CG2 . VAL A 1 67  ? -3.977  3.185   -8.144  1.00 9.02  ? 2855 VAL A CG2 1 
ATOM   542  N N   . GLN A 1 68  ? -3.028  5.283   -12.132 1.00 8.09  ? 2856 GLN A N   1 
ATOM   543  C CA  . GLN A 1 68  ? -3.293  6.180   -13.277 1.00 9.45  ? 2856 GLN A CA  1 
ATOM   544  C C   . GLN A 1 68  ? -3.415  5.465   -14.536 1.00 10.22 ? 2856 GLN A C   1 
ATOM   545  O O   . GLN A 1 68  ? -4.246  5.880   -15.421 1.00 11.94 ? 2856 GLN A O   1 
ATOM   546  C CB  . GLN A 1 68  ? -2.206  7.319   -13.341 1.00 10.00 ? 2856 GLN A CB  1 
ATOM   547  C CG  . GLN A 1 68  ? -2.227  8.273   -12.152 1.00 11.14 ? 2856 GLN A CG  1 
ATOM   548  C CD  . GLN A 1 68  ? -1.191  9.400   -12.150 1.00 12.49 ? 2856 GLN A CD  1 
ATOM   549  O OE1 . GLN A 1 68  ? -0.027  9.185   -11.986 1.00 15.31 ? 2856 GLN A OE1 1 
ATOM   550  N NE2 . GLN A 1 68  ? -1.671  10.664  -12.437 1.00 14.47 ? 2856 GLN A NE2 1 
ATOM   551  N N   . ARG A 1 69  ? -2.645  4.433   -14.785 1.00 9.61  ? 2857 ARG A N   1 
ATOM   552  C CA  . ARG A 1 69  ? -2.674  3.613   -15.982 1.00 9.51  ? 2857 ARG A CA  1 
ATOM   553  C C   . ARG A 1 69  ? -3.741  2.527   -16.026 1.00 9.41  ? 2857 ARG A C   1 
ATOM   554  O O   . ARG A 1 69  ? -3.813  1.735   -16.974 1.00 11.43 ? 2857 ARG A O   1 
ATOM   555  C CB  . ARG A 1 69  ? -1.309  3.020   -16.250 1.00 11.30 ? 2857 ARG A CB  1 
ATOM   556  C CG  . ARG A 1 69  ? -0.168  3.976   -16.312 1.00 18.81 ? 2857 ARG A CG  1 
ATOM   557  C CD  . ARG A 1 69  ? 0.249   4.562   -17.496 1.00 25.07 ? 2857 ARG A CD  1 
ATOM   558  N NE  . ARG A 1 69  ? 1.678   5.082   -17.449 1.00 19.76 ? 2857 ARG A NE  1 
ATOM   559  C CZ  . ARG A 1 69  ? 1.885   6.290   -18.058 1.00 24.76 ? 2857 ARG A CZ  1 
ATOM   560  N NH1 . ARG A 1 69  ? 0.764   7.138   -18.582 1.00 13.95 ? 2857 ARG A NH1 1 
ATOM   561  N NH2 . ARG A 1 69  ? 3.234   6.633   -18.094 1.00 31.22 ? 2857 ARG A NH2 1 
ATOM   562  N N   . ARG A 1 70  ? -4.564  2.438   -14.958 1.00 8.84  ? 2858 ARG A N   1 
ATOM   563  C CA  . ARG A 1 70  ? -5.633  1.423   -14.872 1.00 9.44  ? 2858 ARG A CA  1 
ATOM   564  C C   . ARG A 1 70  ? -5.074  -0.010  -14.933 1.00 9.47  ? 2858 ARG A C   1 
ATOM   565  O O   . ARG A 1 70  ? -5.713  -0.938  -15.487 1.00 10.94 ? 2858 ARG A O   1 
ATOM   566  C CB  . ARG A 1 70  ? -6.753  1.669   -15.907 1.00 11.51 ? 2858 ARG A CB  1 
ATOM   567  C CG  . ARG A 1 70  ? -7.422  3.046   -15.800 1.00 14.53 ? 2858 ARG A CG  1 
ATOM   568  C CD  . ARG A 1 70  ? -8.000  3.498   -14.553 1.00 15.84 ? 2858 ARG A CD  1 
ATOM   569  N NE  . ARG A 1 70  ? -8.803  4.716   -14.620 1.00 17.58 ? 2858 ARG A NE  1 
ATOM   570  C CZ  . ARG A 1 70  ? -8.384  5.970   -14.436 1.00 17.89 ? 2858 ARG A CZ  1 
ATOM   571  N NH1 . ARG A 1 70  ? -7.074  6.271   -14.184 1.00 20.25 ? 2858 ARG A NH1 1 
ATOM   572  N NH2 . ARG A 1 70  ? -9.297  6.935   -14.465 1.00 20.84 ? 2858 ARG A NH2 1 
ATOM   573  N N   . TYR A 1 71  ? -3.949  -0.250  -14.228 1.00 8.54  ? 2859 TYR A N   1 
ATOM   574  C CA  . TYR A 1 71  ? -3.309  -1.543  -14.164 1.00 8.19  ? 2859 TYR A CA  1 
ATOM   575  C C   . TYR A 1 71  ? -4.224  -2.581  -13.478 1.00 7.78  ? 2859 TYR A C   1 
ATOM   576  O O   . TYR A 1 71  ? -4.278  -3.787  -13.853 1.00 8.79  ? 2859 TYR A O   1 
ATOM   577  C CB  . TYR A 1 71  ? -2.008  -1.381  -13.394 1.00 8.50  ? 2859 TYR A CB  1 
ATOM   578  C CG  . TYR A 1 71  ? -1.307  -2.633  -12.967 1.00 8.15  ? 2859 TYR A CG  1 
ATOM   579  C CD1 . TYR A 1 71  ? -0.357  -3.319  -13.756 1.00 10.51 ? 2859 TYR A CD1 1 
ATOM   580  C CD2 . TYR A 1 71  ? -1.487  -3.159  -11.650 1.00 9.06  ? 2859 TYR A CD2 1 
ATOM   581  C CE1 . TYR A 1 71  ? 0.332   -4.455  -13.339 1.00 10.60 ? 2859 TYR A CE1 1 
ATOM   582  C CE2 . TYR A 1 71  ? -0.769  -4.254  -11.232 1.00 10.25 ? 2859 TYR A CE2 1 
ATOM   583  C CZ  . TYR A 1 71  ? 0.175   -4.867  -12.027 1.00 11.10 ? 2859 TYR A CZ  1 
ATOM   584  O OH  . TYR A 1 71  ? 0.970   -5.953  -11.590 1.00 13.44 ? 2859 TYR A OH  1 
ATOM   585  N N   . TYR A 1 72  ? -4.852  -2.187  -12.368 1.00 7.93  ? 2860 TYR A N   1 
ATOM   586  C CA  . TYR A 1 72  ? -5.640  -3.095  -11.515 1.00 8.86  ? 2860 TYR A CA  1 
ATOM   587  C C   . TYR A 1 72  ? -7.002  -3.441  -12.145 1.00 10.36 ? 2860 TYR A C   1 
ATOM   588  O O   . TYR A 1 72  ? -7.733  -2.538  -12.582 1.00 10.74 ? 2860 TYR A O   1 
ATOM   589  C CB  . TYR A 1 72  ? -5.839  -2.519  -10.102 1.00 8.68  ? 2860 TYR A CB  1 
ATOM   590  C CG  . TYR A 1 72  ? -4.499  -2.150  -9.402  1.00 7.92  ? 2860 TYR A CG  1 
ATOM   591  C CD1 . TYR A 1 72  ? -3.675  -3.120  -8.870  1.00 8.42  ? 2860 TYR A CD1 1 
ATOM   592  C CD2 . TYR A 1 72  ? -4.062  -0.833  -9.319  1.00 8.06  ? 2860 TYR A CD2 1 
ATOM   593  C CE1 . TYR A 1 72  ? -2.464  -2.807  -8.271  1.00 8.19  ? 2860 TYR A CE1 1 
ATOM   594  C CE2 . TYR A 1 72  ? -2.846  -0.500  -8.748  1.00 7.35  ? 2860 TYR A CE2 1 
ATOM   595  C CZ  . TYR A 1 72  ? -2.043  -1.470  -8.237  1.00 7.44  ? 2860 TYR A CZ  1 
ATOM   596  O OH  . TYR A 1 72  ? -0.819  -1.147  -7.676  1.00 8.93  ? 2860 TYR A OH  1 
ATOM   597  N N   . GLU A 1 73  ? -7.340  -4.713  -12.195 1.00 9.64  ? 2861 GLU A N   1 
ATOM   598  C CA  . GLU A 1 73  ? -8.692  -5.170  -12.639 1.00 10.64 ? 2861 GLU A CA  1 
ATOM   599  C C   . GLU A 1 73  ? -9.634  -5.493  -11.500 1.00 8.82  ? 2861 GLU A C   1 
ATOM   600  O O   . GLU A 1 73  ? -10.853 -5.352  -11.649 1.00 10.97 ? 2861 GLU A O   1 
ATOM   601  C CB  . GLU A 1 73  ? -8.538  -6.375  -13.576 1.00 12.96 ? 2861 GLU A CB  1 
ATOM   602  C CG  . GLU A 1 73  ? -7.790  -6.022  -14.863 1.00 18.25 ? 2861 GLU A CG  1 
ATOM   603  C CD  . GLU A 1 73  ? -7.573  -7.172  -15.816 1.00 25.91 ? 2861 GLU A CD  1 
ATOM   604  O OE1 . GLU A 1 73  ? -7.764  -8.361  -15.513 1.00 32.17 ? 2861 GLU A OE1 1 
ATOM   605  O OE2 . GLU A 1 73  ? -7.268  -6.824  -16.977 1.00 34.28 ? 2861 GLU A OE2 1 
ATOM   606  N N   . LYS A 1 74  ? -9.112  -5.958  -10.362 1.00 8.41  ? 2862 LYS A N   1 
ATOM   607  C CA  . LYS A 1 74  ? -9.876  -6.421  -9.211  1.00 8.88  ? 2862 LYS A CA  1 
ATOM   608  C C   . LYS A 1 74  ? -9.260  -5.774  -7.972  1.00 7.97  ? 2862 LYS A C   1 
ATOM   609  O O   . LYS A 1 74  ? -8.056  -5.572  -7.872  1.00 8.06  ? 2862 LYS A O   1 
ATOM   610  C CB  . LYS A 1 74  ? -9.792  -7.965  -9.017  1.00 10.02 ? 2862 LYS A CB  1 
ATOM   611  C CG  . LYS A 1 74  ? -10.156 -8.781  -10.273 1.00 12.99 ? 2862 LYS A CG  1 
ATOM   612  C CD  . LYS A 1 74  ? -11.606 -8.634  -10.599 1.00 13.95 ? 2862 LYS A CD  1 
ATOM   613  C CE  . LYS A 1 74  ? -12.128 -9.630  -11.729 1.00 18.53 ? 2862 LYS A CE  1 
ATOM   614  N NZ  . LYS A 1 74  ? -11.313 -9.633  -12.983 1.00 22.88 ? 2862 LYS A NZ  1 
ATOM   615  N N   . LEU A 1 75  ? -10.124 -5.490  -6.979  1.00 8.35  ? 2863 LEU A N   1 
ATOM   616  C CA  . LEU A 1 75  ? -9.647  -4.866  -5.690  1.00 7.52  ? 2863 LEU A CA  1 
ATOM   617  C C   . LEU A 1 75  ? -8.572  -5.721  -5.030  1.00 6.99  ? 2863 LEU A C   1 
ATOM   618  O O   . LEU A 1 75  ? -7.596  -5.168  -4.475  1.00 7.48  ? 2863 LEU A O   1 
ATOM   619  C CB  . LEU A 1 75  ? -10.831 -4.615  -4.770  1.00 7.73  ? 2863 LEU A CB  1 
ATOM   620  C CG  . LEU A 1 75  ? -10.499 -3.958  -3.427  1.00 7.73  ? 2863 LEU A CG  1 
ATOM   621  C CD1 . LEU A 1 75  ? -9.779  -2.573  -3.563  1.00 8.12  ? 2863 LEU A CD1 1 
ATOM   622  C CD2 . LEU A 1 75  ? -11.764 -3.775  -2.564  1.00 8.91  ? 2863 LEU A CD2 1 
ATOM   623  N N   . THR A 1 76  ? -8.697  -7.058  -5.062  1.00 7.57  ? 2864 THR A N   1 
ATOM   624  C CA  . THR A 1 76  ? -7.699  -7.926  -4.442  1.00 8.00  ? 2864 THR A CA  1 
ATOM   625  C C   . THR A 1 76  ? -6.242  -7.607  -4.921  1.00 8.16  ? 2864 THR A C   1 
ATOM   626  O O   . THR A 1 76  ? -5.296  -7.741  -4.117  1.00 8.57  ? 2864 THR A O   1 
ATOM   627  C CB  . THR A 1 76  ? -8.089  -9.441  -4.660  0.70 7.55  ? 2864 THR A CB  1 
ATOM   628  O OG1 . THR A 1 76  ? -7.248  -10.266 -3.856  0.70 9.39  ? 2864 THR A OG1 1 
ATOM   629  C CG2 . THR A 1 76  ? -8.104  -9.811  -6.067  0.70 8.07  ? 2864 THR A CG2 1 
ATOM   630  N N   . GLU A 1 77  ? -6.082  -7.255  -6.217  1.00 8.20  ? 2865 GLU A N   1 
ATOM   631  C CA  . GLU A 1 77  ? -4.794  -6.972  -6.766  1.00 8.54  ? 2865 GLU A CA  1 
ATOM   632  C C   . GLU A 1 77  ? -4.146  -5.645  -6.170  1.00 7.55  ? 2865 GLU A C   1 
ATOM   633  O O   . GLU A 1 77  ? -2.926  -5.568  -5.937  1.00 8.20  ? 2865 GLU A O   1 
ATOM   634  C CB  . GLU A 1 77  ? -4.868  -6.889  -8.301  1.00 10.51 ? 2865 GLU A CB  1 
ATOM   635  C CG  . GLU A 1 77  ? -5.443  -8.153  -8.997  1.00 12.76 ? 2865 GLU A CG  1 
ATOM   636  C CD  . GLU A 1 77  ? -6.020  -7.950  -10.407 1.00 15.94 ? 2865 GLU A CD  1 
ATOM   637  O OE1 . GLU A 1 77  ? -6.134  -6.833  -10.927 1.00 14.19 ? 2865 GLU A OE1 1 
ATOM   638  O OE2 . GLU A 1 77  ? -6.481  -9.020  -10.964 1.00 18.97 ? 2865 GLU A OE2 1 
ATOM   639  N N   . PHE A 1 78  ? -4.993  -4.641  -5.999  1.00 7.36  ? 2866 PHE A N   1 
ATOM   640  C CA  . PHE A 1 78  ? -4.610  -3.375  -5.352  1.00 7.21  ? 2866 PHE A CA  1 
ATOM   641  C C   . PHE A 1 78  ? -4.152  -3.638  -3.878  1.00 7.13  ? 2866 PHE A C   1 
ATOM   642  O O   . PHE A 1 78  ? -3.103  -3.159  -3.409  1.00 6.99  ? 2866 PHE A O   1 
ATOM   643  C CB  . PHE A 1 78  ? -5.732  -2.356  -5.465  1.00 7.04  ? 2866 PHE A CB  1 
ATOM   644  C CG  . PHE A 1 78  ? -5.521  -1.044  -4.775  1.00 7.35  ? 2866 PHE A CG  1 
ATOM   645  C CD1 . PHE A 1 78  ? -5.912  -0.893  -3.456  1.00 7.94  ? 2866 PHE A CD1 1 
ATOM   646  C CD2 . PHE A 1 78  ? -4.892  0.020   -5.393  1.00 8.40  ? 2866 PHE A CD2 1 
ATOM   647  C CE1 . PHE A 1 78  ? -5.760  0.348   -2.798  1.00 9.58  ? 2866 PHE A CE1 1 
ATOM   648  C CE2 . PHE A 1 78  ? -4.752  1.274   -4.776  1.00 8.79  ? 2866 PHE A CE2 1 
ATOM   649  C CZ  . PHE A 1 78  ? -5.139  1.397   -3.451  1.00 9.81  ? 2866 PHE A CZ  1 
ATOM   650  N N   . VAL A 1 79  ? -5.022  -4.404  -3.157  1.00 6.45  ? 2867 VAL A N   1 
ATOM   651  C CA  . VAL A 1 79  ? -4.713  -4.773  -1.768  1.00 6.59  ? 2867 VAL A CA  1 
ATOM   652  C C   . VAL A 1 79  ? -3.396  -5.520  -1.674  1.00 6.93  ? 2867 VAL A C   1 
ATOM   653  O O   . VAL A 1 79  ? -2.576  -5.289  -0.752  1.00 7.51  ? 2867 VAL A O   1 
ATOM   654  C CB  . VAL A 1 79  ? -5.894  -5.512  -1.119  1.00 6.62  ? 2867 VAL A CB  1 
ATOM   655  C CG1 . VAL A 1 79  ? -5.499  -5.970  0.308   1.00 7.70  ? 2867 VAL A CG1 1 
ATOM   656  C CG2 . VAL A 1 79  ? -7.151  -4.652  -1.076  1.00 7.71  ? 2867 VAL A CG2 1 
ATOM   657  N N   . ALA A 1 80  ? -3.157  -6.459  -2.629  1.00 7.14  ? 2868 ALA A N   1 
ATOM   658  C CA  . ALA A 1 80  ? -1.914  -7.229  -2.610  1.00 8.02  ? 2868 ALA A CA  1 
ATOM   659  C C   . ALA A 1 80  ? -0.658  -6.341  -2.767  1.00 7.38  ? 2868 ALA A C   1 
ATOM   660  O O   . ALA A 1 80  ? 0.342   -6.542  -2.071  1.00 7.94  ? 2868 ALA A O   1 
ATOM   661  C CB  . ALA A 1 80  ? -1.938  -8.357  -3.642  1.00 9.23  ? 2868 ALA A CB  1 
ATOM   662  N N   . ASP A 1 81  ? -0.658  -5.359  -3.679  1.00 7.38  ? 2869 ASP A N   1 
ATOM   663  C CA  . ASP A 1 81  ? 0.471   -4.401  -3.805  1.00 6.89  ? 2869 ASP A CA  1 
ATOM   664  C C   . ASP A 1 81  ? 0.697   -3.608  -2.525  1.00 6.88  ? 2869 ASP A C   1 
ATOM   665  O O   . ASP A 1 81  ? 1.839   -3.435  -2.082  1.00 7.21  ? 2869 ASP A O   1 
ATOM   666  C CB  . ASP A 1 81  ? 0.348   -3.509  -5.018  1.00 8.09  ? 2869 ASP A CB  1 
ATOM   667  C CG  . ASP A 1 81  ? 0.833   -4.079  -6.350  1.00 8.50  ? 2869 ASP A CG  1 
ATOM   668  O OD1 . ASP A 1 81  ? 1.398   -5.176  -6.394  1.00 9.93  ? 2869 ASP A OD1 1 
ATOM   669  O OD2 . ASP A 1 81  ? 0.674   -3.299  -7.383  1.00 9.43  ? 2869 ASP A OD2 1 
ATOM   670  N N   . MET A 1 82  ? -0.432  -3.100  -1.931  1.00 6.56  ? 2870 MET A N   1 
ATOM   671  C CA  . MET A 1 82  ? -0.258  -2.326  -0.686  1.00 6.92  ? 2870 MET A CA  1 
ATOM   672  C C   . MET A 1 82  ? 0.334   -3.166  0.417   1.00 7.61  ? 2870 MET A C   1 
ATOM   673  O O   . MET A 1 82  ? 1.242   -2.745  1.169   1.00 7.73  ? 2870 MET A O   1 
ATOM   674  C CB  . MET A 1 82  ? -1.615  -1.715  -0.252  1.00 7.69  ? 2870 MET A CB  1 
ATOM   675  C CG  . MET A 1 82  ? -1.501  -0.722  0.871   1.00 7.81  ? 2870 MET A CG  1 
ATOM   676  S SD  . MET A 1 82  ? -0.670  0.825   0.552   1.00 10.08 ? 2870 MET A SD  1 
ATOM   677  C CE  . MET A 1 82  ? -1.879  1.637   -0.521  1.00 11.35 ? 2870 MET A CE  1 
ATOM   678  N N   . THR A 1 83  ? -0.157  -4.407  0.539   1.00 7.44  ? 2871 THR A N   1 
ATOM   679  C CA  . THR A 1 83  ? 0.323   -5.285  1.603   1.00 7.78  ? 2871 THR A CA  1 
ATOM   680  C C   . THR A 1 83  ? 1.803   -5.592  1.381   1.00 8.68  ? 2871 THR A C   1 
ATOM   681  O O   . THR A 1 83  ? 2.517   -5.804  2.428   1.00 8.97  ? 2871 THR A O   1 
ATOM   682  C CB  . THR A 1 83  ? -0.604  -6.555  1.658   1.00 9.92  ? 2871 THR A CB  1 
ATOM   683  O OG1 . THR A 1 83  ? -1.959  -6.111  1.917   1.00 10.05 ? 2871 THR A OG1 1 
ATOM   684  C CG2 . THR A 1 83  ? -0.213  -7.494  2.804   1.00 12.12 ? 2871 THR A CG2 1 
ATOM   685  N N   . LYS A 1 84  ? 2.277   -5.720  0.163   1.00 7.75  ? 2872 LYS A N   1 
ATOM   686  C CA  . LYS A 1 84  ? 3.692   -5.969  -0.081  1.00 7.50  ? 2872 LYS A CA  1 
ATOM   687  C C   . LYS A 1 84  ? 4.576   -4.852  0.500   1.00 7.13  ? 2872 LYS A C   1 
ATOM   688  O O   . LYS A 1 84  ? 5.673   -5.122  1.023   1.00 7.06  ? 2872 LYS A O   1 
ATOM   689  C CB  . LYS A 1 84  ? 3.888   -6.072  -1.613  0.50 6.44  ? 2872 LYS A CB  1 
ATOM   690  C CG  . LYS A 1 84  ? 5.207   -6.593  -2.051  0.50 8.86  ? 2872 LYS A CG  1 
ATOM   691  C CD  . LYS A 1 84  ? 5.065   -7.341  -3.399  0.50 13.34 ? 2872 LYS A CD  1 
ATOM   692  C CE  . LYS A 1 84  ? 4.347   -6.556  -4.444  0.50 13.80 ? 2872 LYS A CE  1 
ATOM   693  N NZ  . LYS A 1 84  ? 4.286   -7.355  -5.733  0.50 16.21 ? 2872 LYS A NZ  1 
ATOM   694  N N   . ILE A 1 85  ? 4.117   -3.611  0.469   1.00 6.40  ? 2873 ILE A N   1 
ATOM   695  C CA  . ILE A 1 85  ? 4.899   -2.485  1.065   1.00 6.72  ? 2873 ILE A CA  1 
ATOM   696  C C   . ILE A 1 85  ? 5.153   -2.844  2.533   1.00 6.57  ? 2873 ILE A C   1 
ATOM   697  O O   . ILE A 1 85  ? 6.306   -2.708  3.033   1.00 7.44  ? 2873 ILE A O   1 
ATOM   698  C CB  . ILE A 1 85  ? 4.145   -1.141  0.900   1.00 6.25  ? 2873 ILE A CB  1 
ATOM   699  C CG1 . ILE A 1 85  ? 4.000   -0.747  -0.584  1.00 6.86  ? 2873 ILE A CG1 1 
ATOM   700  C CG2 . ILE A 1 85  ? 4.891   -0.030  1.638   1.00 7.94  ? 2873 ILE A CG2 1 
ATOM   701  C CD1 . ILE A 1 85  ? 3.232   0.520   -0.906  1.00 7.45  ? 2873 ILE A CD1 1 
ATOM   702  N N   . PHE A 1 86  ? 4.101   -3.186  3.250   1.00 6.43  ? 2874 PHE A N   1 
ATOM   703  C CA  . PHE A 1 86  ? 4.207   -3.381  4.728   1.00 7.07  ? 2874 PHE A CA  1 
ATOM   704  C C   . PHE A 1 86  ? 4.950   -4.726  5.041   1.00 7.03  ? 2874 PHE A C   1 
ATOM   705  O O   . PHE A 1 86  ? 5.803   -4.726  5.974   1.00 7.71  ? 2874 PHE A O   1 
ATOM   706  C CB  . PHE A 1 86  ? 2.820   -3.373  5.381   1.00 7.97  ? 2874 PHE A CB  1 
ATOM   707  C CG  . PHE A 1 86  ? 1.985   -2.181  4.994   1.00 8.32  ? 2874 PHE A CG  1 
ATOM   708  C CD1 . PHE A 1 86  ? 2.500   -0.941  5.002   1.00 10.79 ? 2874 PHE A CD1 1 
ATOM   709  C CD2 . PHE A 1 86  ? 0.681   -2.320  4.613   1.00 9.34  ? 2874 PHE A CD2 1 
ATOM   710  C CE1 . PHE A 1 86  ? 1.630   0.210   4.587   1.00 12.31 ? 2874 PHE A CE1 1 
ATOM   711  C CE2 . PHE A 1 86  ? -0.135  -1.249  4.292   1.00 12.04 ? 2874 PHE A CE2 1 
ATOM   712  C CZ  . PHE A 1 86  ? 0.376   -0.106  4.264   1.00 11.44 ? 2874 PHE A CZ  1 
ATOM   713  N N   . ASP A 1 87  ? 4.655   -5.760  4.294   1.00 7.24  ? 2875 ASP A N   1 
ATOM   714  C CA  . ASP A 1 87  ? 5.367   -7.044  4.514   1.00 7.95  ? 2875 ASP A CA  1 
ATOM   715  C C   . ASP A 1 87  ? 6.846   -6.922  4.211   1.00 7.61  ? 2875 ASP A C   1 
ATOM   716  O O   . ASP A 1 87  ? 7.712   -7.515  4.976   1.00 7.97  ? 2875 ASP A O   1 
ATOM   717  C CB  . ASP A 1 87  ? 4.767   -8.181  3.682   1.00 9.44  ? 2875 ASP A CB  1 
ATOM   718  C CG  . ASP A 1 87  ? 3.367   -8.620  4.183   1.00 12.21 ? 2875 ASP A CG  1 
ATOM   719  O OD1 . ASP A 1 87  ? 2.922   -8.265  5.259   1.00 13.43 ? 2875 ASP A OD1 1 
ATOM   720  O OD2 . ASP A 1 87  ? 2.755   -9.417  3.449   1.00 13.71 ? 2875 ASP A OD2 1 
ATOM   721  N N   . ASN A 1 88  ? 7.269   -6.270  3.124   1.00 7.17  ? 2876 ASN A N   1 
ATOM   722  C CA  . ASN A 1 88  ? 8.674   -6.063  2.842   1.00 6.85  ? 2876 ASN A CA  1 
ATOM   723  C C   . ASN A 1 88  ? 9.352   -5.373  3.996   1.00 7.38  ? 2876 ASN A C   1 
ATOM   724  O O   . ASN A 1 88  ? 10.506  -5.745  4.434   1.00 8.11  ? 2876 ASN A O   1 
ATOM   725  C CB  . ASN A 1 88  ? 8.876   -5.230  1.562   1.00 6.79  ? 2876 ASN A CB  1 
ATOM   726  C CG  . ASN A 1 88  ? 8.508   -5.945  0.288   1.00 7.42  ? 2876 ASN A CG  1 
ATOM   727  O OD1 . ASN A 1 88  ? 8.279   -7.180  0.268   1.00 8.31  ? 2876 ASN A OD1 1 
ATOM   728  N ND2 . ASN A 1 88  ? 8.444   -5.202  -0.833  1.00 7.74  ? 2876 ASN A ND2 1 
ATOM   729  N N   . CYS A 1 89  ? 8.719   -4.332  4.563   1.00 7.41  ? 2877 CYS A N   1 
ATOM   730  C CA  . CYS A 1 89  ? 9.270   -3.551  5.649   1.00 7.57  ? 2877 CYS A CA  1 
ATOM   731  C C   . CYS A 1 89  ? 9.431   -4.382  6.952   1.00 8.11  ? 2877 CYS A C   1 
ATOM   732  O O   . CYS A 1 89  ? 10.565  -4.289  7.571   1.00 9.44  ? 2877 CYS A O   1 
ATOM   733  C CB  . CYS A 1 89  ? 8.404   -2.293  5.909   1.00 7.68  ? 2877 CYS A CB  1 
ATOM   734  S SG  . CYS A 1 89  ? 9.012   -1.168  7.181   1.00 9.75  ? 2877 CYS A SG  1 
ATOM   735  N N   . ARG A 1 90  ? 8.472   -5.162  7.310   1.00 7.64  ? 2878 ARG A N   1 
ATOM   736  C CA  . ARG A 1 90  ? 8.566   -5.969  8.539   1.00 9.91  ? 2878 ARG A CA  1 
ATOM   737  C C   . ARG A 1 90  ? 9.552   -7.130  8.366   1.00 8.80  ? 2878 ARG A C   1 
ATOM   738  O O   . ARG A 1 90  ? 10.139  -7.592  9.354   1.00 10.78 ? 2878 ARG A O   1 
ATOM   739  C CB  . ARG A 1 90  ? 7.218   -6.452  8.934   1.00 10.72 ? 2878 ARG A CB  1 
ATOM   740  C CG  . ARG A 1 90  ? 6.306   -5.305  9.492   1.00 11.12 ? 2878 ARG A CG  1 
ATOM   741  C CD  . ARG A 1 90  ? 5.107   -5.807  10.170  1.00 14.75 ? 2878 ARG A CD  1 
ATOM   742  N NE  . ARG A 1 90  ? 4.270   -6.351  9.098   1.00 14.19 ? 2878 ARG A NE  1 
ATOM   743  C CZ  . ARG A 1 90  ? 3.146   -5.806  8.593   1.00 12.52 ? 2878 ARG A CZ  1 
ATOM   744  N NH1 . ARG A 1 90  ? 2.626   -4.693  9.174   1.00 16.69 ? 2878 ARG A NH1 1 
ATOM   745  N NH2 . ARG A 1 90  ? 2.543   -6.310  7.509   1.00 13.95 ? 2878 ARG A NH2 1 
ATOM   746  N N   . TYR A 1 91  ? 9.820   -7.605  7.150   1.00 8.73  ? 2879 TYR A N   1 
ATOM   747  C CA  . TYR A 1 91  ? 10.812  -8.678  6.898   1.00 9.34  ? 2879 TYR A CA  1 
ATOM   748  C C   . TYR A 1 91  ? 12.161  -8.072  6.943   1.00 10.87 ? 2879 TYR A C   1 
ATOM   749  O O   . TYR A 1 91  ? 13.129  -8.749  7.594   1.00 12.73 ? 2879 TYR A O   1 
ATOM   750  C CB  . TYR A 1 91  ? 10.463  -9.327  5.545   1.00 9.18  ? 2879 TYR A CB  1 
ATOM   751  C CG  . TYR A 1 91  ? 11.462  -10.414 5.097   1.00 10.67 ? 2879 TYR A CG  1 
ATOM   752  C CD1 . TYR A 1 91  ? 11.624  -11.634 5.763   1.00 11.37 ? 2879 TYR A CD1 1 
ATOM   753  C CD2 . TYR A 1 91  ? 12.162  -10.242 3.877   1.00 11.91 ? 2879 TYR A CD2 1 
ATOM   754  C CE1 . TYR A 1 91  ? 12.545  -12.617 5.254   1.00 12.40 ? 2879 TYR A CE1 1 
ATOM   755  C CE2 . TYR A 1 91  ? 12.994  -11.222 3.307   1.00 13.13 ? 2879 TYR A CE2 1 
ATOM   756  C CZ  . TYR A 1 91  ? 13.172  -12.371 4.011   1.00 11.96 ? 2879 TYR A CZ  1 
ATOM   757  O OH  . TYR A 1 91  ? 13.993  -13.431 3.486   1.00 14.00 ? 2879 TYR A OH  1 
ATOM   758  N N   . TYR A 1 92  ? 12.459  -6.977  6.322   1.00 9.89  ? 2880 TYR A N   1 
ATOM   759  C CA  . TYR A 1 92  ? 13.763  -6.386  6.226   1.00 11.11 ? 2880 TYR A CA  1 
ATOM   760  C C   . TYR A 1 92  ? 14.262  -5.800  7.575   1.00 10.52 ? 2880 TYR A C   1 
ATOM   761  O O   . TYR A 1 92  ? 15.528  -5.939  7.886   1.00 12.91 ? 2880 TYR A O   1 
ATOM   762  C CB  . TYR A 1 92  ? 13.824  -5.342  5.095   1.00 12.10 ? 2880 TYR A CB  1 
ATOM   763  C CG  . TYR A 1 92  ? 15.228  -4.692  4.912   1.00 13.04 ? 2880 TYR A CG  1 
ATOM   764  C CD1 . TYR A 1 92  ? 16.281  -5.387  4.244   1.00 15.49 ? 2880 TYR A CD1 1 
ATOM   765  C CD2 . TYR A 1 92  ? 15.491  -3.369  5.361   1.00 16.89 ? 2880 TYR A CD2 1 
ATOM   766  C CE1 . TYR A 1 92  ? 17.567  -4.766  4.180   1.00 17.00 ? 2880 TYR A CE1 1 
ATOM   767  C CE2 . TYR A 1 92  ? 16.764  -2.766  5.206   1.00 19.82 ? 2880 TYR A CE2 1 
ATOM   768  C CZ  . TYR A 1 92  ? 17.748  -3.492  4.646   1.00 18.25 ? 2880 TYR A CZ  1 
ATOM   769  O OH  . TYR A 1 92  ? 19.016  -2.861  4.510   1.00 28.14 ? 2880 TYR A OH  1 
ATOM   770  N N   . ASN A 1 93  ? 13.432  -5.155  8.319   1.00 9.69  ? 2881 ASN A N   1 
ATOM   771  C CA  . ASN A 1 93  ? 13.858  -4.372  9.482   1.00 9.69  ? 2881 ASN A CA  1 
ATOM   772  C C   . ASN A 1 93  ? 13.528  -5.074  10.788  1.00 10.76 ? 2881 ASN A C   1 
ATOM   773  O O   . ASN A 1 93  ? 12.560  -5.819  10.891  1.00 11.16 ? 2881 ASN A O   1 
ATOM   774  C CB  . ASN A 1 93  ? 13.096  -2.988  9.488   1.00 9.67  ? 2881 ASN A CB  1 
ATOM   775  C CG  . ASN A 1 93  ? 13.438  -2.161  8.296   1.00 9.17  ? 2881 ASN A CG  1 
ATOM   776  O OD1 . ASN A 1 93  ? 14.516  -1.564  8.214   1.00 12.61 ? 2881 ASN A OD1 1 
ATOM   777  N ND2 . ASN A 1 93  ? 12.498  -2.059  7.330   1.00 10.75 ? 2881 ASN A ND2 1 
ATOM   778  N N   . PRO A 1 94  ? 14.365  -4.795  11.830  1.00 12.16 ? 2882 PRO A N   1 
ATOM   779  C CA  . PRO A 1 94  ? 14.000  -5.382  13.180  1.00 12.57 ? 2882 PRO A CA  1 
ATOM   780  C C   . PRO A 1 94  ? 12.753  -4.850  13.774  1.00 12.23 ? 2882 PRO A C   1 
ATOM   781  O O   . PRO A 1 94  ? 12.374  -3.682  13.476  1.00 11.64 ? 2882 PRO A O   1 
ATOM   782  C CB  . PRO A 1 94  ? 15.232  -5.066  14.061  1.00 17.52 ? 2882 PRO A CB  1 
ATOM   783  C CG  . PRO A 1 94  ? 16.045  -4.107  13.312  1.00 16.66 ? 2882 PRO A CG  1 
ATOM   784  C CD  . PRO A 1 94  ? 15.610  -4.038  11.854  1.00 13.15 ? 2882 PRO A CD  1 
ATOM   785  N N   . SER A 1 95  ? 12.131  -5.596  14.666  1.00 12.29 ? 2883 SER A N   1 
ATOM   786  C CA  . SER A 1 95  ? 10.912  -5.234  15.191  1.00 12.68 ? 2883 SER A CA  1 
ATOM   787  C C   . SER A 1 95  ? 10.966  -3.967  16.075  1.00 13.96 ? 2883 SER A C   1 
ATOM   788  O O   . SER A 1 95  ? 9.924   -3.425  16.340  1.00 16.36 ? 2883 SER A O   1 
ATOM   789  C CB  . SER A 1 95  ? 10.232  -6.384  15.990  1.00 14.40 ? 2883 SER A CB  1 
ATOM   790  O OG  . SER A 1 95  ? 11.120  -6.749  17.089  1.00 16.66 ? 2883 SER A OG  1 
ATOM   791  N N   . ASP A 1 96  ? 12.148  -3.578  16.567  1.00 13.94 ? 2884 ASP A N   1 
ATOM   792  C CA  . ASP A 1 96  ? 12.287  -2.282  17.358  1.00 14.15 ? 2884 ASP A CA  1 
ATOM   793  C C   . ASP A 1 96  ? 12.720  -1.102  16.493  1.00 15.98 ? 2884 ASP A C   1 
ATOM   794  O O   . ASP A 1 96  ? 12.996  -0.023  17.092  1.00 17.71 ? 2884 ASP A O   1 
ATOM   795  C CB  . ASP A 1 96  ? 13.226  -2.570  18.592  1.00 17.05 ? 2884 ASP A CB  1 
ATOM   796  C CG  . ASP A 1 96  ? 14.565  -2.921  18.199  1.00 21.26 ? 2884 ASP A CG  1 
ATOM   797  O OD1 . ASP A 1 96  ? 14.924  -3.123  17.025  1.00 20.59 ? 2884 ASP A OD1 1 
ATOM   798  O OD2 . ASP A 1 96  ? 15.498  -2.980  19.132  1.00 25.78 ? 2884 ASP A OD2 1 
ATOM   799  N N   . SER A 1 97  ? 12.760  -1.198  15.194  1.00 12.67 ? 2885 SER A N   1 
ATOM   800  C CA  A SER A 1 97  ? 13.161  -0.046  14.484  0.50 11.94 ? 2885 SER A CA  1 
ATOM   801  C CA  B SER A 1 97  ? 13.227  -0.160  14.152  0.50 10.40 ? 2885 SER A CA  1 
ATOM   802  C C   . SER A 1 97  ? 12.067  0.912   14.086  1.00 10.66 ? 2885 SER A C   1 
ATOM   803  O O   . SER A 1 97  ? 10.847  0.525   14.003  1.00 11.07 ? 2885 SER A O   1 
ATOM   804  C CB  A SER A 1 97  ? 13.767  -0.506  13.289  0.50 12.15 ? 2885 SER A CB  1 
ATOM   805  C CB  B SER A 1 97  ? 13.446  -0.776  12.740  0.50 10.11 ? 2885 SER A CB  1 
ATOM   806  O OG  A SER A 1 97  ? 12.839  -1.128  12.451  0.50 13.52 ? 2885 SER A OG  1 
ATOM   807  O OG  B SER A 1 97  ? 13.754  0.248   11.796  0.50 9.18  ? 2885 SER A OG  1 
ATOM   808  N N   . PRO A 1 98  ? 12.386  2.220   13.913  1.00 11.21 ? 2886 PRO A N   1 
ATOM   809  C CA  . PRO A 1 98  ? 11.318  3.175   13.555  1.00 10.97 ? 2886 PRO A CA  1 
ATOM   810  C C   . PRO A 1 98  ? 10.668  2.819   12.158  1.00 8.98  ? 2886 PRO A C   1 
ATOM   811  O O   . PRO A 1 98  ? 9.513   3.147   11.978  1.00 9.51  ? 2886 PRO A O   1 
ATOM   812  C CB  . PRO A 1 98  ? 12.077  4.510   13.477  1.00 12.82 ? 2886 PRO A CB  1 
ATOM   813  C CG  . PRO A 1 98  ? 13.492  4.160   13.327  1.00 15.22 ? 2886 PRO A CG  1 
ATOM   814  C CD  . PRO A 1 98  ? 13.713  2.876   14.124  1.00 11.99 ? 2886 PRO A CD  1 
ATOM   815  N N   . PHE A 1 99  ? 11.393  2.169   11.257  1.00 8.48  ? 2887 PHE A N   1 
ATOM   816  C CA  . PHE A 1 99  ? 10.781  1.785   9.981   1.00 9.02  ? 2887 PHE A CA  1 
ATOM   817  C C   . PHE A 1 99  ? 9.634   0.785   10.212  1.00 8.52  ? 2887 PHE A C   1 
ATOM   818  O O   . PHE A 1 99  ? 8.543   0.877   9.631   1.00 8.48  ? 2887 PHE A O   1 
ATOM   819  C CB  . PHE A 1 99  ? 11.755  1.117   9.032   1.00 9.47  ? 2887 PHE A CB  1 
ATOM   820  C CG  . PHE A 1 99  ? 12.780  2.056   8.400   1.00 12.38 ? 2887 PHE A CG  1 
ATOM   821  C CD1 . PHE A 1 99  ? 12.456  2.990   7.439   1.00 13.86 ? 2887 PHE A CD1 1 
ATOM   822  C CD2 . PHE A 1 99  ? 14.147  1.842   8.647   1.00 18.80 ? 2887 PHE A CD2 1 
ATOM   823  C CE1 . PHE A 1 99  ? 13.426  3.765   6.788   1.00 14.83 ? 2887 PHE A CE1 1 
ATOM   824  C CE2 . PHE A 1 99  ? 15.121  2.675   8.044   1.00 19.28 ? 2887 PHE A CE2 1 
ATOM   825  C CZ  . PHE A 1 99  ? 14.737  3.605   7.078   1.00 18.19 ? 2887 PHE A CZ  1 
ATOM   826  N N   . TYR A 1 100 ? 9.883   -0.188  11.097  1.00 8.72  ? 2888 TYR A N   1 
ATOM   827  C CA  . TYR A 1 100 ? 8.900   -1.238  11.478  1.00 8.35  ? 2888 TYR A CA  1 
ATOM   828  C C   . TYR A 1 100 ? 7.641   -0.605  12.103  1.00 8.78  ? 2888 TYR A C   1 
ATOM   829  O O   . TYR A 1 100 ? 6.501   -0.930  11.758  1.00 9.40  ? 2888 TYR A O   1 
ATOM   830  C CB  . TYR A 1 100 ? 9.603   -2.262  12.383  1.00 8.38  ? 2888 TYR A CB  1 
ATOM   831  C CG  . TYR A 1 100 ? 8.857   -3.608  12.548  1.00 9.17  ? 2888 TYR A CG  1 
ATOM   832  C CD1 . TYR A 1 100 ? 7.731   -3.714  13.322  1.00 10.82 ? 2888 TYR A CD1 1 
ATOM   833  C CD2 . TYR A 1 100 ? 9.363   -4.760  12.001  1.00 10.94 ? 2888 TYR A CD2 1 
ATOM   834  C CE1 . TYR A 1 100 ? 7.084   -4.911  13.584  1.00 12.79 ? 2888 TYR A CE1 1 
ATOM   835  C CE2 . TYR A 1 100 ? 8.749   -6.017  12.221  1.00 11.99 ? 2888 TYR A CE2 1 
ATOM   836  C CZ  . TYR A 1 100 ? 7.578   -6.039  12.957  1.00 11.80 ? 2888 TYR A CZ  1 
ATOM   837  O OH  . TYR A 1 100 ? 6.912   -7.313  13.178  1.00 17.14 ? 2888 TYR A OH  1 
ATOM   838  N N   . GLN A 1 101 ? 7.869   0.318   13.023  1.00 9.34  ? 2889 GLN A N   1 
ATOM   839  C CA  A GLN A 1 101 ? 6.823   1.111   13.666  0.75 10.11 ? 2889 GLN A CA  1 
ATOM   840  C CA  B GLN A 1 101 ? 6.811   1.095   13.664  0.25 8.93  ? 2889 GLN A CA  1 
ATOM   841  C C   . GLN A 1 101 ? 5.976   1.824   12.624  1.00 8.53  ? 2889 GLN A C   1 
ATOM   842  O O   . GLN A 1 101 ? 4.686   1.810   12.748  1.00 9.58  ? 2889 GLN A O   1 
ATOM   843  C CB  A GLN A 1 101 ? 7.433   2.112   14.678  0.75 12.93 ? 2889 GLN A CB  1 
ATOM   844  C CB  B GLN A 1 101 ? 7.344   2.101   14.711  0.25 9.06  ? 2889 GLN A CB  1 
ATOM   845  C CG  A GLN A 1 101 ? 6.535   3.040   15.478  0.75 17.72 ? 2889 GLN A CG  1 
ATOM   846  C CG  B GLN A 1 101 ? 6.252   2.873   15.462  0.25 9.70  ? 2889 GLN A CG  1 
ATOM   847  C CD  A GLN A 1 101 ? 7.380   4.107   16.204  0.75 22.54 ? 2889 GLN A CD  1 
ATOM   848  C CD  B GLN A 1 101 ? 6.830   3.977   16.391  0.25 10.19 ? 2889 GLN A CD  1 
ATOM   849  O OE1 A GLN A 1 101 ? 8.622   3.925   16.452  0.75 24.08 ? 2889 GLN A OE1 1 
ATOM   850  O OE1 B GLN A 1 101 ? 7.509   4.942   15.955  0.25 10.70 ? 2889 GLN A OE1 1 
ATOM   851  N NE2 A GLN A 1 101 ? 6.753   5.228   16.456  0.75 22.50 ? 2889 GLN A NE2 1 
ATOM   852  N NE2 B GLN A 1 101 ? 6.533   3.855   17.661  0.25 11.04 ? 2889 GLN A NE2 1 
ATOM   853  N N   . CYS A 1 102 ? 6.575   2.480   11.622  1.00 8.14  ? 2890 CYS A N   1 
ATOM   854  C CA  . CYS A 1 102 ? 5.780   3.154   10.575  1.00 8.41  ? 2890 CYS A CA  1 
ATOM   855  C C   . CYS A 1 102 ? 4.888   2.144   9.837   1.00 8.39  ? 2890 CYS A C   1 
ATOM   856  O O   . CYS A 1 102 ? 3.722   2.457   9.555   1.00 8.80  ? 2890 CYS A O   1 
ATOM   857  C CB  . CYS A 1 102 ? 6.673   3.874   9.587   1.00 10.00 ? 2890 CYS A CB  1 
ATOM   858  S SG  . CYS A 1 102 ? 7.559   5.355   10.199  1.00 11.97 ? 2890 CYS A SG  1 
ATOM   859  N N   . ALA A 1 103 ? 5.405   0.954   9.494   1.00 7.98  ? 2891 ALA A N   1 
ATOM   860  C CA  . ALA A 1 103 ? 4.599   -0.037  8.845   1.00 8.33  ? 2891 ALA A CA  1 
ATOM   861  C C   . ALA A 1 103 ? 3.382   -0.487  9.640   1.00 8.67  ? 2891 ALA A C   1 
ATOM   862  O O   . ALA A 1 103 ? 2.251   -0.702  9.111   1.00 9.62  ? 2891 ALA A O   1 
ATOM   863  C CB  . ALA A 1 103 ? 5.407   -1.288  8.457   1.00 8.60  ? 2891 ALA A CB  1 
ATOM   864  N N   . GLU A 1 104 ? 3.546   -0.660  10.970  1.00 8.97  ? 2892 GLU A N   1 
ATOM   865  C CA  A GLU A 1 104 ? 2.444   -1.037  11.906  0.50 9.29  ? 2892 GLU A CA  1 
ATOM   866  C CA  B GLU A 1 104 ? 2.410   -1.074  11.788  0.50 9.09  ? 2892 GLU A CA  1 
ATOM   867  C C   . GLU A 1 104 ? 1.307   -0.030  11.863  1.00 8.86  ? 2892 GLU A C   1 
ATOM   868  O O   . GLU A 1 104 ? 0.108   -0.357  11.743  1.00 9.69  ? 2892 GLU A O   1 
ATOM   869  C CB  A GLU A 1 104 ? 2.956   -1.216  13.392  0.50 10.19 ? 2892 GLU A CB  1 
ATOM   870  C CB  B GLU A 1 104 ? 2.844   -1.517  13.201  0.50 9.68  ? 2892 GLU A CB  1 
ATOM   871  C CG  A GLU A 1 104 ? 3.959   -2.352  13.704  0.50 11.30 ? 2892 GLU A CG  1 
ATOM   872  C CG  B GLU A 1 104 ? 3.822   -2.680  13.262  0.50 10.41 ? 2892 GLU A CG  1 
ATOM   873  C CD  A GLU A 1 104 ? 4.551   -2.282  15.124  0.50 11.11 ? 2892 GLU A CD  1 
ATOM   874  C CD  B GLU A 1 104 ? 3.227   -4.061  13.209  0.50 11.65 ? 2892 GLU A CD  1 
ATOM   875  O OE1 A GLU A 1 104 ? 4.883   -1.200  15.640  0.50 15.62 ? 2892 GLU A OE1 1 
ATOM   876  O OE1 B GLU A 1 104 ? 3.416   -4.794  14.276  0.50 16.93 ? 2892 GLU A OE1 1 
ATOM   877  O OE2 A GLU A 1 104 ? 4.790   -3.362  15.672  0.50 17.11 ? 2892 GLU A OE2 1 
ATOM   878  O OE2 B GLU A 1 104 ? 2.672   -4.397  12.183  0.50 14.33 ? 2892 GLU A OE2 1 
ATOM   879  N N   . VAL A 1 105 ? 1.663   1.249   12.014  1.00 8.74  ? 2893 VAL A N   1 
ATOM   880  C CA  . VAL A 1 105 ? 0.639   2.306   12.036  1.00 8.38  ? 2893 VAL A CA  1 
ATOM   881  C C   . VAL A 1 105 ? 0.002   2.453   10.682  1.00 8.04  ? 2893 VAL A C   1 
ATOM   882  O O   . VAL A 1 105 ? -1.262  2.594   10.562  1.00 8.41  ? 2893 VAL A O   1 
ATOM   883  C CB  . VAL A 1 105 ? 1.251   3.676   12.502  1.00 12.34 ? 2893 VAL A CB  1 
ATOM   884  C CG1 . VAL A 1 105 ? 0.128   4.728   12.598  1.00 15.34 ? 2893 VAL A CG1 1 
ATOM   885  C CG2 . VAL A 1 105 ? 2.145   3.576   13.810  1.00 14.27 ? 2893 VAL A CG2 1 
ATOM   886  N N   . LEU A 1 106 ? 0.829   2.492   9.604   1.00 8.00  ? 2894 LEU A N   1 
ATOM   887  C CA  . LEU A 1 106 ? 0.226   2.734   8.258   1.00 8.51  ? 2894 LEU A CA  1 
ATOM   888  C C   . LEU A 1 106 ? -0.653  1.592   7.834   1.00 8.77  ? 2894 LEU A C   1 
ATOM   889  O O   . LEU A 1 106 ? -1.703  1.815   7.166   1.00 8.48  ? 2894 LEU A O   1 
ATOM   890  C CB  . LEU A 1 106 ? 1.315   3.001   7.214   1.00 9.79  ? 2894 LEU A CB  1 
ATOM   891  C CG  . LEU A 1 106 ? 0.852   3.948   6.028   1.00 13.45 ? 2894 LEU A CG  1 
ATOM   892  C CD1 . LEU A 1 106 ? 0.249   5.319   6.345   1.00 16.43 ? 2894 LEU A CD1 1 
ATOM   893  C CD2 . LEU A 1 106 ? 1.996   4.186   5.050   1.00 15.06 ? 2894 LEU A CD2 1 
ATOM   894  N N   . GLU A 1 107 ? -0.310  0.345   8.154   1.00 8.28  ? 2895 GLU A N   1 
ATOM   895  C CA  . GLU A 1 107 ? -1.186  -0.766  7.756   1.00 9.09  ? 2895 GLU A CA  1 
ATOM   896  C C   . GLU A 1 107 ? -2.563  -0.699  8.410   1.00 8.21  ? 2895 GLU A C   1 
ATOM   897  O O   . GLU A 1 107 ? -3.586  -0.941  7.805   1.00 8.67  ? 2895 GLU A O   1 
ATOM   898  C CB  . GLU A 1 107 ? -0.574  -2.119  7.974   1.00 10.44 ? 2895 GLU A CB  1 
ATOM   899  C CG  . GLU A 1 107 ? -1.444  -3.223  7.367   1.00 12.09 ? 2895 GLU A CG  1 
ATOM   900  C CD  . GLU A 1 107 ? -0.769  -4.557  7.167   1.00 14.44 ? 2895 GLU A CD  1 
ATOM   901  O OE1 . GLU A 1 107 ? 0.154   -4.846  7.904   1.00 20.62 ? 2895 GLU A OE1 1 
ATOM   902  O OE2 . GLU A 1 107 ? -1.150  -5.393  6.347   1.00 18.15 ? 2895 GLU A OE2 1 
ATOM   903  N N   . SER A 1 108 ? -2.562  -0.358  9.754   1.00 9.37  ? 2896 SER A N   1 
ATOM   904  C CA  . SER A 1 108 ? -3.839  -0.223  10.484  1.00 9.38  ? 2896 SER A CA  1 
ATOM   905  C C   . SER A 1 108 ? -4.750  0.892   9.840   1.00 7.64  ? 2896 SER A C   1 
ATOM   906  O O   . SER A 1 108 ? -5.978  0.755   9.758   1.00 8.09  ? 2896 SER A O   1 
ATOM   907  C CB  . SER A 1 108 ? -3.417  0.227   12.135  1.00 9.97  ? 2896 SER A CB  1 
ATOM   908  O OG  . SER A 1 108 ? -3.161  1.635   12.233  1.00 17.42 ? 2896 SER A OG  1 
ATOM   909  N N   . PHE A 1 109 ? -4.108  1.982   9.467   1.00 7.92  ? 2897 PHE A N   1 
ATOM   910  C CA  . PHE A 1 109 ? -4.794  3.126   8.825   1.00 6.92  ? 2897 PHE A CA  1 
ATOM   911  C C   . PHE A 1 109 ? -5.329  2.711   7.432   1.00 6.40  ? 2897 PHE A C   1 
ATOM   912  O O   . PHE A 1 109 ? -6.490  2.989   7.113   1.00 7.00  ? 2897 PHE A O   1 
ATOM   913  C CB  . PHE A 1 109 ? -3.772  4.301   8.719   1.00 8.57  ? 2897 PHE A CB  1 
ATOM   914  C CG  . PHE A 1 109 ? -4.336  5.494   8.077   1.00 8.34  ? 2897 PHE A CG  1 
ATOM   915  C CD1 . PHE A 1 109 ? -5.278  6.296   8.707   1.00 10.51 ? 2897 PHE A CD1 1 
ATOM   916  C CD2 . PHE A 1 109 ? -3.894  5.903   6.794   1.00 11.17 ? 2897 PHE A CD2 1 
ATOM   917  C CE1 . PHE A 1 109 ? -5.759  7.464   8.056   1.00 12.74 ? 2897 PHE A CE1 1 
ATOM   918  C CE2 . PHE A 1 109 ? -4.337  7.058   6.197   1.00 11.84 ? 2897 PHE A CE2 1 
ATOM   919  C CZ  . PHE A 1 109 ? -5.269  7.852   6.792   1.00 10.82 ? 2897 PHE A CZ  1 
ATOM   920  N N   . PHE A 1 110 ? -4.526  1.992   6.650   1.00 6.59  ? 2898 PHE A N   1 
ATOM   921  C CA  . PHE A 1 110 ? -4.972  1.420   5.387   1.00 6.40  ? 2898 PHE A CA  1 
ATOM   922  C C   . PHE A 1 110 ? -6.215  0.525   5.558   1.00 6.83  ? 2898 PHE A C   1 
ATOM   923  O O   . PHE A 1 110 ? -7.187  0.660   4.815   1.00 7.23  ? 2898 PHE A O   1 
ATOM   924  C CB  . PHE A 1 110 ? -3.853  0.638   4.678   1.00 6.23  ? 2898 PHE A CB  1 
ATOM   925  C CG  . PHE A 1 110 ? -4.298  -0.058  3.453   1.00 6.19  ? 2898 PHE A CG  1 
ATOM   926  C CD1 . PHE A 1 110 ? -4.795  0.622   2.331   1.00 6.68  ? 2898 PHE A CD1 1 
ATOM   927  C CD2 . PHE A 1 110 ? -4.279  -1.478  3.364   1.00 7.82  ? 2898 PHE A CD2 1 
ATOM   928  C CE1 . PHE A 1 110 ? -5.231  -0.027  1.205   1.00 8.86  ? 2898 PHE A CE1 1 
ATOM   929  C CE2 . PHE A 1 110 ? -4.707  -2.165  2.211   1.00 8.64  ? 2898 PHE A CE2 1 
ATOM   930  C CZ  . PHE A 1 110 ? -5.185  -1.455  1.165   1.00 8.77  ? 2898 PHE A CZ  1 
ATOM   931  N N   . VAL A 1 111 ? -6.197  -0.368  6.570   1.00 7.15  ? 2899 VAL A N   1 
ATOM   932  C CA  . VAL A 1 111 ? -7.372  -1.218  6.826   1.00 8.13  ? 2899 VAL A CA  1 
ATOM   933  C C   . VAL A 1 111 ? -8.613  -0.357  7.102   1.00 7.50  ? 2899 VAL A C   1 
ATOM   934  O O   . VAL A 1 111 ? -9.727  -0.651  6.600   1.00 7.96  ? 2899 VAL A O   1 
ATOM   935  C CB  . VAL A 1 111 ? -7.044  -2.245  7.882   1.00 9.46  ? 2899 VAL A CB  1 
ATOM   936  C CG1 . VAL A 1 111 ? -8.364  -2.971  8.334   1.00 11.87 ? 2899 VAL A CG1 1 
ATOM   937  C CG2 . VAL A 1 111 ? -6.100  -3.285  7.327   1.00 12.84 ? 2899 VAL A CG2 1 
ATOM   938  N N   . GLN A 1 112 ? -8.451  0.683   7.949   1.00 7.20  ? 2900 GLN A N   1 
ATOM   939  C CA  . GLN A 1 112 ? -9.658  1.574   8.210   1.00 7.63  ? 2900 GLN A CA  1 
ATOM   940  C C   . GLN A 1 112 ? -10.188 2.146   6.907   1.00 7.43  ? 2900 GLN A C   1 
ATOM   941  O O   . GLN A 1 112 ? -11.435 2.173   6.680   1.00 8.57  ? 2900 GLN A O   1 
ATOM   942  C CB  . GLN A 1 112 ? -9.264  2.690   9.191   1.00 7.34  ? 2900 GLN A CB  1 
ATOM   943  C CG  . GLN A 1 112 ? -8.973  2.258   10.613  1.00 7.83  ? 2900 GLN A CG  1 
ATOM   944  C CD  . GLN A 1 112 ? -8.420  3.345   11.459  1.00 7.13  ? 2900 GLN A CD  1 
ATOM   945  O OE1 . GLN A 1 112 ? -7.639  4.198   11.018  1.00 8.83  ? 2900 GLN A OE1 1 
ATOM   946  N NE2 . GLN A 1 112 ? -8.705  3.293   12.810  1.00 8.56  ? 2900 GLN A NE2 1 
ATOM   947  N N   . LYS A 1 113 ? -9.283  2.671   6.057   1.00 6.74  ? 2901 LYS A N   1 
ATOM   948  C CA  . LYS A 1 113 ? -9.714  3.302   4.790   1.00 7.71  ? 2901 LYS A CA  1 
ATOM   949  C C   . LYS A 1 113 ? -10.282 2.272   3.788   1.00 7.28  ? 2901 LYS A C   1 
ATOM   950  O O   . LYS A 1 113 ? -11.274 2.576   3.074   1.00 8.46  ? 2901 LYS A O   1 
ATOM   951  C CB  . LYS A 1 113 ? -8.560  4.085   4.163   1.00 7.44  ? 2901 LYS A CB  1 
ATOM   952  C CG  . LYS A 1 113 ? -8.124  5.330   4.955   1.00 9.33  ? 2901 LYS A CG  1 
ATOM   953  C CD  . LYS A 1 113 ? -9.158  6.484   4.789   1.00 11.79 ? 2901 LYS A CD  1 
ATOM   954  C CE  . LYS A 1 113 ? -8.743  7.664   5.640   1.00 13.48 ? 2901 LYS A CE  1 
ATOM   955  N NZ  . LYS A 1 113 ? -9.708  8.802   5.417   1.00 15.94 ? 2901 LYS A NZ  1 
ATOM   956  N N   . LEU A 1 114 ? -9.689  1.105   3.770   1.00 7.28  ? 2902 LEU A N   1 
ATOM   957  C CA  . LEU A 1 114 ? -10.168 0.000   2.856   1.00 7.83  ? 2902 LEU A CA  1 
ATOM   958  C C   . LEU A 1 114 ? -11.554 -0.417  3.240   1.00 8.71  ? 2902 LEU A C   1 
ATOM   959  O O   . LEU A 1 114 ? -12.418 -0.698  2.331   1.00 8.57  ? 2902 LEU A O   1 
ATOM   960  C CB  . LEU A 1 114 ? -9.132  -1.161  2.942   1.00 8.34  ? 2902 LEU A CB  1 
ATOM   961  C CG  . LEU A 1 114 ? -9.465  -2.418  2.084   1.00 8.97  ? 2902 LEU A CG  1 
ATOM   962  C CD1 . LEU A 1 114 ? -9.489  -2.015  0.606   1.00 8.84  ? 2902 LEU A CD1 1 
ATOM   963  C CD2 . LEU A 1 114 ? -8.538  -3.530  2.389   1.00 9.47  ? 2902 LEU A CD2 1 
ATOM   964  N N   . LYS A 1 115 ? -11.819 -0.590  4.551   1.00 8.60  ? 2903 LYS A N   1 
ATOM   965  C CA  . LYS A 1 115 ? -13.188 -0.953  4.951   1.00 8.93  ? 2903 LYS A CA  1 
ATOM   966  C C   . LYS A 1 115 ? -14.181 0.097   4.518   1.00 9.38  ? 2903 LYS A C   1 
ATOM   967  O O   . LYS A 1 115 ? -15.313 -0.263  4.094   1.00 10.34 ? 2903 LYS A O   1 
ATOM   968  C CB  . LYS A 1 115 ? -13.263 -1.118  6.470   1.00 10.35 ? 2903 LYS A CB  1 
ATOM   969  C CG  . LYS A 1 115 ? -12.608 -2.333  6.961   1.00 12.19 ? 2903 LYS A CG  1 
ATOM   970  C CD  . LYS A 1 115 ? -12.670 -2.503  8.479   1.00 16.28 ? 2903 LYS A CD  1 
ATOM   971  C CE  . LYS A 1 115 ? -12.005 -3.739  9.050   1.00 20.98 ? 2903 LYS A CE  1 
ATOM   972  N NZ  . LYS A 1 115 ? -12.134 -3.671  10.530  1.00 28.28 ? 2903 LYS A NZ  1 
ATOM   973  N N   . GLY A 1 116 ? -13.860 1.377   4.620   1.00 9.33  ? 2904 GLY A N   1 
ATOM   974  C CA  . GLY A 1 116 ? -14.733 2.453   4.155   1.00 10.22 ? 2904 GLY A CA  1 
ATOM   975  C C   . GLY A 1 116 ? -14.982 2.301   2.675   1.00 11.60 ? 2904 GLY A C   1 
ATOM   976  O O   . GLY A 1 116 ? -16.152 2.479   2.136   1.00 11.63 ? 2904 GLY A O   1 
ATOM   977  N N   . PHE A 1 117 ? -13.899 2.097   1.876   1.00 9.50  ? 2905 PHE A N   1 
ATOM   978  C CA  . PHE A 1 117 ? -14.056 1.925   0.405   1.00 9.57  ? 2905 PHE A CA  1 
ATOM   979  C C   . PHE A 1 117 ? -14.982 0.708   0.087   1.00 9.91  ? 2905 PHE A C   1 
ATOM   980  O O   . PHE A 1 117 ? -15.869 0.867   -0.770  1.00 10.81 ? 2905 PHE A O   1 
ATOM   981  C CB  . PHE A 1 117 ? -12.670 1.744   -0.199  1.00 9.68  ? 2905 PHE A CB  1 
ATOM   982  C CG  . PHE A 1 117 ? -12.736 1.438   -1.697  1.00 10.08 ? 2905 PHE A CG  1 
ATOM   983  C CD1 . PHE A 1 117 ? -13.091 2.381   -2.602  1.00 12.67 ? 2905 PHE A CD1 1 
ATOM   984  C CD2 . PHE A 1 117 ? -12.548 0.150   -2.186  1.00 10.60 ? 2905 PHE A CD2 1 
ATOM   985  C CE1 . PHE A 1 117 ? -13.159 2.124   -3.993  1.00 13.49 ? 2905 PHE A CE1 1 
ATOM   986  C CE2 . PHE A 1 117 ? -12.680 -0.116  -3.582  1.00 11.95 ? 2905 PHE A CE2 1 
ATOM   987  C CZ  . PHE A 1 117 ? -12.976 0.866   -4.461  1.00 12.05 ? 2905 PHE A CZ  1 
ATOM   988  N N   . LYS A 1 118 ? -14.774 -0.412  0.721   1.00 8.78  ? 2906 LYS A N   1 
ATOM   989  C CA  . LYS A 1 118 ? -15.588 -1.624  0.429   1.00 10.82 ? 2906 LYS A CA  1 
ATOM   990  C C   . LYS A 1 118 ? -17.086 -1.329  0.707   1.00 12.55 ? 2906 LYS A C   1 
ATOM   991  O O   . LYS A 1 118 ? -17.966 -1.756  -0.116  1.00 13.24 ? 2906 LYS A O   1 
ATOM   992  C CB  . LYS A 1 118 ? -15.153 -2.802  1.161   1.00 10.65 ? 2906 LYS A CB  1 
ATOM   993  C CG  . LYS A 1 118 ? -13.765 -3.391  0.731   1.00 10.33 ? 2906 LYS A CG  1 
ATOM   994  C CD  . LYS A 1 118 ? -13.303 -4.561  1.535   1.00 12.10 ? 2906 LYS A CD  1 
ATOM   995  C CE  . LYS A 1 118 ? -11.968 -5.219  1.122   1.00 11.45 ? 2906 LYS A CE  1 
ATOM   996  N NZ  . LYS A 1 118 ? -11.530 -6.337  2.025   1.00 12.99 ? 2906 LYS A NZ  1 
ATOM   997  N N   . ALA A 1 119 ? -17.390 -0.634  1.777   1.00 11.27 ? 2907 ALA A N   1 
ATOM   998  C CA  . ALA A 1 119 ? -18.775 -0.312  2.151   1.00 13.35 ? 2907 ALA A CA  1 
ATOM   999  C C   . ALA A 1 119 ? -19.392 0.535   1.083   1.00 14.69 ? 2907 ALA A C   1 
ATOM   1000 O O   . ALA A 1 119 ? -20.594 0.348   0.782   1.00 17.22 ? 2907 ALA A O   1 
ATOM   1001 C CB  . ALA A 1 119 ? -18.841 0.359   3.514   1.00 14.04 ? 2907 ALA A CB  1 
ATOM   1002 N N   . SER A 1 120 ? -18.680 1.471   0.538   1.00 15.80 ? 2908 SER A N   1 
ATOM   1003 C CA  . SER A 1 120 ? -19.151 2.457   -0.430  1.00 18.12 ? 2908 SER A CA  1 
ATOM   1004 C C   . SER A 1 120 ? -19.410 1.839   -1.791  1.00 17.42 ? 2908 SER A C   1 
ATOM   1005 O O   . SER A 1 120 ? -20.198 2.450   -2.597  1.00 21.26 ? 2908 SER A O   1 
ATOM   1006 C CB  . SER A 1 120 ? -18.078 3.584   -0.568  0.50 13.73 ? 2908 SER A CB  1 
ATOM   1007 O OG  . SER A 1 120 ? -16.948 3.194   -1.407  0.50 17.44 ? 2908 SER A OG  1 
ATOM   1008 N N   . ARG A 1 121 ? -18.859 0.677   -2.116  1.00 15.35 ? 2909 ARG A N   1 
ATOM   1009 C CA  . ARG A 1 121 ? -19.007 0.044   -3.427  1.00 18.48 ? 2909 ARG A CA  1 
ATOM   1010 C C   . ARG A 1 121 ? -20.352 -0.692  -3.296  1.00 30.86 ? 2909 ARG A C   1 
ATOM   1011 O O   . ARG A 1 121 ? -21.027 -0.712  -4.232  1.00 32.43 ? 2909 ARG A O   1 
ATOM   1012 C CB  . ARG A 1 121 ? -18.005 -1.079  -3.773  1.00 18.07 ? 2909 ARG A CB  1 
ATOM   1013 C CG  . ARG A 1 121 ? -16.524 -0.850  -3.702  1.00 16.25 ? 2909 ARG A CG  1 
ATOM   1014 C CD  . ARG A 1 121 ? -15.840 -2.125  -4.122  1.00 14.77 ? 2909 ARG A CD  1 
ATOM   1015 N NE  . ARG A 1 121 ? -15.815 -2.400  -5.580  1.00 12.38 ? 2909 ARG A NE  1 
ATOM   1016 C CZ  . ARG A 1 121 ? -15.247 -3.470  -6.153  1.00 10.35 ? 2909 ARG A CZ  1 
ATOM   1017 N NH1 . ARG A 1 121 ? -14.789 -4.432  -5.390  1.00 11.95 ? 2909 ARG A NH1 1 
ATOM   1018 N NH2 . ARG A 1 121 ? -15.129 -3.566  -7.464  1.00 11.58 ? 2909 ARG A NH2 1 
ATOM   1019 N N   . SER A 1 122 ? -20.635 -1.337  -2.137  1.00 37.69 ? 2910 SER A N   1 
ATOM   1020 C CA  . SER A 1 122 ? -21.704 -2.366  -1.997  1.00 46.92 ? 2910 SER A CA  1 
ATOM   1021 C C   . SER A 1 122 ? -23.050 -1.721  -1.701  1.00 53.27 ? 2910 SER A C   1 
ATOM   1022 O O   . SER A 1 122 ? -24.091 -2.240  -2.094  1.00 65.34 ? 2910 SER A O   1 
ATOM   1023 C CB  . SER A 1 122 ? -21.336 -3.452  -0.957  1.00 49.13 ? 2910 SER A CB  1 
ATOM   1024 O OG  . SER A 1 122 ? -20.871 -2.938  0.280   1.00 51.52 ? 2910 SER A OG  1 
ATOM   1025 N N   . HIS A 1 123 ? -23.009 -0.583  -1.010  1.00 56.64 ? 2911 HIS A N   1 
ATOM   1026 C CA  . HIS A 1 123 ? -24.115 0.358   -0.949  1.00 59.06 ? 2911 HIS A CA  1 
ATOM   1027 C C   . HIS A 1 123 ? -23.610 1.718   -1.439  1.00 64.20 ? 2911 HIS A C   1 
ATOM   1028 O O   . HIS A 1 123 ? -23.717 2.046   -2.617  1.00 71.20 ? 2911 HIS A O   1 
ATOM   1029 C CB  . HIS A 1 123 ? -24.687 0.442   0.482   1.00 54.13 ? 2911 HIS A CB  1 
ATOM   1030 C CG  . HIS A 1 123 ? -23.746 1.020   1.508   1.00 50.19 ? 2911 HIS A CG  1 
ATOM   1031 N ND1 . HIS A 1 123 ? -23.077 2.216   1.324   1.00 48.76 ? 2911 HIS A ND1 1 
ATOM   1032 C CD2 . HIS A 1 123 ? -23.408 0.592   2.754   1.00 47.66 ? 2911 HIS A CD2 1 
ATOM   1033 C CE1 . HIS A 1 123 ? -22.342 2.475   2.396   1.00 37.68 ? 2911 HIS A CE1 1 
ATOM   1034 N NE2 . HIS A 1 123 ? -22.541 1.514   3.292   1.00 42.16 ? 2911 HIS A NE2 1 
HETATM 1035 S S   . DMS B 2 .   ? 12.131  0.866   4.570   0.65 15.22 ? 3001 DMS A S   1 
HETATM 1036 O O   . DMS B 2 .   ? 12.002  -0.646  4.868   0.65 11.43 ? 3001 DMS A O   1 
HETATM 1037 C C1  . DMS B 2 .   ? 13.443  0.164   3.852   0.65 10.55 ? 3001 DMS A C1  1 
HETATM 1038 C C2  . DMS B 2 .   ? 11.176  1.260   3.199   0.65 13.65 ? 3001 DMS A C2  1 
HETATM 1039 S S   . DMS C 2 .   ? 2.845   13.210  4.510   0.75 19.75 ? 3002 DMS A S   1 
HETATM 1040 O O   . DMS C 2 .   ? 2.989   14.164  3.374   0.75 21.45 ? 3002 DMS A O   1 
HETATM 1041 C C1  . DMS C 2 .   ? 3.887   11.971  4.092   0.75 15.25 ? 3002 DMS A C1  1 
HETATM 1042 C C2  . DMS C 2 .   ? 3.382   14.019  5.861   0.75 16.04 ? 3002 DMS A C2  1 
HETATM 1043 C C   . TRS D 3 .   ? -7.420  11.907  5.129   0.75 18.00 ? 3003 TRS A C   1 
HETATM 1044 C C1  . TRS D 3 .   ? -7.484  12.643  3.829   0.75 26.41 ? 3003 TRS A C1  1 
HETATM 1045 C C2  . TRS D 3 .   ? -6.810  10.621  5.036   0.75 18.70 ? 3003 TRS A C2  1 
HETATM 1046 C C3  . TRS D 3 .   ? -8.676  11.743  5.948   0.75 25.30 ? 3003 TRS A C3  1 
HETATM 1047 N N   . TRS D 3 .   ? -6.306  12.344  6.108   0.75 25.20 ? 3003 TRS A N   1 
HETATM 1048 O O1  . TRS D 3 .   ? -6.123  12.392  3.459   0.75 25.07 ? 3003 TRS A O1  1 
HETATM 1049 O O2  . TRS D 3 .   ? -5.385  10.811  5.139   0.75 37.13 ? 3003 TRS A O2  1 
HETATM 1050 O O3  . TRS D 3 .   ? -8.488  10.845  7.067   0.75 42.26 ? 3003 TRS A O3  1 
HETATM 1051 O O   . HOH E 4 .   ? -3.861  11.043  5.813   1.00 13.73 ? 3101 HOH A O   1 
HETATM 1052 O O   . HOH E 4 .   ? 9.293   7.362   -8.002  1.00 30.40 ? 3102 HOH A O   1 
HETATM 1053 O O   . HOH E 4 .   ? -13.335 -8.547  2.095   1.00 26.02 ? 3103 HOH A O   1 
HETATM 1054 O O   . HOH E 4 .   ? 13.006  -10.571 8.996   1.00 33.02 ? 3104 HOH A O   1 
HETATM 1055 O O   . HOH E 4 .   ? 22.344  -2.066  3.386   1.00 51.11 ? 3105 HOH A O   1 
HETATM 1056 O O   . HOH E 4 .   ? -12.020 -12.109 4.037   1.00 31.58 ? 3106 HOH A O   1 
HETATM 1057 O O   . HOH E 4 .   ? -12.053 6.959   -12.669 1.00 22.90 ? 3107 HOH A O   1 
HETATM 1058 O O   . HOH E 4 .   ? -1.832  10.121  -5.715  1.00 16.17 ? 3108 HOH A O   1 
HETATM 1059 O O   . HOH E 4 .   ? 12.914  -11.580 -1.001  1.00 19.84 ? 3109 HOH A O   1 
HETATM 1060 O O   . HOH E 4 .   ? -2.227  11.401  -9.220  1.00 26.13 ? 3110 HOH A O   1 
HETATM 1061 O O   . HOH E 4 .   ? 25.325  4.765   -4.201  1.00 21.57 ? 3111 HOH A O   1 
HETATM 1062 O O   . HOH E 4 .   ? 10.813  -2.319  3.018   1.00 9.70  ? 3112 HOH A O   1 
HETATM 1063 O O   . HOH E 4 .   ? -10.859 13.441  -5.225  1.00 27.39 ? 3113 HOH A O   1 
HETATM 1064 O O   . HOH E 4 .   ? 1.719   -7.711  -5.265  1.00 29.16 ? 3114 HOH A O   1 
HETATM 1065 O O   . HOH E 4 .   ? -12.910 -6.216  -6.989  1.00 9.18  ? 3115 HOH A O   1 
HETATM 1066 O O   . HOH E 4 .   ? -8.495  9.414   -14.955 1.00 27.51 ? 3116 HOH A O   1 
HETATM 1067 O O   . HOH E 4 .   ? -10.118 -14.031 4.185   1.00 53.79 ? 3117 HOH A O   1 
HETATM 1068 O O   . HOH E 4 .   ? 4.127   3.856   -17.081 1.00 24.21 ? 3118 HOH A O   1 
HETATM 1069 O O   . HOH E 4 .   ? 16.914  -1.221  9.303   1.00 25.71 ? 3119 HOH A O   1 
HETATM 1070 O O   . HOH E 4 .   ? 15.209  -6.755  -5.786  1.00 17.24 ? 3120 HOH A O   1 
HETATM 1071 O O   . HOH E 4 .   ? -15.499 5.076   -5.257  1.00 36.59 ? 3121 HOH A O   1 
HETATM 1072 O O   . HOH E 4 .   ? -7.117  -11.239 -9.603  1.00 30.98 ? 3122 HOH A O   1 
HETATM 1073 O O   . HOH E 4 .   ? 0.891   -8.341  -12.830 1.00 27.62 ? 3123 HOH A O   1 
HETATM 1074 O O   . HOH E 4 .   ? 15.629  -14.811 5.128   1.00 16.37 ? 3124 HOH A O   1 
HETATM 1075 O O   . HOH E 4 .   ? 8.465   0.654   0.246   1.00 15.10 ? 3125 HOH A O   1 
HETATM 1076 O O   . HOH E 4 .   ? -8.091  -9.910  -12.960 1.00 28.61 ? 3126 HOH A O   1 
HETATM 1077 O O   . HOH E 4 .   ? -19.199 1.141   -9.391  1.00 25.58 ? 3127 HOH A O   1 
HETATM 1078 O O   . HOH E 4 .   ? 9.703   -2.300  -0.948  1.00 11.74 ? 3128 HOH A O   1 
HETATM 1079 O O   . HOH E 4 .   ? 12.478  -8.535  10.619  1.00 20.09 ? 3129 HOH A O   1 
HETATM 1080 O O   . HOH E 4 .   ? -7.869  -13.440 -1.506  1.00 35.59 ? 3130 HOH A O   1 
HETATM 1081 O O   . HOH E 4 .   ? -1.671  7.583   -17.407 1.00 13.34 ? 3131 HOH A O   1 
HETATM 1082 O O   . HOH E 4 .   ? 3.154   -9.409  0.737   1.00 17.04 ? 3132 HOH A O   1 
HETATM 1083 O O   . HOH E 4 .   ? 11.203  -8.926  -9.026  1.00 19.62 ? 3133 HOH A O   1 
HETATM 1084 O O   . HOH E 4 .   ? 13.921  6.449   -4.864  1.00 23.42 ? 3134 HOH A O   1 
HETATM 1085 O O   . HOH E 4 .   ? 9.775   -0.197  -5.420  1.00 11.17 ? 3135 HOH A O   1 
HETATM 1086 O O   . HOH E 4 .   ? 0.819   -6.529  -8.909  1.00 17.16 ? 3136 HOH A O   1 
HETATM 1087 O O   . HOH E 4 .   ? -11.300 -2.790  -14.242 1.00 26.86 ? 3137 HOH A O   1 
HETATM 1088 O O   . HOH E 4 .   ? 1.013   -9.023  -1.091  1.00 13.33 ? 3138 HOH A O   1 
HETATM 1089 O O   . HOH E 4 .   ? 10.180  2.729   -0.032  1.00 10.07 ? 3139 HOH A O   1 
HETATM 1090 O O   . HOH E 4 .   ? -9.001  -7.089  1.228   1.00 14.93 ? 3140 HOH A O   1 
HETATM 1091 O O   . HOH E 4 .   ? -12.354 5.102   2.860   1.00 16.71 ? 3141 HOH A O   1 
HETATM 1092 O O   . HOH E 4 .   ? 17.937  -9.654  -6.082  1.00 34.37 ? 3142 HOH A O   1 
HETATM 1093 O O   . HOH E 4 .   ? -0.805  -2.935  12.178  1.00 21.23 ? 3143 HOH A O   1 
HETATM 1094 O O   . HOH E 4 .   ? 11.529  -9.490  17.212  1.00 25.16 ? 3144 HOH A O   1 
HETATM 1095 O O   . HOH E 4 .   ? -17.800 -4.190  -12.224 1.00 17.95 ? 3145 HOH A O   1 
HETATM 1096 O O   . HOH E 4 .   ? 17.233  -7.705  6.585   1.00 31.90 ? 3146 HOH A O   1 
HETATM 1097 O O   . HOH E 4 .   ? 3.804   0.608   -15.070 1.00 17.80 ? 3147 HOH A O   1 
HETATM 1098 O O   . HOH E 4 .   ? -1.133  -8.161  6.608   1.00 21.13 ? 3148 HOH A O   1 
HETATM 1099 O O   . HOH E 4 .   ? 6.316   13.168  9.963   1.00 21.36 ? 3149 HOH A O   1 
HETATM 1100 O O   . HOH E 4 .   ? 8.520   -1.264  2.125   1.00 13.03 ? 3150 HOH A O   1 
HETATM 1101 O O   . HOH E 4 .   ? 9.234   -0.716  16.207  1.00 24.83 ? 3151 HOH A O   1 
HETATM 1102 O O   . HOH E 4 .   ? 8.585   1.291   -10.268 1.00 12.24 ? 3152 HOH A O   1 
HETATM 1103 O O   . HOH E 4 .   ? 26.094  1.926   -2.595  1.00 23.46 ? 3153 HOH A O   1 
HETATM 1104 O O   . HOH E 4 .   ? -9.473  -12.448 -8.961  1.00 26.36 ? 3154 HOH A O   1 
HETATM 1105 O O   . HOH E 4 .   ? 4.696   -8.914  8.049   1.00 21.01 ? 3155 HOH A O   1 
HETATM 1106 O O   . HOH E 4 .   ? 6.766   -9.775  6.336   1.00 11.92 ? 3156 HOH A O   1 
HETATM 1107 O O   . HOH E 4 .   ? -17.554 -4.286  -1.252  1.00 18.93 ? 3157 HOH A O   1 
HETATM 1108 O O   . HOH E 4 .   ? 3.042   -6.468  -8.262  1.00 17.35 ? 3158 HOH A O   1 
HETATM 1109 O O   . HOH E 4 .   ? 2.979   12.717  -0.124  1.00 17.89 ? 3159 HOH A O   1 
HETATM 1110 O O   . HOH E 4 .   ? -5.334  -9.157  -1.601  1.00 11.40 ? 3160 HOH A O   1 
HETATM 1111 O O   . HOH E 4 .   ? -2.751  -4.591  4.149   1.00 16.13 ? 3161 HOH A O   1 
HETATM 1112 O O   . HOH E 4 .   ? -2.944  -0.814  -17.804 1.00 19.19 ? 3162 HOH A O   1 
HETATM 1113 O O   . HOH E 4 .   ? 7.867   -5.781  -7.495  1.00 12.98 ? 3163 HOH A O   1 
HETATM 1114 O O   . HOH E 4 .   ? -15.141 -11.885 -12.496 1.00 16.88 ? 3164 HOH A O   1 
HETATM 1115 O O   . HOH E 4 .   ? 4.089   8.486   -3.455  1.00 12.84 ? 3165 HOH A O   1 
HETATM 1116 O O   . HOH E 4 .   ? -5.331  5.268   -17.951 1.00 15.53 ? 3166 HOH A O   1 
HETATM 1117 O O   . HOH E 4 .   ? 0.136   15.629  4.847   1.00 17.34 ? 3167 HOH A O   1 
HETATM 1118 O O   . HOH E 4 .   ? -0.698  13.956  8.182   1.00 35.16 ? 3168 HOH A O   1 
HETATM 1119 O O   . HOH E 4 .   ? -10.056 9.484   2.577   1.00 21.01 ? 3169 HOH A O   1 
HETATM 1120 O O   . HOH E 4 .   ? -7.296  -1.052  11.516  1.00 12.87 ? 3170 HOH A O   1 
HETATM 1121 O O   . HOH E 4 .   ? -17.855 4.245   3.578   1.00 17.56 ? 3171 HOH A O   1 
HETATM 1122 O O   . HOH E 4 .   ? -16.412 -2.793  4.788   1.00 18.46 ? 3172 HOH A O   1 
HETATM 1123 O O   . HOH E 4 .   ? -16.785 2.072   -15.426 1.00 26.08 ? 3173 HOH A O   1 
HETATM 1124 O O   . HOH E 4 .   ? -18.260 -1.905  -8.457  1.00 20.42 ? 3174 HOH A O   1 
HETATM 1125 O O   . HOH E 4 .   ? -9.942  12.785  8.601   1.00 28.13 ? 3175 HOH A O   1 
HETATM 1126 O O   . HOH E 4 .   ? 15.018  5.002   0.721   1.00 23.71 ? 3176 HOH A O   1 
HETATM 1127 O O   . HOH E 4 .   ? 12.929  4.482   2.736   1.00 20.48 ? 3177 HOH A O   1 
HETATM 1128 O O   . HOH E 4 .   ? 0.722   -10.144 5.346   1.00 28.74 ? 3178 HOH A O   1 
HETATM 1129 O O   . HOH E 4 .   ? -7.954  -1.688  -17.133 1.00 35.70 ? 3179 HOH A O   1 
HETATM 1130 O O   . HOH E 4 .   ? 10.318  7.421   0.128   1.00 14.03 ? 3180 HOH A O   1 
HETATM 1131 O O   . HOH E 4 .   ? -11.400 -4.952  4.569   1.00 24.58 ? 3181 HOH A O   1 
HETATM 1132 O O   . HOH E 4 .   ? -15.081 -5.005  -2.532  1.00 13.16 ? 3182 HOH A O   1 
HETATM 1133 O O   . HOH E 4 .   ? 8.609   -9.739  10.573  1.00 25.28 ? 3183 HOH A O   1 
HETATM 1134 O O   . HOH E 4 .   ? -15.013 -3.636  10.951  1.00 26.85 ? 3184 HOH A O   1 
HETATM 1135 O O   . HOH E 4 .   ? -10.606 10.747  -6.262  1.00 22.74 ? 3185 HOH A O   1 
HETATM 1136 O O   . HOH E 4 .   ? 6.224   5.622   -10.481 1.00 23.86 ? 3186 HOH A O   1 
HETATM 1137 O O   . HOH E 4 .   ? -1.236  -7.359  -7.505  1.00 27.20 ? 3187 HOH A O   1 
HETATM 1138 O O   . HOH E 4 .   ? -17.026 2.738   -5.600  1.00 31.21 ? 3188 HOH A O   1 
HETATM 1139 O O   . HOH E 4 .   ? -12.784 4.600   7.654   1.00 13.86 ? 3189 HOH A O   1 
HETATM 1140 O O   . HOH E 4 .   ? 12.734  6.204   -0.618  1.00 19.75 ? 3190 HOH A O   1 
HETATM 1141 O O   . HOH E 4 .   ? 6.694   1.119   -12.274 1.00 16.01 ? 3191 HOH A O   1 
HETATM 1142 O O   . HOH E 4 .   ? -11.780 -7.364  -14.808 1.00 34.77 ? 3192 HOH A O   1 
HETATM 1143 O O   . HOH E 4 .   ? -3.449  7.034   11.835  1.00 15.62 ? 3193 HOH A O   1 
HETATM 1144 O O   . HOH E 4 .   ? -10.417 5.126   -18.220 1.00 41.35 ? 3194 HOH A O   1 
HETATM 1145 O O   . HOH E 4 .   ? -12.406 0.912   -14.873 1.00 29.68 ? 3195 HOH A O   1 
HETATM 1146 O O   . HOH E 4 .   ? -18.433 3.774   -12.752 1.00 22.08 ? 3196 HOH A O   1 
HETATM 1147 O O   . HOH E 4 .   ? 5.934   -9.015  0.327   1.00 23.59 ? 3197 HOH A O   1 
HETATM 1148 O O   . HOH E 4 .   ? 20.244  -2.634  -2.650  1.00 25.70 ? 3198 HOH A O   1 
HETATM 1149 O O   . HOH E 4 .   ? -0.996  11.414  9.902   1.00 19.17 ? 3199 HOH A O   1 
HETATM 1150 O O   . HOH E 4 .   ? 13.093  -8.444  14.816  1.00 19.74 ? 3200 HOH A O   1 
HETATM 1151 O O   . HOH E 4 .   ? 14.571  -1.407  21.528  1.00 41.90 ? 3201 HOH A O   1 
HETATM 1152 O O   . HOH E 4 .   ? -11.019 -15.608 2.846   1.00 49.21 ? 3202 HOH A O   1 
HETATM 1153 O O   . HOH E 4 .   ? -12.255 5.688   -0.917  1.00 28.07 ? 3203 HOH A O   1 
HETATM 1154 O O   . HOH E 4 .   ? -14.946 -2.238  -15.352 1.00 28.32 ? 3204 HOH A O   1 
HETATM 1155 O O   . HOH E 4 .   ? 10.907  0.083   -2.781  1.00 13.24 ? 3205 HOH A O   1 
HETATM 1156 O O   . HOH E 4 .   ? 5.599   15.235  8.344   1.00 24.39 ? 3206 HOH A O   1 
HETATM 1157 O O   . HOH E 4 .   ? -20.766 1.427   -10.969 1.00 45.75 ? 3207 HOH A O   1 
HETATM 1158 O O   . HOH E 4 .   ? -14.874 5.459   -1.765  1.00 31.36 ? 3208 HOH A O   1 
HETATM 1159 O O   . HOH E 4 .   ? 16.489  -1.008  15.357  1.00 37.30 ? 3209 HOH A O   1 
HETATM 1160 O O   . HOH E 4 .   ? -9.004  -1.620  -15.283 1.00 24.57 ? 3210 HOH A O   1 
HETATM 1161 O O   . HOH E 4 .   ? -13.983 8.524   -3.219  1.00 38.19 ? 3211 HOH A O   1 
HETATM 1162 O O   . HOH E 4 .   ? 8.085   4.839   -8.475  1.00 20.51 ? 3212 HOH A O   1 
HETATM 1163 O O   . HOH E 4 .   ? -11.664 -15.660 -1.133  1.00 32.58 ? 3213 HOH A O   1 
HETATM 1164 O O   . HOH E 4 .   ? 15.469  -10.468 6.359   1.00 30.04 ? 3214 HOH A O   1 
HETATM 1165 O O   . HOH E 4 .   ? 4.511   11.173  -7.531  1.00 40.50 ? 3215 HOH A O   1 
HETATM 1166 O O   . HOH E 4 .   ? -4.248  8.954   -6.385  1.00 18.63 ? 3216 HOH A O   1 
HETATM 1167 O O   . HOH E 4 .   ? -10.563 11.298  -13.389 1.00 32.55 ? 3217 HOH A O   1 
HETATM 1168 O O   . HOH E 4 .   ? -3.524  -6.760  -12.931 1.00 39.38 ? 3218 HOH A O   1 
HETATM 1169 O O   . HOH E 4 .   ? -6.646  -9.603  2.351   1.00 34.29 ? 3219 HOH A O   1 
HETATM 1170 O O   . HOH E 4 .   ? 15.724  2.640   -6.583  1.00 20.60 ? 3220 HOH A O   1 
HETATM 1171 O O   . HOH E 4 .   ? 5.292   -5.865  -8.818  1.00 11.86 ? 3221 HOH A O   1 
HETATM 1172 O O   . HOH E 4 .   ? -4.311  -8.251  2.961   1.00 21.95 ? 3222 HOH A O   1 
HETATM 1173 O O   . HOH E 4 .   ? -3.260  -8.811  0.284   1.00 14.09 ? 3223 HOH A O   1 
HETATM 1174 O O   . HOH E 4 .   ? -4.614  -11.773 -2.267  1.00 27.73 ? 3224 HOH A O   1 
HETATM 1175 O O   . HOH E 4 .   ? 10.158  12.550  -5.734  1.00 38.52 ? 3225 HOH A O   1 
HETATM 1176 O O   . HOH E 4 .   ? 6.524   -10.644 -1.740  1.00 26.64 ? 3226 HOH A O   1 
HETATM 1177 O O   . HOH E 4 .   ? 15.251  -8.162  11.449  1.00 27.07 ? 3227 HOH A O   1 
HETATM 1178 O O   . HOH E 4 .   ? -3.302  -3.704  10.489  1.00 29.60 ? 3228 HOH A O   1 
HETATM 1179 O O   . HOH E 4 .   ? -16.283 6.120   1.025   1.00 30.15 ? 3229 HOH A O   1 
HETATM 1180 O O   . HOH E 4 .   ? 14.653  -6.752  17.601  1.00 21.00 ? 3230 HOH A O   1 
HETATM 1181 O O   . HOH E 4 .   ? -4.247  -10.529 -6.152  1.00 36.90 ? 3231 HOH A O   1 
HETATM 1182 O O   . HOH E 4 .   ? -18.609 -3.726  3.268   1.00 28.78 ? 3232 HOH A O   1 
HETATM 1183 O O   . HOH E 4 .   ? 12.281  10.118  3.077   1.00 32.77 ? 3233 HOH A O   1 
HETATM 1184 O O   . HOH E 4 .   ? 0.571   14.269  0.098   1.00 18.09 ? 3234 HOH A O   1 
HETATM 1185 O O   . HOH E 4 .   ? 3.804   11.265  -2.608  1.00 24.43 ? 3235 HOH A O   1 
HETATM 1186 O O   . HOH E 4 .   ? -10.576 0.578   -16.105 1.00 54.67 ? 3236 HOH A O   1 
HETATM 1187 O O   . HOH E 4 .   ? -4.537  9.424   10.835  1.00 17.89 ? 3237 HOH A O   1 
HETATM 1188 O O   . HOH E 4 .   ? 1.711   -9.926  -3.613  1.00 26.73 ? 3238 HOH A O   1 
HETATM 1189 O O   . HOH E 4 .   ? 9.987   3.691   -9.949  1.00 26.44 ? 3239 HOH A O   1 
HETATM 1190 O O   . HOH E 4 .   ? -3.413  10.848  8.629   1.00 15.60 ? 3240 HOH A O   1 
HETATM 1191 O O   . HOH E 4 .   ? -5.271  -5.733  4.189   1.00 23.64 ? 3241 HOH A O   1 
HETATM 1192 O O   . HOH E 4 .   ? -11.478 -4.991  -15.659 1.00 37.76 ? 3242 HOH A O   1 
HETATM 1193 O O   . HOH E 4 .   ? 13.665  6.615   4.598   1.00 18.95 ? 3243 HOH A O   1 
HETATM 1194 O O   . HOH E 4 .   ? 8.563   12.028  -2.114  1.00 36.90 ? 3244 HOH A O   1 
HETATM 1195 O O   . HOH E 4 .   ? -11.172 6.880   1.376   1.00 37.29 ? 3245 HOH A O   1 
HETATM 1196 O O   . HOH E 4 .   ? -5.084  -11.941 -8.152  1.00 42.49 ? 3246 HOH A O   1 
HETATM 1197 O O   . HOH E 4 .   ? 10.484  10.222  -0.868  1.00 21.75 ? 3247 HOH A O   1 
HETATM 1198 O O   . HOH E 4 .   ? 7.344   17.249  7.359   1.00 21.48 ? 3248 HOH A O   1 
HETATM 1199 O O   . HOH E 4 .   ? 1.172   0.298   -14.908 1.00 17.29 ? 3249 HOH A O   1 
HETATM 1200 O O   . HOH E 4 .   ? -14.551 -5.081  5.098   1.00 29.16 ? 3250 HOH A O   1 
HETATM 1201 O O   . HOH E 4 .   ? -17.337 -3.370  -14.912 1.00 24.57 ? 3251 HOH A O   1 
HETATM 1202 O O   . HOH E 4 .   ? -1.274  -10.469 -0.589  1.00 26.24 ? 3252 HOH A O   1 
HETATM 1203 O O   . HOH E 4 .   ? -23.279 8.032   -7.696  1.00 36.28 ? 3253 HOH A O   1 
HETATM 1204 O O   . HOH E 4 .   ? -7.893  -5.666  5.471   1.00 28.57 ? 3254 HOH A O   1 
# 
